data_4IH3
#
_entry.id   4IH3
#
_cell.length_a   88.368
_cell.length_b   100.655
_cell.length_c   233.117
_cell.angle_alpha   90.000
_cell.angle_beta   90.000
_cell.angle_gamma   90.000
#
_symmetry.space_group_name_H-M   'P 21 21 21'
#
loop_
_entity.id
_entity.type
_entity.pdbx_description
1 polymer '2-amino-3-carboxymuconate-6-semialdehyde decarboxylase'
2 non-polymer 'ZINC ION'
3 non-polymer 'PYRIDINE-2,6-DICARBOXYLIC ACID'
4 water water
#
_entity_poly.entity_id   1
_entity_poly.type   'polypeptide(L)'
_entity_poly.pdbx_seq_one_letter_code
;MKIDIHSHILPKEWPDLKKRFGYGGWVQLQHHSKGEAKLLKDGKVFRVVRENCWDPEVRIREMDQKGVTVQALSTVPVMF
SYWAKPEDTLNLCQLLNNDLASTVVSYPRRFVGLGTLPMQAPELAVKEMERCVKELGFPGVQIGTHVNEWDLNAQELFPV
YAAAERLKCSLFVHPWDMQMDGRMAKYWLPWLVGMPAETTIAICSMIMGGVFEKFPKLKVCFAHGGGAFPFTVGRISHGF
SMRPDLCAQDNPMNPKKYLGSFYTDALVHDPLSLKLLTDVIGKDKVILGTDYPFPLGELEPGKLIESMEEFDEETKNKLK
AGNALAFLGLER
;
_entity_poly.pdbx_strand_id   A,B,C,D,E,F
#
loop_
_chem_comp.id
_chem_comp.type
_chem_comp.name
_chem_comp.formula
PDC non-polymer 'PYRIDINE-2,6-DICARBOXYLIC ACID' 'C7 H5 N O4'
ZN non-polymer 'ZINC ION' 'Zn 2'
#
# COMPACT_ATOMS: atom_id res chain seq x y z
N MET A 1 -25.60 10.29 -18.44
CA MET A 1 -24.47 9.94 -19.27
C MET A 1 -23.67 11.19 -19.64
N LYS A 2 -23.95 12.29 -18.97
CA LYS A 2 -23.09 13.47 -19.08
C LYS A 2 -22.61 13.89 -17.69
N ILE A 3 -23.38 14.73 -17.00
CA ILE A 3 -22.94 15.28 -15.73
C ILE A 3 -23.57 14.60 -14.52
N ASP A 4 -22.77 14.35 -13.49
CA ASP A 4 -23.25 13.69 -12.27
C ASP A 4 -23.15 14.65 -11.07
N ILE A 5 -24.29 15.10 -10.53
CA ILE A 5 -24.27 16.12 -9.49
C ILE A 5 -24.11 15.54 -8.09
N HIS A 6 -24.35 14.24 -7.97
CA HIS A 6 -24.40 13.59 -6.69
C HIS A 6 -23.36 12.48 -6.60
N SER A 7 -22.15 12.81 -6.14
CA SER A 7 -21.14 11.79 -5.91
C SER A 7 -20.23 12.15 -4.74
N HIS A 8 -19.63 11.13 -4.14
CA HIS A 8 -18.92 11.29 -2.89
C HIS A 8 -17.52 10.74 -3.00
N ILE A 9 -16.56 11.51 -2.50
CA ILE A 9 -15.17 11.12 -2.49
C ILE A 9 -14.56 11.39 -1.12
N LEU A 10 -13.42 10.76 -0.85
CA LEU A 10 -12.75 10.87 0.44
C LEU A 10 -11.26 10.93 0.18
N PRO A 11 -10.52 11.73 0.98
CA PRO A 11 -9.06 11.63 0.87
C PRO A 11 -8.59 10.18 1.07
N LYS A 12 -7.50 9.80 0.42
CA LYS A 12 -6.98 8.45 0.56
C LYS A 12 -6.68 8.19 2.03
N GLU A 13 -6.32 9.25 2.74
CA GLU A 13 -5.94 9.16 4.14
C GLU A 13 -6.02 10.55 4.80
N TRP A 14 -6.23 10.56 6.10
CA TRP A 14 -6.15 11.79 6.89
C TRP A 14 -5.69 11.51 8.31
N PRO A 15 -5.33 12.59 9.03
CA PRO A 15 -4.69 12.45 10.35
C PRO A 15 -5.66 11.91 11.39
N ASP A 16 -5.08 11.41 12.47
CA ASP A 16 -5.83 10.85 13.58
C ASP A 16 -6.72 11.90 14.27
N LEU A 17 -7.91 12.14 13.73
CA LEU A 17 -8.72 13.25 14.22
C LEU A 17 -8.85 13.32 15.75
N LYS A 18 -8.93 12.17 16.41
CA LYS A 18 -8.90 12.14 17.87
C LYS A 18 -7.61 12.77 18.39
N LYS A 19 -6.46 12.25 17.97
CA LYS A 19 -5.18 12.83 18.37
C LYS A 19 -5.22 14.33 18.15
N ARG A 20 -5.68 14.73 16.97
CA ARG A 20 -5.52 16.10 16.54
C ARG A 20 -6.31 17.09 17.38
N PHE A 21 -7.56 16.76 17.68
CA PHE A 21 -8.47 17.70 18.34
C PHE A 21 -8.65 17.52 19.86
N GLY A 22 -8.36 16.31 20.35
CA GLY A 22 -8.39 16.05 21.77
C GLY A 22 -9.58 15.26 22.28
N TYR A 23 -10.61 15.11 21.45
CA TYR A 23 -11.77 14.30 21.80
C TYR A 23 -12.11 13.32 20.69
N GLY A 24 -13.01 12.40 20.99
CA GLY A 24 -13.32 11.32 20.09
C GLY A 24 -14.55 11.59 19.24
N GLY A 25 -15.03 10.55 18.56
CA GLY A 25 -16.27 10.66 17.81
C GLY A 25 -16.06 11.01 16.35
N TRP A 26 -14.81 11.03 15.91
CA TRP A 26 -14.52 11.33 14.52
C TRP A 26 -14.46 10.04 13.70
N VAL A 27 -14.32 10.14 12.39
CA VAL A 27 -14.14 8.95 11.56
C VAL A 27 -12.75 8.85 10.94
N GLN A 28 -12.23 7.63 10.88
CA GLN A 28 -10.92 7.37 10.30
C GLN A 28 -11.06 6.33 9.22
N LEU A 29 -10.12 6.29 8.29
CA LEU A 29 -10.16 5.34 7.20
C LEU A 29 -9.05 4.30 7.35
N GLN A 30 -9.45 3.05 7.60
CA GLN A 30 -8.50 1.94 7.68
C GLN A 30 -8.37 1.21 6.34
N HIS A 31 -7.14 1.19 5.80
CA HIS A 31 -6.84 0.33 4.66
C HIS A 31 -6.21 -0.95 5.18
N HIS A 32 -7.02 -2.01 5.29
CA HIS A 32 -6.54 -3.29 5.81
C HIS A 32 -6.14 -4.30 4.70
N SER A 33 -7.12 -4.70 3.89
CA SER A 33 -6.87 -5.58 2.74
C SER A 33 -6.84 -4.72 1.49
N LYS A 34 -6.38 -5.28 0.38
CA LYS A 34 -6.22 -4.48 -0.84
C LYS A 34 -7.52 -4.31 -1.61
N GLY A 35 -7.75 -3.08 -2.08
CA GLY A 35 -8.98 -2.77 -2.79
C GLY A 35 -10.09 -2.24 -1.90
N GLU A 36 -10.05 -2.57 -0.61
CA GLU A 36 -11.08 -2.17 0.35
C GLU A 36 -10.53 -1.26 1.44
N ALA A 37 -11.42 -0.45 2.02
CA ALA A 37 -11.04 0.43 3.13
C ALA A 37 -12.19 0.52 4.12
N LYS A 38 -11.88 0.44 5.40
CA LYS A 38 -12.93 0.47 6.41
C LYS A 38 -13.05 1.85 7.03
N LEU A 39 -14.25 2.41 6.94
CA LEU A 39 -14.55 3.63 7.68
C LEU A 39 -14.93 3.29 9.13
N LEU A 40 -14.26 3.91 10.09
CA LEU A 40 -14.51 3.68 11.51
C LEU A 40 -15.09 4.91 12.18
N LYS A 41 -16.24 4.77 12.82
CA LYS A 41 -16.65 5.76 13.81
C LYS A 41 -16.39 5.22 15.24
N ASP A 42 -15.24 5.60 15.82
CA ASP A 42 -14.76 5.09 17.12
C ASP A 42 -15.38 3.71 17.46
N GLY A 43 -14.62 2.65 17.17
CA GLY A 43 -15.05 1.31 17.52
C GLY A 43 -15.51 0.48 16.33
N LYS A 44 -16.65 0.84 15.76
CA LYS A 44 -17.28 0.00 14.73
C LYS A 44 -16.91 0.39 13.30
N VAL A 45 -16.72 -0.64 12.47
CA VAL A 45 -16.64 -0.47 11.03
C VAL A 45 -18.06 -0.19 10.57
N PHE A 46 -18.31 1.05 10.17
CA PHE A 46 -19.69 1.44 9.88
C PHE A 46 -20.01 1.38 8.37
N ARG A 47 -18.97 1.29 7.55
CA ARG A 47 -19.15 1.07 6.12
C ARG A 47 -17.85 0.65 5.48
N VAL A 48 -17.94 -0.24 4.49
CA VAL A 48 -16.77 -0.69 3.75
C VAL A 48 -16.82 -0.17 2.32
N VAL A 49 -15.70 0.41 1.86
CA VAL A 49 -15.66 1.12 0.60
C VAL A 49 -14.50 0.70 -0.32
N ARG A 50 -14.68 0.87 -1.62
CA ARG A 50 -13.66 0.44 -2.55
C ARG A 50 -12.79 1.61 -3.01
N GLU A 51 -11.77 1.31 -3.82
CA GLU A 51 -10.80 2.30 -4.24
C GLU A 51 -11.44 3.49 -4.96
N ASN A 52 -12.51 3.23 -5.72
CA ASN A 52 -13.13 4.29 -6.48
C ASN A 52 -13.58 5.48 -5.61
N CYS A 53 -13.64 5.23 -4.31
CA CYS A 53 -14.07 6.22 -3.34
C CYS A 53 -13.00 7.25 -2.95
N TRP A 54 -11.73 7.02 -3.32
CA TRP A 54 -10.61 7.89 -2.92
C TRP A 54 -9.61 8.12 -4.03
N ASP A 55 -9.64 7.27 -5.04
CA ASP A 55 -8.68 7.30 -6.14
C ASP A 55 -9.26 7.82 -7.46
N PRO A 56 -8.90 9.06 -7.84
CA PRO A 56 -9.52 9.72 -8.99
C PRO A 56 -9.32 8.96 -10.32
N GLU A 57 -8.13 8.42 -10.55
CA GLU A 57 -7.89 7.72 -11.81
C GLU A 57 -8.88 6.57 -11.94
N VAL A 58 -9.05 5.80 -10.87
CA VAL A 58 -10.07 4.76 -10.84
C VAL A 58 -11.45 5.34 -11.21
N ARG A 59 -11.77 6.52 -10.68
CA ARG A 59 -13.03 7.18 -11.01
C ARG A 59 -13.14 7.60 -12.48
N ILE A 60 -12.08 8.21 -13.02
CA ILE A 60 -12.10 8.57 -14.43
C ILE A 60 -12.37 7.32 -15.26
N ARG A 61 -11.75 6.22 -14.87
CA ARG A 61 -11.94 4.95 -15.57
C ARG A 61 -13.41 4.45 -15.53
N GLU A 62 -14.02 4.43 -14.35
CA GLU A 62 -15.41 4.04 -14.29
C GLU A 62 -16.27 5.06 -15.02
N MET A 63 -15.95 6.33 -14.87
CA MET A 63 -16.63 7.39 -15.62
C MET A 63 -16.59 7.13 -17.14
N ASP A 64 -15.38 6.87 -17.68
CA ASP A 64 -15.21 6.60 -19.10
C ASP A 64 -16.11 5.46 -19.60
N GLN A 65 -16.14 4.34 -18.87
CA GLN A 65 -17.02 3.21 -19.15
C GLN A 65 -18.50 3.57 -19.15
N LYS A 66 -18.93 4.36 -18.18
CA LYS A 66 -20.34 4.70 -18.02
C LYS A 66 -20.74 5.94 -18.84
N GLY A 67 -19.81 6.44 -19.64
CA GLY A 67 -20.05 7.63 -20.45
C GLY A 67 -20.16 8.95 -19.69
N VAL A 68 -19.82 8.96 -18.40
CA VAL A 68 -19.98 10.17 -17.60
C VAL A 68 -18.83 11.21 -17.81
N THR A 69 -19.21 12.40 -18.28
CA THR A 69 -18.25 13.46 -18.59
C THR A 69 -17.62 14.09 -17.33
N VAL A 70 -18.44 14.60 -16.42
CA VAL A 70 -17.90 15.11 -15.15
C VAL A 70 -18.74 14.74 -13.93
N GLN A 71 -18.06 14.37 -12.83
CA GLN A 71 -18.70 14.20 -11.52
C GLN A 71 -18.46 15.48 -10.72
N ALA A 72 -19.49 15.88 -9.96
CA ALA A 72 -19.30 16.88 -8.91
C ALA A 72 -18.95 16.19 -7.60
N LEU A 73 -17.74 16.39 -7.15
CA LEU A 73 -17.25 15.71 -5.96
C LEU A 73 -17.71 16.40 -4.69
N SER A 74 -18.36 15.65 -3.81
CA SER A 74 -18.55 16.13 -2.45
C SER A 74 -18.07 15.07 -1.45
N THR A 75 -17.87 15.46 -0.19
CA THR A 75 -17.45 14.50 0.84
C THR A 75 -18.59 13.59 1.26
N VAL A 76 -18.26 12.48 1.92
CA VAL A 76 -19.27 11.58 2.44
C VAL A 76 -19.94 12.35 3.59
N PRO A 77 -21.28 12.27 3.70
CA PRO A 77 -22.04 13.11 4.62
C PRO A 77 -21.64 12.93 6.08
N VAL A 78 -21.24 11.72 6.45
CA VAL A 78 -20.75 11.45 7.80
C VAL A 78 -19.52 12.31 8.20
N MET A 79 -18.89 12.96 7.23
CA MET A 79 -17.73 13.82 7.50
C MET A 79 -18.15 15.26 7.85
N PHE A 80 -19.43 15.57 7.69
CA PHE A 80 -19.95 16.89 8.04
C PHE A 80 -19.46 17.36 9.42
N SER A 81 -19.51 16.49 10.41
CA SER A 81 -19.00 16.81 11.75
C SER A 81 -19.63 18.06 12.39
N TYR A 82 -20.90 18.32 12.07
CA TYR A 82 -21.61 19.52 12.50
C TYR A 82 -21.68 19.67 14.01
N TRP A 83 -21.49 18.56 14.70
CA TRP A 83 -21.55 18.50 16.13
C TRP A 83 -20.31 19.09 16.83
N ALA A 84 -19.11 18.82 16.33
CA ALA A 84 -17.87 19.19 17.04
C ALA A 84 -17.71 20.70 17.31
N LYS A 85 -16.66 21.06 18.04
CA LYS A 85 -16.28 22.46 18.21
C LYS A 85 -16.11 23.14 16.86
N PRO A 86 -16.78 24.28 16.67
CA PRO A 86 -16.72 25.00 15.39
C PRO A 86 -15.30 25.10 14.78
N GLU A 87 -14.29 25.47 15.55
CA GLU A 87 -12.95 25.62 14.96
C GLU A 87 -12.31 24.27 14.60
N ASP A 88 -12.75 23.19 15.23
CA ASP A 88 -12.29 21.87 14.84
C ASP A 88 -12.99 21.41 13.56
N THR A 89 -14.31 21.55 13.51
CA THR A 89 -15.03 21.26 12.28
C THR A 89 -14.47 22.10 11.14
N LEU A 90 -14.11 23.36 11.41
CA LEU A 90 -13.64 24.21 10.34
C LEU A 90 -12.28 23.74 9.85
N ASN A 91 -11.47 23.21 10.76
CA ASN A 91 -10.16 22.68 10.41
C ASN A 91 -10.30 21.46 9.49
N LEU A 92 -11.23 20.58 9.84
CA LEU A 92 -11.56 19.45 8.97
C LEU A 92 -11.98 19.95 7.59
N CYS A 93 -12.85 20.95 7.54
CA CYS A 93 -13.44 21.38 6.27
C CYS A 93 -12.39 21.93 5.33
N GLN A 94 -11.43 22.65 5.88
CA GLN A 94 -10.34 23.22 5.11
C GLN A 94 -9.45 22.11 4.52
N LEU A 95 -9.28 21.05 5.29
CA LEU A 95 -8.52 19.89 4.88
C LEU A 95 -9.26 19.06 3.81
N LEU A 96 -10.58 18.92 3.94
CA LEU A 96 -11.36 18.15 2.99
C LEU A 96 -11.60 19.00 1.76
N ASN A 97 -11.68 20.29 1.97
CA ASN A 97 -11.85 21.19 0.83
C ASN A 97 -10.58 21.31 -0.01
N ASN A 98 -9.42 21.28 0.66
CA ASN A 98 -8.13 21.30 -0.02
C ASN A 98 -7.92 20.03 -0.82
N ASP A 99 -8.28 18.89 -0.23
CA ASP A 99 -8.13 17.60 -0.90
C ASP A 99 -9.05 17.56 -2.11
N LEU A 100 -10.27 18.05 -1.93
CA LEU A 100 -11.20 18.25 -3.04
C LEU A 100 -10.59 19.14 -4.13
N ALA A 101 -10.07 20.30 -3.76
CA ALA A 101 -9.43 21.17 -4.75
C ALA A 101 -8.25 20.48 -5.49
N SER A 102 -7.43 19.71 -4.77
CA SER A 102 -6.37 18.93 -5.41
C SER A 102 -6.88 17.97 -6.49
N THR A 103 -7.98 17.28 -6.22
CA THR A 103 -8.51 16.33 -7.18
C THR A 103 -9.03 17.04 -8.43
N VAL A 104 -9.78 18.13 -8.24
CA VAL A 104 -10.26 18.92 -9.37
C VAL A 104 -9.13 19.53 -10.24
N VAL A 105 -8.19 20.25 -9.63
CA VAL A 105 -7.13 20.89 -10.39
C VAL A 105 -6.45 19.87 -11.32
N SER A 106 -6.47 18.60 -10.94
CA SER A 106 -5.84 17.55 -11.74
C SER A 106 -6.68 17.02 -12.92
N TYR A 107 -7.97 17.29 -12.94
CA TYR A 107 -8.82 16.84 -14.04
C TYR A 107 -10.00 17.78 -14.09
N PRO A 108 -9.72 19.06 -14.33
CA PRO A 108 -10.67 20.17 -14.28
C PRO A 108 -11.77 20.07 -15.31
N ARG A 109 -11.58 19.20 -16.31
CA ARG A 109 -12.57 18.91 -17.35
C ARG A 109 -13.41 17.70 -16.96
N ARG A 110 -12.99 17.01 -15.90
CA ARG A 110 -13.75 15.86 -15.38
C ARG A 110 -14.40 16.10 -14.00
N PHE A 111 -13.90 17.08 -13.24
CA PHE A 111 -14.45 17.32 -11.91
C PHE A 111 -14.68 18.79 -11.61
N VAL A 112 -15.67 19.02 -10.74
CA VAL A 112 -15.83 20.29 -10.06
C VAL A 112 -16.10 19.93 -8.60
N GLY A 113 -15.95 20.91 -7.69
CA GLY A 113 -15.98 20.60 -6.28
C GLY A 113 -17.16 21.23 -5.59
N LEU A 114 -17.71 20.51 -4.62
CA LEU A 114 -18.76 21.03 -3.77
C LEU A 114 -18.27 20.90 -2.36
N GLY A 115 -17.86 22.01 -1.77
CA GLY A 115 -17.25 22.00 -0.45
C GLY A 115 -18.20 21.71 0.71
N THR A 116 -17.61 21.44 1.88
CA THR A 116 -18.36 21.34 3.11
C THR A 116 -18.02 22.56 3.99
N LEU A 117 -18.89 22.90 4.95
CA LEU A 117 -18.72 24.09 5.79
C LEU A 117 -18.91 23.73 7.26
N PRO A 118 -18.36 24.53 8.19
CA PRO A 118 -18.71 24.25 9.59
C PRO A 118 -20.04 24.92 9.99
N MET A 119 -21.16 24.33 9.57
CA MET A 119 -22.49 24.97 9.63
C MET A 119 -22.98 25.34 11.02
N GLN A 120 -22.54 24.63 12.06
CA GLN A 120 -22.89 24.99 13.44
C GLN A 120 -22.31 26.36 13.85
N ALA A 121 -21.33 26.85 13.08
CA ALA A 121 -20.74 28.16 13.33
C ALA A 121 -20.87 29.12 12.14
N PRO A 122 -22.09 29.65 11.92
CA PRO A 122 -22.46 30.42 10.72
C PRO A 122 -21.41 31.43 10.22
N GLU A 123 -20.68 32.06 11.14
CA GLU A 123 -19.65 33.04 10.76
C GLU A 123 -18.42 32.32 10.19
N LEU A 124 -18.03 31.21 10.82
CA LEU A 124 -16.95 30.39 10.31
C LEU A 124 -17.34 29.78 8.95
N ALA A 125 -18.59 29.31 8.85
CA ALA A 125 -19.08 28.76 7.59
C ALA A 125 -18.96 29.78 6.44
N VAL A 126 -19.37 31.02 6.70
CA VAL A 126 -19.38 32.04 5.65
C VAL A 126 -17.99 32.40 5.18
N LYS A 127 -17.00 32.17 6.02
CA LYS A 127 -15.61 32.50 5.71
C LYS A 127 -15.01 31.42 4.79
N GLU A 128 -15.36 30.17 5.07
CA GLU A 128 -14.89 29.04 4.28
C GLU A 128 -15.56 29.03 2.90
N MET A 129 -16.80 29.52 2.84
CA MET A 129 -17.50 29.64 1.56
C MET A 129 -16.87 30.68 0.64
N GLU A 130 -16.39 31.79 1.23
CA GLU A 130 -15.59 32.78 0.48
C GLU A 130 -14.32 32.12 0.00
N ARG A 131 -13.60 31.51 0.93
CA ARG A 131 -12.36 30.86 0.58
C ARG A 131 -12.60 29.81 -0.47
N CYS A 132 -13.68 29.05 -0.32
CA CYS A 132 -14.04 27.97 -1.25
C CYS A 132 -14.38 28.51 -2.62
N VAL A 133 -14.92 29.73 -2.68
CA VAL A 133 -15.30 30.28 -3.96
C VAL A 133 -14.19 31.10 -4.63
N LYS A 134 -13.57 32.01 -3.87
CA LYS A 134 -12.52 32.88 -4.40
C LYS A 134 -11.18 32.15 -4.53
N GLU A 135 -10.79 31.43 -3.47
CA GLU A 135 -9.56 30.66 -3.50
C GLU A 135 -9.67 29.37 -4.34
N LEU A 136 -10.55 28.45 -3.93
CA LEU A 136 -10.61 27.13 -4.56
C LEU A 136 -11.41 27.09 -5.87
N GLY A 137 -12.26 28.08 -6.07
CA GLY A 137 -13.07 28.16 -7.28
C GLY A 137 -14.20 27.14 -7.39
N PHE A 138 -14.76 26.75 -6.25
CA PHE A 138 -15.92 25.85 -6.21
C PHE A 138 -17.17 26.59 -6.65
N PRO A 139 -17.98 25.94 -7.50
CA PRO A 139 -19.30 26.44 -7.87
C PRO A 139 -20.29 26.50 -6.70
N GLY A 140 -20.17 25.58 -5.74
CA GLY A 140 -21.07 25.54 -4.59
C GLY A 140 -20.53 24.65 -3.47
N VAL A 141 -21.38 24.37 -2.48
CA VAL A 141 -21.04 23.56 -1.32
C VAL A 141 -22.17 22.54 -1.07
N GLN A 142 -21.86 21.43 -0.41
CA GLN A 142 -22.88 20.47 -0.03
C GLN A 142 -23.12 20.59 1.46
N ILE A 143 -24.40 20.58 1.85
CA ILE A 143 -24.76 20.78 3.25
C ILE A 143 -25.76 19.74 3.75
N GLY A 144 -25.74 19.47 5.05
CA GLY A 144 -26.71 18.58 5.65
C GLY A 144 -28.15 19.08 5.62
N THR A 145 -29.11 18.18 5.82
CA THR A 145 -30.54 18.55 5.85
C THR A 145 -30.90 19.28 7.12
N HIS A 146 -30.03 19.17 8.13
CA HIS A 146 -30.21 19.84 9.41
C HIS A 146 -28.87 19.93 10.14
N VAL A 147 -28.70 20.98 10.92
CA VAL A 147 -27.50 21.20 11.71
C VAL A 147 -27.79 21.06 13.21
N ASN A 148 -27.72 19.82 13.71
CA ASN A 148 -28.01 19.53 15.11
C ASN A 148 -29.49 19.68 15.49
N GLU A 149 -29.85 20.88 15.92
CA GLU A 149 -31.24 21.14 16.27
C GLU A 149 -31.86 22.12 15.27
N TRP A 150 -31.01 22.81 14.51
CA TRP A 150 -31.49 23.75 13.52
C TRP A 150 -31.90 23.03 12.23
N ASP A 151 -33.09 23.37 11.74
CA ASP A 151 -33.51 22.94 10.41
C ASP A 151 -33.23 24.11 9.47
N LEU A 152 -33.26 23.86 8.16
CA LEU A 152 -32.89 24.89 7.22
C LEU A 152 -33.79 26.14 7.28
N ASN A 153 -34.48 26.34 8.40
CA ASN A 153 -35.30 27.54 8.61
C ASN A 153 -34.64 28.53 9.55
N ALA A 154 -33.97 28.02 10.57
CA ALA A 154 -33.36 28.83 11.62
C ALA A 154 -32.73 30.09 11.05
N GLN A 155 -33.05 31.24 11.65
CA GLN A 155 -32.55 32.50 11.16
C GLN A 155 -31.02 32.59 11.34
N GLU A 156 -30.51 31.81 12.28
CA GLU A 156 -29.07 31.72 12.51
C GLU A 156 -28.30 31.35 11.23
N LEU A 157 -28.92 30.51 10.42
CA LEU A 157 -28.33 30.04 9.17
C LEU A 157 -28.54 31.04 8.04
N PHE A 158 -29.08 32.20 8.38
CA PHE A 158 -29.36 33.23 7.38
C PHE A 158 -28.11 33.97 6.87
N PRO A 159 -27.14 34.22 7.75
CA PRO A 159 -25.87 34.75 7.25
C PRO A 159 -25.22 33.86 6.17
N VAL A 160 -25.45 32.56 6.23
CA VAL A 160 -24.88 31.65 5.23
C VAL A 160 -25.53 31.79 3.84
N TYR A 161 -26.85 31.91 3.81
CA TYR A 161 -27.59 32.03 2.56
C TYR A 161 -27.32 33.37 1.93
N ALA A 162 -27.34 34.42 2.75
CA ALA A 162 -27.03 35.74 2.24
C ALA A 162 -25.66 35.68 1.57
N ALA A 163 -24.71 35.02 2.22
CA ALA A 163 -23.39 34.79 1.64
C ALA A 163 -23.46 34.05 0.31
N ALA A 164 -24.19 32.93 0.30
CA ALA A 164 -24.23 32.05 -0.87
C ALA A 164 -24.80 32.77 -2.07
N GLU A 165 -25.78 33.62 -1.83
CA GLU A 165 -26.47 34.38 -2.86
C GLU A 165 -25.54 35.46 -3.41
N ARG A 166 -24.84 36.16 -2.52
CA ARG A 166 -23.88 37.16 -2.95
C ARG A 166 -22.75 36.52 -3.73
N LEU A 167 -22.20 35.44 -3.18
CA LEU A 167 -21.09 34.72 -3.81
C LEU A 167 -21.49 33.87 -5.02
N LYS A 168 -22.77 33.93 -5.41
CA LYS A 168 -23.28 33.10 -6.50
C LYS A 168 -22.88 31.63 -6.32
N CYS A 169 -23.02 31.14 -5.09
CA CYS A 169 -22.65 29.78 -4.72
C CYS A 169 -23.90 28.89 -4.58
N SER A 170 -23.92 27.79 -5.32
CA SER A 170 -25.03 26.84 -5.28
C SER A 170 -25.05 26.05 -3.98
N LEU A 171 -26.19 25.46 -3.66
CA LEU A 171 -26.34 24.63 -2.47
C LEU A 171 -26.96 23.26 -2.78
N PHE A 172 -26.20 22.20 -2.56
CA PHE A 172 -26.71 20.84 -2.65
C PHE A 172 -26.96 20.31 -1.24
N VAL A 173 -28.24 20.16 -0.88
CA VAL A 173 -28.64 19.68 0.44
C VAL A 173 -28.75 18.15 0.46
N HIS A 174 -28.05 17.51 1.40
CA HIS A 174 -28.01 16.05 1.49
C HIS A 174 -28.61 15.61 2.80
N PRO A 175 -29.54 14.64 2.78
CA PRO A 175 -29.98 14.10 4.07
C PRO A 175 -28.80 13.44 4.78
N TRP A 176 -28.75 13.54 6.10
CA TRP A 176 -27.71 12.88 6.88
C TRP A 176 -28.15 12.83 8.34
N ASP A 177 -27.52 11.95 9.12
CA ASP A 177 -27.75 11.95 10.55
C ASP A 177 -29.22 11.63 10.88
N MET A 178 -29.80 10.70 10.12
CA MET A 178 -31.15 10.24 10.38
C MET A 178 -31.19 9.72 11.80
N GLN A 179 -32.32 9.16 12.18
CA GLN A 179 -32.41 8.39 13.41
C GLN A 179 -31.99 6.98 13.05
N MET A 180 -31.08 6.40 13.82
CA MET A 180 -30.52 5.11 13.47
C MET A 180 -30.91 4.01 14.46
N ASP A 181 -31.66 4.40 15.48
CA ASP A 181 -31.95 3.50 16.60
C ASP A 181 -33.43 3.13 16.78
N GLY A 182 -33.66 2.01 17.45
CA GLY A 182 -34.99 1.58 17.85
C GLY A 182 -35.77 0.88 16.76
N ARG A 183 -36.66 1.63 16.13
CA ARG A 183 -37.55 1.11 15.12
C ARG A 183 -36.97 1.26 13.72
N MET A 184 -36.12 2.27 13.54
CA MET A 184 -35.43 2.41 12.27
C MET A 184 -34.27 1.41 12.24
N ALA A 185 -33.80 0.99 13.41
CA ALA A 185 -32.71 0.01 13.48
C ALA A 185 -33.10 -1.35 12.90
N LYS A 186 -33.62 -1.37 11.68
CA LYS A 186 -34.02 -2.61 11.03
C LYS A 186 -34.38 -2.39 9.57
N TYR A 187 -34.25 -3.43 8.76
CA TYR A 187 -34.68 -3.37 7.35
C TYR A 187 -34.06 -2.20 6.53
N TRP A 188 -32.96 -1.65 7.01
CA TRP A 188 -32.29 -0.52 6.33
C TRP A 188 -33.17 0.77 6.23
N LEU A 189 -34.19 0.85 7.08
CA LEU A 189 -35.17 1.95 7.09
C LEU A 189 -34.55 3.35 7.20
N PRO A 190 -33.48 3.47 7.99
CA PRO A 190 -32.82 4.77 8.09
C PRO A 190 -32.47 5.31 6.71
N TRP A 191 -32.26 4.40 5.76
CA TRP A 191 -31.86 4.76 4.40
C TRP A 191 -33.01 4.73 3.38
N LEU A 192 -33.84 3.71 3.40
CA LEU A 192 -34.95 3.66 2.44
C LEU A 192 -36.02 4.73 2.73
N VAL A 193 -36.22 5.07 4.01
CA VAL A 193 -37.31 5.96 4.42
C VAL A 193 -36.80 7.20 5.15
N GLY A 194 -36.07 6.95 6.24
CA GLY A 194 -35.49 8.01 7.05
C GLY A 194 -34.81 9.08 6.21
N MET A 195 -34.20 8.68 5.10
CA MET A 195 -33.50 9.66 4.27
C MET A 195 -34.44 10.56 3.48
N PRO A 196 -35.33 9.97 2.66
CA PRO A 196 -36.30 10.79 1.93
C PRO A 196 -37.06 11.74 2.84
N ALA A 197 -37.34 11.32 4.07
CA ALA A 197 -38.09 12.13 5.02
C ALA A 197 -37.29 13.32 5.54
N GLU A 198 -36.00 13.12 5.79
CA GLU A 198 -35.11 14.25 6.09
C GLU A 198 -35.12 15.29 4.99
N THR A 199 -35.21 14.83 3.75
CA THR A 199 -35.16 15.75 2.61
C THR A 199 -36.49 16.48 2.47
N THR A 200 -37.57 15.79 2.85
CA THR A 200 -38.90 16.36 2.83
C THR A 200 -38.97 17.41 3.93
N ILE A 201 -38.48 17.04 5.10
CA ILE A 201 -38.38 17.94 6.25
C ILE A 201 -37.58 19.22 5.96
N ALA A 202 -36.59 19.12 5.08
CA ALA A 202 -35.74 20.26 4.82
C ALA A 202 -36.38 21.13 3.75
N ILE A 203 -36.83 20.53 2.65
CA ILE A 203 -37.59 21.25 1.65
C ILE A 203 -38.75 22.05 2.29
N CYS A 204 -39.43 21.45 3.27
CA CYS A 204 -40.49 22.15 4.00
C CYS A 204 -39.89 23.28 4.84
N SER A 205 -38.85 22.96 5.59
CA SER A 205 -38.28 23.93 6.50
C SER A 205 -37.82 25.16 5.74
N MET A 206 -37.35 24.98 4.51
CA MET A 206 -36.87 26.11 3.71
C MET A 206 -38.02 26.99 3.20
N ILE A 207 -38.90 26.41 2.39
CA ILE A 207 -40.04 27.17 1.86
C ILE A 207 -40.82 27.97 2.92
N MET A 208 -41.35 27.28 3.93
CA MET A 208 -42.16 27.93 4.97
C MET A 208 -41.35 28.85 5.88
N GLY A 209 -40.03 28.66 5.91
CA GLY A 209 -39.17 29.50 6.72
C GLY A 209 -38.75 30.76 6.01
N GLY A 210 -39.17 30.87 4.74
CA GLY A 210 -39.01 32.07 3.95
C GLY A 210 -37.74 32.21 3.12
N VAL A 211 -36.84 31.24 3.22
CA VAL A 211 -35.51 31.33 2.63
C VAL A 211 -35.54 31.61 1.13
N PHE A 212 -36.34 30.86 0.39
CA PHE A 212 -36.40 31.07 -1.04
C PHE A 212 -37.01 32.45 -1.30
N GLU A 213 -37.80 32.92 -0.34
CA GLU A 213 -38.44 34.22 -0.43
C GLU A 213 -37.47 35.36 -0.07
N LYS A 214 -36.71 35.15 0.99
CA LYS A 214 -35.71 36.10 1.45
C LYS A 214 -34.50 36.16 0.52
N PHE A 215 -34.18 35.03 -0.14
CA PHE A 215 -33.03 34.98 -1.04
C PHE A 215 -33.41 34.39 -2.39
N PRO A 216 -34.26 35.10 -3.13
CA PRO A 216 -34.82 34.65 -4.41
C PRO A 216 -33.78 34.24 -5.42
N LYS A 217 -32.51 34.40 -5.08
CA LYS A 217 -31.44 34.02 -6.01
C LYS A 217 -30.54 32.89 -5.50
N LEU A 218 -30.75 32.48 -4.25
CA LEU A 218 -30.07 31.33 -3.67
C LEU A 218 -30.45 30.08 -4.45
N LYS A 219 -29.49 29.48 -5.16
CA LYS A 219 -29.79 28.28 -5.97
C LYS A 219 -29.60 27.00 -5.18
N VAL A 220 -30.68 26.27 -4.97
CA VAL A 220 -30.65 25.05 -4.17
C VAL A 220 -30.92 23.79 -5.00
N CYS A 221 -30.35 22.67 -4.54
CA CYS A 221 -30.65 21.36 -5.13
C CYS A 221 -30.73 20.34 -4.01
N PHE A 222 -31.82 19.57 -3.97
CA PHE A 222 -32.03 18.53 -2.96
C PHE A 222 -31.75 17.15 -3.53
N ALA A 223 -31.27 16.26 -2.66
CA ALA A 223 -30.94 14.90 -3.03
C ALA A 223 -32.20 14.02 -3.17
N HIS A 224 -32.01 12.86 -3.81
CA HIS A 224 -33.02 11.80 -3.91
C HIS A 224 -34.44 12.19 -4.36
N GLY A 225 -34.53 12.94 -5.45
CA GLY A 225 -35.80 13.27 -6.06
C GLY A 225 -36.61 14.14 -5.15
N GLY A 226 -35.94 14.74 -4.17
CA GLY A 226 -36.61 15.58 -3.21
C GLY A 226 -37.27 14.80 -2.11
N GLY A 227 -36.95 13.51 -1.99
CA GLY A 227 -37.54 12.68 -0.94
C GLY A 227 -38.97 12.27 -1.26
N ALA A 228 -39.90 12.50 -0.33
CA ALA A 228 -41.30 12.13 -0.56
C ALA A 228 -42.06 13.27 -1.24
N PHE A 229 -41.44 14.45 -1.20
CA PHE A 229 -42.04 15.72 -1.54
C PHE A 229 -42.88 15.77 -2.81
N PRO A 230 -42.32 15.34 -3.94
CA PRO A 230 -43.01 15.38 -5.23
C PRO A 230 -44.35 14.66 -5.21
N PHE A 231 -44.52 13.74 -4.27
CA PHE A 231 -45.76 13.00 -4.18
C PHE A 231 -46.70 13.55 -3.11
N THR A 232 -46.14 14.24 -2.13
CA THR A 232 -46.91 14.66 -0.99
C THR A 232 -47.01 16.18 -0.91
N VAL A 233 -46.55 16.87 -1.95
CA VAL A 233 -46.67 18.32 -1.96
C VAL A 233 -48.15 18.70 -1.94
N GLY A 234 -48.99 17.82 -2.49
CA GLY A 234 -50.43 18.03 -2.46
C GLY A 234 -51.01 18.10 -1.06
N ARG A 235 -50.72 17.07 -0.27
CA ARG A 235 -51.05 17.08 1.15
C ARG A 235 -50.48 18.34 1.79
N ILE A 236 -49.15 18.51 1.69
CA ILE A 236 -48.43 19.61 2.35
C ILE A 236 -49.02 20.99 2.03
N SER A 237 -49.21 21.29 0.74
CA SER A 237 -49.78 22.57 0.30
C SER A 237 -51.27 22.75 0.65
N HIS A 238 -51.88 21.68 1.14
CA HIS A 238 -53.26 21.74 1.57
C HIS A 238 -53.34 21.99 3.07
N GLY A 239 -52.51 21.27 3.83
CA GLY A 239 -52.41 21.50 5.27
C GLY A 239 -52.04 22.94 5.51
N PHE A 240 -51.27 23.51 4.57
CA PHE A 240 -50.83 24.90 4.63
C PHE A 240 -52.06 25.79 4.53
N SER A 241 -52.86 25.57 3.49
CA SER A 241 -54.11 26.30 3.32
C SER A 241 -55.09 26.11 4.48
N MET A 242 -55.04 24.96 5.15
CA MET A 242 -56.00 24.68 6.23
C MET A 242 -55.58 25.19 7.61
N ARG A 243 -54.29 25.43 7.83
CA ARG A 243 -53.86 25.97 9.11
C ARG A 243 -52.72 26.98 8.97
N PRO A 244 -53.03 28.19 8.48
CA PRO A 244 -52.07 29.30 8.44
C PRO A 244 -51.47 29.65 9.81
N ASP A 245 -52.11 29.22 10.90
CA ASP A 245 -51.57 29.47 12.23
C ASP A 245 -50.34 28.62 12.52
N LEU A 246 -50.39 27.34 12.11
CA LEU A 246 -49.27 26.43 12.31
C LEU A 246 -48.21 26.58 11.23
N CYS A 247 -48.66 26.93 10.02
CA CYS A 247 -47.84 26.81 8.83
C CYS A 247 -47.42 28.13 8.20
N ALA A 248 -48.34 29.08 8.11
CA ALA A 248 -48.07 30.33 7.41
C ALA A 248 -47.45 31.39 8.32
N GLN A 249 -46.93 30.95 9.46
CA GLN A 249 -46.31 31.84 10.44
C GLN A 249 -45.18 32.71 9.86
N ASP A 250 -44.26 32.10 9.10
CA ASP A 250 -43.04 32.80 8.67
C ASP A 250 -43.06 33.22 7.20
N ASN A 251 -43.82 32.52 6.39
CA ASN A 251 -43.87 32.82 4.97
C ASN A 251 -45.27 32.51 4.45
N PRO A 252 -45.99 33.54 3.97
CA PRO A 252 -47.43 33.46 3.65
C PRO A 252 -47.74 32.59 2.43
N MET A 253 -46.87 32.62 1.41
CA MET A 253 -47.08 31.88 0.17
C MET A 253 -47.24 30.37 0.35
N ASN A 254 -48.11 29.83 -0.49
CA ASN A 254 -48.33 28.41 -0.59
C ASN A 254 -47.09 27.71 -1.15
N PRO A 255 -46.70 26.58 -0.54
CA PRO A 255 -45.60 25.77 -1.06
C PRO A 255 -45.67 25.52 -2.57
N LYS A 256 -46.87 25.46 -3.11
CA LYS A 256 -47.07 25.14 -4.52
C LYS A 256 -46.36 26.15 -5.40
N LYS A 257 -46.07 27.31 -4.83
CA LYS A 257 -45.52 28.44 -5.58
C LYS A 257 -43.99 28.37 -5.76
N TYR A 258 -43.29 27.71 -4.84
CA TYR A 258 -41.84 27.57 -4.98
C TYR A 258 -41.46 26.43 -5.90
N LEU A 259 -42.46 25.73 -6.43
CA LEU A 259 -42.19 24.71 -7.43
C LEU A 259 -41.64 25.45 -8.62
N GLY A 260 -40.46 25.02 -9.05
CA GLY A 260 -39.76 25.73 -10.09
C GLY A 260 -38.72 26.66 -9.50
N SER A 261 -38.64 26.70 -8.17
CA SER A 261 -37.66 27.55 -7.48
C SER A 261 -36.35 26.82 -7.17
N PHE A 262 -36.42 25.50 -7.06
CA PHE A 262 -35.26 24.71 -6.71
C PHE A 262 -35.18 23.45 -7.58
N TYR A 263 -33.99 22.85 -7.56
CA TYR A 263 -33.74 21.63 -8.30
C TYR A 263 -33.76 20.47 -7.34
N THR A 264 -33.84 19.26 -7.88
CA THR A 264 -33.55 18.04 -7.14
C THR A 264 -32.69 17.21 -8.07
N ASP A 265 -32.07 16.15 -7.54
CA ASP A 265 -31.39 15.19 -8.41
C ASP A 265 -32.41 14.16 -8.87
N ALA A 266 -32.10 13.44 -9.93
CA ALA A 266 -33.04 12.48 -10.48
C ALA A 266 -32.89 11.07 -9.89
N LEU A 267 -32.31 10.93 -8.71
CA LEU A 267 -32.11 9.62 -8.11
C LEU A 267 -33.41 9.00 -7.52
N VAL A 268 -34.33 8.59 -8.39
CA VAL A 268 -35.58 7.96 -7.93
C VAL A 268 -35.80 6.53 -8.45
N HIS A 269 -34.87 6.04 -9.24
CA HIS A 269 -34.87 4.63 -9.68
C HIS A 269 -35.98 4.25 -10.67
N ASP A 270 -37.21 4.54 -10.33
CA ASP A 270 -38.32 4.12 -11.18
C ASP A 270 -38.73 5.21 -12.16
N PRO A 271 -39.08 4.78 -13.38
CA PRO A 271 -39.45 5.67 -14.47
C PRO A 271 -40.76 6.39 -14.19
N LEU A 272 -41.70 5.72 -13.51
CA LEU A 272 -42.94 6.39 -13.15
C LEU A 272 -42.66 7.52 -12.15
N SER A 273 -41.69 7.30 -11.28
CA SER A 273 -41.28 8.31 -10.31
C SER A 273 -40.55 9.49 -10.96
N LEU A 274 -39.76 9.23 -12.01
CA LEU A 274 -39.05 10.29 -12.70
C LEU A 274 -40.04 11.21 -13.43
N LYS A 275 -41.04 10.60 -14.06
CA LYS A 275 -42.04 11.36 -14.81
C LYS A 275 -42.72 12.36 -13.92
N LEU A 276 -43.08 11.92 -12.73
CA LEU A 276 -43.72 12.79 -11.76
C LEU A 276 -42.78 13.90 -11.29
N LEU A 277 -41.54 13.54 -10.96
CA LEU A 277 -40.55 14.51 -10.53
C LEU A 277 -40.46 15.66 -11.54
N THR A 278 -40.30 15.34 -12.83
CA THR A 278 -40.27 16.40 -13.85
C THR A 278 -41.64 17.07 -14.04
N ASP A 279 -42.71 16.28 -13.97
CA ASP A 279 -44.06 16.85 -13.95
C ASP A 279 -44.20 17.93 -12.90
N VAL A 280 -43.66 17.69 -11.71
CA VAL A 280 -43.96 18.56 -10.58
C VAL A 280 -42.90 19.61 -10.25
N ILE A 281 -41.68 19.41 -10.72
CA ILE A 281 -40.57 20.28 -10.37
C ILE A 281 -40.12 21.05 -11.62
N GLY A 282 -40.42 20.48 -12.78
CA GLY A 282 -40.05 21.12 -14.02
C GLY A 282 -39.02 20.29 -14.74
N LYS A 283 -39.16 20.17 -16.05
CA LYS A 283 -38.17 19.46 -16.83
C LYS A 283 -36.85 20.25 -16.85
N ASP A 284 -36.84 21.40 -16.18
CA ASP A 284 -35.69 22.30 -16.12
C ASP A 284 -34.97 22.30 -14.76
N LYS A 285 -35.59 21.68 -13.77
CA LYS A 285 -35.07 21.70 -12.40
C LYS A 285 -34.65 20.33 -11.87
N VAL A 286 -34.59 19.34 -12.74
CA VAL A 286 -34.19 17.99 -12.37
C VAL A 286 -32.78 17.74 -12.88
N ILE A 287 -31.91 17.16 -12.03
CA ILE A 287 -30.48 16.99 -12.35
C ILE A 287 -29.99 15.55 -12.12
N LEU A 288 -29.40 14.93 -13.14
CA LEU A 288 -28.78 13.60 -12.97
C LEU A 288 -27.85 13.52 -11.76
N GLY A 289 -28.01 12.46 -10.98
CA GLY A 289 -27.28 12.26 -9.75
C GLY A 289 -27.29 10.80 -9.35
N THR A 290 -26.11 10.29 -9.02
CA THR A 290 -25.86 8.86 -8.97
C THR A 290 -25.62 8.26 -7.58
N ASP A 291 -25.22 9.07 -6.61
CA ASP A 291 -24.79 8.55 -5.30
C ASP A 291 -23.58 7.65 -5.45
N TYR A 292 -22.86 7.88 -6.53
CA TYR A 292 -21.59 7.24 -6.79
C TYR A 292 -20.63 7.53 -5.65
N PRO A 293 -19.89 6.49 -5.21
CA PRO A 293 -20.01 5.13 -5.74
C PRO A 293 -20.83 4.24 -4.80
N PHE A 294 -21.85 4.77 -4.16
CA PHE A 294 -22.58 3.92 -3.24
C PHE A 294 -23.65 3.05 -3.91
N PRO A 295 -23.93 1.87 -3.35
CA PRO A 295 -24.84 0.89 -3.95
C PRO A 295 -26.30 1.35 -4.05
N LEU A 296 -26.78 2.08 -3.05
CA LEU A 296 -28.15 2.59 -3.07
C LEU A 296 -28.33 3.56 -4.23
N GLY A 297 -27.25 3.78 -4.98
CA GLY A 297 -27.24 4.71 -6.10
C GLY A 297 -27.64 4.10 -7.41
N GLU A 298 -27.71 4.91 -8.46
CA GLU A 298 -27.98 4.41 -9.80
C GLU A 298 -26.72 3.78 -10.41
N LEU A 299 -26.77 2.46 -10.61
CA LEU A 299 -25.62 1.70 -11.10
C LEU A 299 -25.23 2.04 -12.54
N GLU A 300 -26.21 2.27 -13.40
CA GLU A 300 -25.91 2.66 -14.77
C GLU A 300 -26.32 4.12 -15.04
N PRO A 301 -25.40 5.07 -14.82
CA PRO A 301 -25.63 6.52 -14.82
C PRO A 301 -26.35 7.06 -16.06
N GLY A 302 -27.59 7.52 -15.87
CA GLY A 302 -28.39 8.09 -16.95
C GLY A 302 -29.31 7.13 -17.69
N LYS A 303 -29.13 5.85 -17.44
CA LYS A 303 -29.95 4.80 -18.05
C LYS A 303 -31.44 5.08 -17.84
N LEU A 304 -31.85 5.30 -16.60
CA LEU A 304 -33.26 5.63 -16.32
C LEU A 304 -33.74 6.76 -17.21
N ILE A 305 -32.90 7.78 -17.42
CA ILE A 305 -33.30 8.94 -18.21
C ILE A 305 -33.36 8.70 -19.73
N GLU A 306 -32.50 7.84 -20.26
CA GLU A 306 -32.48 7.57 -21.71
C GLU A 306 -33.38 6.37 -22.06
N SER A 307 -34.17 5.95 -21.07
CA SER A 307 -35.18 4.93 -21.31
C SER A 307 -36.54 5.62 -21.40
N MET A 308 -36.68 6.77 -20.76
CA MET A 308 -37.94 7.49 -20.79
C MET A 308 -38.42 7.72 -22.22
N GLU A 309 -39.40 6.94 -22.64
CA GLU A 309 -39.95 7.07 -23.97
C GLU A 309 -40.74 8.36 -24.13
N GLU A 310 -41.17 8.95 -23.01
CA GLU A 310 -41.90 10.22 -22.99
C GLU A 310 -41.03 11.42 -23.41
N PHE A 311 -39.76 11.37 -23.05
CA PHE A 311 -38.86 12.50 -23.19
C PHE A 311 -38.18 12.52 -24.54
N ASP A 312 -38.13 13.72 -25.14
CA ASP A 312 -37.44 13.89 -26.41
C ASP A 312 -35.97 14.28 -26.22
N GLU A 313 -35.36 14.85 -27.26
CA GLU A 313 -33.93 15.14 -27.26
C GLU A 313 -33.54 16.28 -26.30
N GLU A 314 -34.21 17.42 -26.41
CA GLU A 314 -33.82 18.56 -25.58
C GLU A 314 -34.04 18.35 -24.09
N THR A 315 -35.00 17.50 -23.75
CA THR A 315 -35.35 17.28 -22.34
C THR A 315 -34.41 16.27 -21.67
N LYS A 316 -34.07 15.21 -22.37
CA LYS A 316 -33.12 14.25 -21.84
C LYS A 316 -31.74 14.90 -21.60
N ASN A 317 -31.27 15.66 -22.59
CA ASN A 317 -29.98 16.33 -22.50
C ASN A 317 -30.01 17.49 -21.49
N LYS A 318 -31.21 17.93 -21.12
CA LYS A 318 -31.34 18.89 -20.04
C LYS A 318 -31.13 18.18 -18.70
N LEU A 319 -31.90 17.12 -18.48
CA LEU A 319 -31.83 16.36 -17.24
C LEU A 319 -30.44 15.76 -17.07
N LYS A 320 -29.75 15.61 -18.19
CA LYS A 320 -28.46 14.95 -18.21
C LYS A 320 -27.26 15.91 -18.15
N ALA A 321 -27.50 17.21 -18.39
CA ALA A 321 -26.39 18.17 -18.50
C ALA A 321 -26.75 19.62 -18.21
N GLY A 322 -27.55 20.21 -19.09
CA GLY A 322 -27.85 21.64 -19.01
C GLY A 322 -28.39 22.14 -17.69
N ASN A 323 -29.18 21.31 -17.01
CA ASN A 323 -29.73 21.66 -15.72
C ASN A 323 -28.64 21.77 -14.69
N ALA A 324 -27.83 20.73 -14.61
CA ALA A 324 -26.58 20.77 -13.85
C ALA A 324 -25.78 22.04 -14.18
N LEU A 325 -25.53 22.27 -15.48
CA LEU A 325 -24.78 23.44 -15.92
C LEU A 325 -25.43 24.72 -15.40
N ALA A 326 -26.74 24.81 -15.55
CA ALA A 326 -27.47 25.99 -15.10
C ALA A 326 -27.36 26.21 -13.59
N PHE A 327 -27.61 25.15 -12.84
CA PHE A 327 -27.58 25.19 -11.37
C PHE A 327 -26.19 25.58 -10.81
N LEU A 328 -25.15 24.95 -11.33
CA LEU A 328 -23.78 25.27 -10.90
C LEU A 328 -23.30 26.63 -11.38
N GLY A 329 -23.84 27.11 -12.49
CA GLY A 329 -23.45 28.40 -13.02
C GLY A 329 -22.21 28.30 -13.88
N LEU A 330 -22.03 27.13 -14.48
CA LEU A 330 -20.95 26.86 -15.42
C LEU A 330 -21.55 26.85 -16.81
N GLU A 331 -20.79 26.33 -17.77
CA GLU A 331 -21.18 26.39 -19.16
C GLU A 331 -20.36 25.38 -19.96
N ARG A 332 -20.96 24.84 -21.03
CA ARG A 332 -20.31 23.81 -21.85
C ARG A 332 -18.79 23.99 -22.05
N MET B 1 17.29 34.15 2.84
CA MET B 1 16.36 34.25 3.96
C MET B 1 15.05 34.90 3.50
N LYS B 2 14.70 34.74 2.22
CA LYS B 2 13.36 35.12 1.75
C LYS B 2 12.80 34.01 0.89
N ILE B 3 13.11 34.05 -0.41
CA ILE B 3 12.63 33.06 -1.37
C ILE B 3 13.70 32.02 -1.72
N ASP B 4 13.31 30.75 -1.71
CA ASP B 4 14.22 29.65 -2.06
C ASP B 4 13.81 29.00 -3.39
N ILE B 5 14.57 29.27 -4.45
CA ILE B 5 14.22 28.81 -5.79
C ILE B 5 14.63 27.37 -6.08
N HIS B 6 15.41 26.77 -5.18
CA HIS B 6 16.00 25.46 -5.41
C HIS B 6 15.77 24.58 -4.20
N SER B 7 14.65 23.85 -4.22
CA SER B 7 14.29 22.96 -3.13
C SER B 7 13.59 21.75 -3.71
N HIS B 8 13.83 20.57 -3.14
CA HIS B 8 13.23 19.37 -3.65
C HIS B 8 12.30 18.74 -2.61
N ILE B 9 11.28 18.03 -3.09
CA ILE B 9 10.28 17.39 -2.24
C ILE B 9 9.77 16.13 -2.92
N LEU B 10 9.36 15.14 -2.14
CA LEU B 10 8.71 13.95 -2.72
C LEU B 10 7.33 13.73 -2.15
N PRO B 11 6.48 12.99 -2.87
CA PRO B 11 5.21 12.54 -2.26
C PRO B 11 5.55 11.56 -1.15
N LYS B 12 4.78 11.50 -0.07
CA LYS B 12 5.13 10.54 0.98
C LYS B 12 5.10 9.11 0.40
N GLU B 13 4.25 8.90 -0.59
CA GLU B 13 4.13 7.57 -1.16
C GLU B 13 3.67 7.64 -2.61
N TRP B 14 3.97 6.58 -3.34
CA TRP B 14 3.57 6.47 -4.73
C TRP B 14 3.54 4.98 -5.12
N PRO B 15 2.86 4.65 -6.21
CA PRO B 15 2.72 3.22 -6.53
C PRO B 15 4.06 2.50 -6.79
N ASP B 16 3.97 1.18 -6.92
CA ASP B 16 5.09 0.38 -7.38
C ASP B 16 5.20 0.59 -8.87
N LEU B 17 6.29 1.20 -9.29
CA LEU B 17 6.42 1.71 -10.64
C LEU B 17 6.86 0.60 -11.56
N LYS B 18 7.60 -0.36 -11.04
CA LYS B 18 7.99 -1.53 -11.80
C LYS B 18 6.72 -2.31 -12.21
N LYS B 19 5.75 -2.40 -11.30
CA LYS B 19 4.49 -3.06 -11.60
C LYS B 19 3.61 -2.22 -12.53
N ARG B 20 3.53 -0.93 -12.24
CA ARG B 20 2.69 -0.03 -13.02
C ARG B 20 3.08 0.04 -14.51
N PHE B 21 4.36 -0.25 -14.81
CA PHE B 21 4.92 0.07 -16.12
C PHE B 21 5.48 -1.15 -16.83
N GLY B 22 5.91 -2.13 -16.05
CA GLY B 22 6.29 -3.41 -16.60
C GLY B 22 7.78 -3.62 -16.54
N TYR B 23 8.51 -2.57 -16.17
CA TYR B 23 9.95 -2.70 -16.12
C TYR B 23 10.59 -1.93 -14.97
N GLY B 24 11.80 -2.35 -14.62
CA GLY B 24 12.53 -1.80 -13.50
C GLY B 24 13.32 -0.57 -13.83
N GLY B 25 14.17 -0.15 -12.89
CA GLY B 25 15.01 1.03 -13.05
C GLY B 25 14.45 2.27 -12.36
N TRP B 26 13.29 2.13 -11.71
CA TRP B 26 12.63 3.27 -11.06
C TRP B 26 13.02 3.41 -9.59
N VAL B 27 12.59 4.52 -8.99
CA VAL B 27 12.88 4.74 -7.57
C VAL B 27 11.62 4.68 -6.71
N GLN B 28 11.73 4.01 -5.57
CA GLN B 28 10.63 3.93 -4.60
C GLN B 28 11.12 4.53 -3.27
N LEU B 29 10.20 4.77 -2.34
CA LEU B 29 10.54 5.35 -1.04
C LEU B 29 10.17 4.38 0.08
N GLN B 30 11.16 3.97 0.86
CA GLN B 30 10.95 2.92 1.85
C GLN B 30 11.11 3.50 3.25
N HIS B 31 9.99 3.65 3.95
CA HIS B 31 9.97 4.13 5.32
C HIS B 31 10.32 2.98 6.23
N HIS B 32 11.51 3.02 6.79
CA HIS B 32 12.07 1.82 7.42
C HIS B 32 12.18 2.05 8.92
N SER B 33 11.98 3.28 9.32
CA SER B 33 12.09 3.65 10.73
C SER B 33 11.29 4.90 11.00
N LYS B 34 11.40 5.39 12.23
CA LYS B 34 10.70 6.58 12.67
C LYS B 34 11.35 7.84 12.09
N GLY B 35 10.61 8.53 11.22
CA GLY B 35 11.03 9.82 10.69
C GLY B 35 12.09 9.76 9.59
N GLU B 36 12.55 8.57 9.25
CA GLU B 36 13.52 8.41 8.17
C GLU B 36 12.96 7.53 7.02
N ALA B 37 13.39 7.82 5.80
CA ALA B 37 13.06 6.97 4.67
C ALA B 37 14.28 6.80 3.78
N LYS B 38 14.27 5.80 2.91
CA LYS B 38 15.38 5.56 2.01
C LYS B 38 14.94 5.51 0.55
N LEU B 39 15.44 6.42 -0.26
CA LEU B 39 15.25 6.31 -1.71
C LEU B 39 15.93 5.05 -2.23
N LEU B 40 15.20 4.21 -2.96
CA LEU B 40 15.84 3.03 -3.54
C LEU B 40 15.74 3.01 -5.06
N LYS B 41 16.83 2.62 -5.71
CA LYS B 41 16.88 2.53 -7.16
C LYS B 41 17.08 1.06 -7.58
N ASP B 42 15.95 0.38 -7.79
CA ASP B 42 15.85 -1.09 -7.87
C ASP B 42 16.60 -1.79 -6.71
N GLY B 43 16.22 -1.47 -5.49
CA GLY B 43 16.74 -2.14 -4.31
C GLY B 43 18.04 -1.56 -3.77
N LYS B 44 18.72 -0.77 -4.60
CA LYS B 44 19.90 -0.03 -4.18
C LYS B 44 19.50 1.20 -3.37
N VAL B 45 20.01 1.32 -2.16
CA VAL B 45 19.88 2.60 -1.47
C VAL B 45 20.73 3.58 -2.24
N PHE B 46 20.33 4.84 -2.26
CA PHE B 46 21.20 5.84 -2.86
C PHE B 46 21.00 7.19 -2.21
N ARG B 47 20.13 7.25 -1.22
CA ARG B 47 19.97 8.45 -0.44
C ARG B 47 19.02 8.21 0.73
N VAL B 48 19.49 8.50 1.93
CA VAL B 48 18.68 8.43 3.13
C VAL B 48 18.11 9.82 3.36
N VAL B 49 16.80 9.90 3.61
CA VAL B 49 16.18 11.20 3.82
C VAL B 49 15.32 11.18 5.07
N ARG B 50 14.90 12.37 5.46
CA ARG B 50 14.07 12.57 6.63
C ARG B 50 12.74 13.20 6.21
N GLU B 51 11.78 13.20 7.13
CA GLU B 51 10.42 13.66 6.84
C GLU B 51 10.28 15.07 6.23
N ASN B 52 11.26 15.95 6.43
CA ASN B 52 11.20 17.24 5.74
C ASN B 52 11.14 17.08 4.22
N CYS B 53 11.59 15.94 3.72
CA CYS B 53 11.54 15.61 2.30
C CYS B 53 10.12 15.48 1.75
N TRP B 54 9.18 15.05 2.57
CA TRP B 54 7.83 14.74 2.06
C TRP B 54 6.71 15.45 2.77
N ASP B 55 6.98 15.90 4.00
CA ASP B 55 5.97 16.49 4.87
C ASP B 55 5.99 18.03 4.83
N PRO B 56 4.93 18.62 4.28
CA PRO B 56 4.87 20.08 4.14
C PRO B 56 4.80 20.79 5.50
N GLU B 57 4.04 20.25 6.46
CA GLU B 57 3.97 20.85 7.80
C GLU B 57 5.37 21.06 8.40
N VAL B 58 6.22 20.06 8.28
CA VAL B 58 7.59 20.10 8.79
C VAL B 58 8.44 21.12 8.04
N ARG B 59 8.30 21.13 6.72
CA ARG B 59 8.98 22.11 5.89
C ARG B 59 8.66 23.54 6.29
N ILE B 60 7.43 23.77 6.73
CA ILE B 60 6.94 25.08 7.16
C ILE B 60 7.62 25.49 8.46
N ARG B 61 7.62 24.57 9.41
CA ARG B 61 8.24 24.80 10.70
C ARG B 61 9.70 25.21 10.50
N GLU B 62 10.45 24.39 9.75
CA GLU B 62 11.85 24.67 9.39
C GLU B 62 12.00 25.96 8.57
N MET B 63 11.08 26.26 7.66
CA MET B 63 11.17 27.54 6.95
C MET B 63 10.99 28.75 7.88
N ASP B 64 10.14 28.60 8.90
CA ASP B 64 9.92 29.66 9.88
C ASP B 64 11.18 29.90 10.67
N GLN B 65 11.78 28.83 11.17
CA GLN B 65 13.02 28.94 11.94
C GLN B 65 14.20 29.54 11.16
N LYS B 66 14.17 29.45 9.83
CA LYS B 66 15.25 29.95 8.99
C LYS B 66 14.93 31.30 8.33
N GLY B 67 13.71 31.77 8.54
CA GLY B 67 13.28 33.03 7.96
C GLY B 67 12.94 32.94 6.47
N VAL B 68 12.68 31.72 5.99
CA VAL B 68 12.36 31.56 4.57
C VAL B 68 10.86 31.65 4.31
N THR B 69 10.47 32.56 3.43
CA THR B 69 9.08 32.86 3.14
C THR B 69 8.47 31.92 2.11
N VAL B 70 9.20 31.62 1.05
CA VAL B 70 8.67 30.68 0.08
C VAL B 70 9.71 29.74 -0.53
N GLN B 71 9.28 28.51 -0.79
CA GLN B 71 10.10 27.54 -1.49
C GLN B 71 9.42 27.29 -2.81
N ALA B 72 10.16 27.46 -3.90
CA ALA B 72 9.77 26.91 -5.18
C ALA B 72 10.04 25.42 -5.07
N LEU B 73 8.98 24.63 -5.13
CA LEU B 73 9.08 23.18 -5.00
C LEU B 73 9.26 22.47 -6.35
N SER B 74 10.31 21.66 -6.43
CA SER B 74 10.56 20.81 -7.59
C SER B 74 10.76 19.35 -7.14
N THR B 75 10.56 18.40 -8.05
CA THR B 75 10.83 17.02 -7.69
C THR B 75 12.36 16.79 -7.57
N VAL B 76 12.72 15.65 -6.98
CA VAL B 76 14.11 15.21 -6.94
C VAL B 76 14.51 14.77 -8.35
N PRO B 77 15.59 15.37 -8.90
CA PRO B 77 16.08 15.19 -10.27
C PRO B 77 16.20 13.74 -10.68
N VAL B 78 16.62 12.85 -9.79
CA VAL B 78 16.53 11.43 -10.05
C VAL B 78 15.13 10.97 -10.53
N MET B 79 14.07 11.76 -10.29
CA MET B 79 12.71 11.33 -10.70
C MET B 79 12.38 11.69 -12.13
N PHE B 80 13.35 12.30 -12.83
CA PHE B 80 13.13 12.83 -14.18
C PHE B 80 12.69 11.72 -15.12
N SER B 81 13.41 10.60 -15.07
CA SER B 81 13.03 9.42 -15.83
C SER B 81 13.02 9.58 -17.37
N TYR B 82 13.95 10.37 -17.91
CA TYR B 82 14.01 10.61 -19.35
C TYR B 82 14.38 9.33 -20.12
N TRP B 83 14.86 8.35 -19.37
CA TRP B 83 15.34 7.09 -19.91
C TRP B 83 14.19 6.11 -20.23
N ALA B 84 13.09 6.23 -19.50
CA ALA B 84 11.94 5.32 -19.69
C ALA B 84 11.16 5.51 -21.00
N LYS B 85 10.15 4.66 -21.18
CA LYS B 85 9.23 4.79 -22.29
C LYS B 85 8.44 6.10 -22.14
N PRO B 86 8.38 6.89 -23.22
CA PRO B 86 7.80 8.23 -23.13
C PRO B 86 6.52 8.29 -22.29
N GLU B 87 5.53 7.45 -22.61
CA GLU B 87 4.23 7.50 -21.96
C GLU B 87 4.24 7.13 -20.47
N ASP B 88 5.21 6.32 -20.06
CA ASP B 88 5.34 5.94 -18.66
C ASP B 88 5.91 7.14 -17.88
N THR B 89 6.97 7.73 -18.42
CA THR B 89 7.58 8.94 -17.89
C THR B 89 6.57 10.07 -17.82
N LEU B 90 5.77 10.23 -18.87
CA LEU B 90 4.68 11.21 -18.87
C LEU B 90 3.70 10.89 -17.77
N ASN B 91 3.41 9.60 -17.62
CA ASN B 91 2.52 9.18 -16.56
C ASN B 91 3.02 9.63 -15.18
N LEU B 92 4.31 9.41 -14.93
CA LEU B 92 4.91 9.77 -13.64
C LEU B 92 4.91 11.28 -13.43
N CYS B 93 5.35 12.05 -14.42
CA CYS B 93 5.33 13.51 -14.32
C CYS B 93 3.97 14.02 -13.87
N GLN B 94 2.91 13.40 -14.37
CA GLN B 94 1.54 13.77 -14.06
C GLN B 94 1.24 13.53 -12.59
N LEU B 95 1.56 12.33 -12.13
CA LEU B 95 1.42 12.01 -10.72
C LEU B 95 2.21 13.03 -9.85
N LEU B 96 3.49 13.30 -10.19
CA LEU B 96 4.35 14.24 -9.44
C LEU B 96 3.89 15.70 -9.52
N ASN B 97 3.44 16.11 -10.69
CA ASN B 97 2.94 17.45 -10.87
C ASN B 97 1.66 17.61 -10.08
N ASN B 98 0.75 16.63 -10.16
CA ASN B 98 -0.45 16.66 -9.33
C ASN B 98 -0.10 16.81 -7.87
N ASP B 99 0.86 16.01 -7.39
CA ASP B 99 1.30 16.12 -6.00
C ASP B 99 1.91 17.47 -5.61
N LEU B 100 2.60 18.13 -6.54
CA LEU B 100 3.10 19.48 -6.29
C LEU B 100 1.96 20.48 -6.25
N ALA B 101 0.97 20.29 -7.10
CA ALA B 101 -0.19 21.18 -7.11
C ALA B 101 -0.93 21.23 -5.76
N SER B 102 -1.10 20.08 -5.11
CA SER B 102 -1.80 19.99 -3.83
C SER B 102 -1.09 20.70 -2.70
N THR B 103 0.21 20.44 -2.63
CA THR B 103 1.01 21.07 -1.61
C THR B 103 0.89 22.58 -1.69
N VAL B 104 0.96 23.11 -2.90
CA VAL B 104 0.77 24.55 -3.09
C VAL B 104 -0.63 25.02 -2.68
N VAL B 105 -1.65 24.23 -3.05
CA VAL B 105 -3.03 24.49 -2.67
C VAL B 105 -3.16 24.62 -1.17
N SER B 106 -2.41 23.80 -0.44
CA SER B 106 -2.49 23.81 1.00
C SER B 106 -1.83 25.04 1.61
N TYR B 107 -0.71 25.47 1.05
CA TYR B 107 -0.06 26.67 1.56
C TYR B 107 0.34 27.58 0.40
N PRO B 108 -0.66 28.25 -0.21
CA PRO B 108 -0.44 29.09 -1.38
C PRO B 108 0.50 30.26 -1.07
N ARG B 109 0.51 30.69 0.20
CA ARG B 109 1.37 31.81 0.56
C ARG B 109 2.83 31.37 0.77
N ARG B 110 3.03 30.07 0.83
CA ARG B 110 4.34 29.55 1.22
C ARG B 110 5.10 28.79 0.11
N PHE B 111 4.39 28.21 -0.85
CA PHE B 111 5.00 27.39 -1.89
C PHE B 111 4.67 27.87 -3.29
N VAL B 112 5.56 27.55 -4.23
CA VAL B 112 5.23 27.53 -5.65
C VAL B 112 5.80 26.26 -6.27
N GLY B 113 5.24 25.83 -7.40
CA GLY B 113 5.64 24.57 -7.98
C GLY B 113 6.39 24.72 -9.29
N LEU B 114 7.44 23.94 -9.47
CA LEU B 114 8.09 23.83 -10.76
C LEU B 114 7.89 22.40 -11.23
N GLY B 115 7.18 22.23 -12.34
CA GLY B 115 6.84 20.90 -12.82
C GLY B 115 7.97 20.16 -13.53
N THR B 116 7.81 18.85 -13.62
CA THR B 116 8.75 18.01 -14.32
C THR B 116 8.06 17.61 -15.65
N LEU B 117 8.82 17.14 -16.63
CA LEU B 117 8.29 16.96 -17.99
C LEU B 117 8.84 15.72 -18.70
N PRO B 118 8.03 15.06 -19.54
CA PRO B 118 8.57 13.91 -20.28
C PRO B 118 9.47 14.41 -21.41
N MET B 119 10.71 14.77 -21.08
CA MET B 119 11.55 15.52 -22.02
C MET B 119 11.99 14.74 -23.27
N GLN B 120 12.08 13.41 -23.18
CA GLN B 120 12.52 12.62 -24.34
C GLN B 120 11.45 12.58 -25.44
N ALA B 121 10.24 13.06 -25.12
CA ALA B 121 9.16 13.13 -26.11
C ALA B 121 8.64 14.57 -26.26
N PRO B 122 9.30 15.37 -27.11
CA PRO B 122 9.01 16.81 -27.13
C PRO B 122 7.52 17.16 -27.24
N GLU B 123 6.75 16.32 -27.90
CA GLU B 123 5.33 16.62 -28.11
C GLU B 123 4.51 16.43 -26.84
N LEU B 124 4.76 15.33 -26.12
CA LEU B 124 4.05 15.05 -24.87
C LEU B 124 4.41 16.11 -23.84
N ALA B 125 5.68 16.46 -23.83
CA ALA B 125 6.25 17.41 -22.88
C ALA B 125 5.70 18.81 -23.06
N VAL B 126 5.52 19.22 -24.31
CA VAL B 126 4.87 20.49 -24.59
C VAL B 126 3.44 20.51 -24.03
N LYS B 127 2.74 19.38 -24.06
CA LYS B 127 1.37 19.29 -23.58
C LYS B 127 1.32 19.20 -22.06
N GLU B 128 2.32 18.58 -21.46
CA GLU B 128 2.32 18.52 -20.02
C GLU B 128 2.65 19.91 -19.51
N MET B 129 3.34 20.69 -20.32
CA MET B 129 3.68 22.04 -19.94
C MET B 129 2.48 22.97 -20.03
N GLU B 130 1.66 22.79 -21.06
CA GLU B 130 0.39 23.50 -21.15
C GLU B 130 -0.38 23.25 -19.85
N ARG B 131 -0.37 22.00 -19.41
CA ARG B 131 -1.14 21.65 -18.24
C ARG B 131 -0.58 22.34 -17.02
N CYS B 132 0.72 22.21 -16.79
CA CYS B 132 1.38 22.80 -15.63
C CYS B 132 1.17 24.33 -15.49
N VAL B 133 1.17 25.06 -16.60
CA VAL B 133 0.92 26.50 -16.54
C VAL B 133 -0.57 26.91 -16.45
N LYS B 134 -1.44 26.21 -17.19
CA LYS B 134 -2.85 26.65 -17.37
C LYS B 134 -3.87 26.03 -16.41
N GLU B 135 -3.64 24.80 -16.00
CA GLU B 135 -4.53 24.18 -15.05
C GLU B 135 -3.93 24.18 -13.65
N LEU B 136 -2.62 23.95 -13.55
CA LEU B 136 -2.00 23.82 -12.24
C LEU B 136 -1.47 25.15 -11.72
N GLY B 137 -1.29 26.11 -12.61
CA GLY B 137 -0.75 27.39 -12.19
C GLY B 137 0.70 27.35 -11.71
N PHE B 138 1.58 26.65 -12.43
CA PHE B 138 3.03 26.75 -12.15
C PHE B 138 3.64 27.93 -12.93
N PRO B 139 4.49 28.71 -12.25
CA PRO B 139 5.30 29.74 -12.91
C PRO B 139 6.38 29.17 -13.85
N GLY B 140 6.72 27.88 -13.69
CA GLY B 140 7.70 27.23 -14.54
C GLY B 140 7.86 25.72 -14.36
N VAL B 141 9.01 25.20 -14.79
CA VAL B 141 9.32 23.80 -14.64
C VAL B 141 10.79 23.54 -14.33
N GLN B 142 11.10 22.35 -13.82
CA GLN B 142 12.49 21.94 -13.66
C GLN B 142 12.82 20.90 -14.73
N ILE B 143 13.89 21.15 -15.48
CA ILE B 143 14.35 20.16 -16.44
C ILE B 143 15.83 19.87 -16.22
N GLY B 144 16.29 18.76 -16.79
CA GLY B 144 17.66 18.34 -16.61
C GLY B 144 18.61 19.01 -17.58
N THR B 145 19.90 18.96 -17.25
CA THR B 145 20.94 19.49 -18.11
C THR B 145 21.05 18.74 -19.45
N HIS B 146 20.54 17.52 -19.52
CA HIS B 146 20.49 16.81 -20.80
C HIS B 146 19.41 15.74 -20.79
N VAL B 147 19.14 15.18 -21.96
CA VAL B 147 18.08 14.20 -22.12
C VAL B 147 18.63 12.95 -22.80
N ASN B 148 19.14 12.02 -22.00
CA ASN B 148 19.83 10.89 -22.58
C ASN B 148 20.98 11.38 -23.49
N GLU B 149 20.68 11.51 -24.79
CA GLU B 149 21.72 11.72 -25.80
C GLU B 149 21.62 13.10 -26.49
N TRP B 150 20.51 13.80 -26.27
CA TRP B 150 20.39 15.21 -26.66
C TRP B 150 20.89 16.12 -25.55
N ASP B 151 21.71 17.11 -25.89
CA ASP B 151 21.96 18.24 -25.00
C ASP B 151 20.93 19.32 -25.31
N LEU B 152 20.85 20.34 -24.48
CA LEU B 152 19.75 21.31 -24.55
C LEU B 152 19.71 22.10 -25.86
N ASN B 153 20.64 21.81 -26.75
CA ASN B 153 20.73 22.47 -28.04
C ASN B 153 19.98 21.71 -29.13
N ALA B 154 19.63 20.46 -28.85
CA ALA B 154 18.91 19.64 -29.83
C ALA B 154 17.65 20.34 -30.38
N GLN B 155 17.57 20.41 -31.70
CA GLN B 155 16.47 21.07 -32.38
C GLN B 155 15.12 20.40 -32.10
N GLU B 156 15.18 19.13 -31.69
CA GLU B 156 13.96 18.40 -31.34
C GLU B 156 13.33 18.92 -30.03
N LEU B 157 14.07 19.75 -29.30
CA LEU B 157 13.58 20.29 -28.04
C LEU B 157 13.11 21.72 -28.25
N PHE B 158 13.32 22.22 -29.47
CA PHE B 158 12.88 23.56 -29.82
C PHE B 158 11.39 23.83 -29.56
N PRO B 159 10.50 22.88 -29.95
CA PRO B 159 9.05 22.93 -29.72
C PRO B 159 8.72 23.16 -28.25
N VAL B 160 9.52 22.58 -27.36
CA VAL B 160 9.31 22.80 -25.93
C VAL B 160 9.68 24.24 -25.54
N TYR B 161 10.74 24.79 -26.15
CA TYR B 161 11.18 26.16 -25.86
C TYR B 161 10.17 27.15 -26.39
N ALA B 162 9.71 26.87 -27.60
CA ALA B 162 8.72 27.73 -28.24
C ALA B 162 7.49 27.82 -27.34
N ALA B 163 7.08 26.68 -26.77
CA ALA B 163 5.95 26.64 -25.86
C ALA B 163 6.24 27.33 -24.52
N ALA B 164 7.48 27.26 -24.06
CA ALA B 164 7.83 27.96 -22.82
C ALA B 164 7.78 29.47 -22.99
N GLU B 165 8.08 29.95 -24.18
CA GLU B 165 7.98 31.37 -24.47
C GLU B 165 6.52 31.84 -24.50
N ARG B 166 5.66 31.11 -25.21
CA ARG B 166 4.24 31.47 -25.30
C ARG B 166 3.57 31.48 -23.94
N LEU B 167 3.93 30.49 -23.12
CA LEU B 167 3.31 30.23 -21.83
C LEU B 167 3.87 31.13 -20.72
N LYS B 168 4.89 31.91 -21.05
CA LYS B 168 5.67 32.64 -20.05
C LYS B 168 6.05 31.70 -18.90
N CYS B 169 6.62 30.56 -19.27
CA CYS B 169 7.03 29.51 -18.36
C CYS B 169 8.54 29.49 -18.16
N SER B 170 9.01 29.91 -16.99
CA SER B 170 10.42 29.85 -16.64
C SER B 170 10.96 28.42 -16.64
N LEU B 171 12.26 28.26 -16.82
CA LEU B 171 12.90 26.94 -16.74
C LEU B 171 14.07 26.96 -15.78
N PHE B 172 14.08 26.02 -14.85
CA PHE B 172 15.21 25.84 -13.95
C PHE B 172 15.98 24.59 -14.42
N VAL B 173 17.24 24.77 -14.80
CA VAL B 173 18.01 23.65 -15.32
C VAL B 173 18.85 23.02 -14.21
N HIS B 174 18.53 21.79 -13.85
CA HIS B 174 19.25 21.08 -12.81
C HIS B 174 20.09 19.96 -13.42
N PRO B 175 21.33 19.81 -12.94
CA PRO B 175 22.18 18.76 -13.54
C PRO B 175 21.74 17.41 -13.00
N TRP B 176 21.92 16.37 -13.79
CA TRP B 176 21.54 15.02 -13.39
C TRP B 176 22.09 14.03 -14.40
N ASP B 177 22.08 12.76 -14.00
CA ASP B 177 22.51 11.69 -14.89
C ASP B 177 24.00 11.83 -15.30
N MET B 178 24.85 12.18 -14.33
CA MET B 178 26.29 12.26 -14.54
C MET B 178 26.86 10.84 -14.64
N GLN B 179 28.13 10.72 -15.02
CA GLN B 179 28.77 9.41 -14.98
C GLN B 179 28.97 9.00 -13.52
N MET B 180 28.56 7.76 -13.21
CA MET B 180 28.57 7.27 -11.84
C MET B 180 29.68 6.26 -11.53
N ASP B 181 30.22 5.60 -12.55
CA ASP B 181 31.23 4.57 -12.32
C ASP B 181 32.56 4.88 -12.98
N GLY B 182 33.34 3.82 -13.23
CA GLY B 182 34.71 3.98 -13.68
C GLY B 182 35.41 4.92 -12.71
N ARG B 183 36.19 5.83 -13.28
CA ARG B 183 36.95 6.80 -12.51
C ARG B 183 36.10 7.67 -11.56
N MET B 184 34.82 7.81 -11.85
CA MET B 184 33.96 8.66 -11.03
C MET B 184 33.33 7.96 -9.79
N ALA B 185 33.57 6.66 -9.64
CA ALA B 185 33.03 5.92 -8.51
C ALA B 185 33.90 6.10 -7.26
N LYS B 186 34.29 7.34 -7.00
CA LYS B 186 35.10 7.65 -5.84
C LYS B 186 34.92 9.10 -5.44
N TYR B 187 35.21 9.40 -4.18
CA TYR B 187 35.25 10.77 -3.67
C TYR B 187 33.98 11.57 -4.00
N TRP B 188 32.86 10.88 -4.18
CA TRP B 188 31.57 11.53 -4.44
C TRP B 188 31.71 12.48 -5.64
N LEU B 189 32.65 12.14 -6.52
CA LEU B 189 33.05 12.98 -7.66
C LEU B 189 31.94 13.47 -8.58
N PRO B 190 30.94 12.61 -8.85
CA PRO B 190 29.80 12.89 -9.74
C PRO B 190 28.98 14.07 -9.23
N TRP B 191 29.00 14.28 -7.91
CA TRP B 191 28.30 15.39 -7.28
C TRP B 191 29.25 16.58 -7.13
N LEU B 192 30.44 16.34 -6.58
CA LEU B 192 31.45 17.39 -6.41
C LEU B 192 31.94 18.03 -7.73
N VAL B 193 31.93 17.27 -8.80
CA VAL B 193 32.58 17.67 -10.04
C VAL B 193 31.73 17.39 -11.29
N GLY B 194 31.20 16.17 -11.38
CA GLY B 194 30.31 15.84 -12.46
C GLY B 194 29.17 16.83 -12.59
N MET B 195 28.43 17.09 -11.50
CA MET B 195 27.28 17.99 -11.59
C MET B 195 27.65 19.38 -12.11
N PRO B 196 28.66 20.02 -11.50
CA PRO B 196 29.08 21.34 -11.97
C PRO B 196 29.49 21.31 -13.44
N ALA B 197 30.13 20.21 -13.90
CA ALA B 197 30.50 20.06 -15.30
C ALA B 197 29.30 19.90 -16.20
N GLU B 198 28.33 19.09 -15.77
CA GLU B 198 27.05 18.98 -16.49
C GLU B 198 26.38 20.34 -16.73
N THR B 199 26.38 21.21 -15.73
CA THR B 199 25.71 22.49 -15.86
C THR B 199 26.47 23.39 -16.85
N THR B 200 27.79 23.33 -16.79
CA THR B 200 28.63 24.07 -17.73
C THR B 200 28.33 23.69 -19.19
N ILE B 201 28.35 22.39 -19.49
CA ILE B 201 27.90 21.88 -20.78
C ILE B 201 26.50 22.34 -21.24
N ALA B 202 25.54 22.30 -20.33
CA ALA B 202 24.16 22.75 -20.59
C ALA B 202 24.12 24.22 -20.99
N ILE B 203 24.77 25.06 -20.19
CA ILE B 203 24.96 26.46 -20.53
C ILE B 203 25.61 26.61 -21.92
N CYS B 204 26.76 25.99 -22.14
CA CYS B 204 27.43 26.07 -23.45
C CYS B 204 26.52 25.67 -24.59
N SER B 205 25.65 24.70 -24.33
CA SER B 205 24.84 24.10 -25.39
C SER B 205 23.63 24.94 -25.72
N MET B 206 22.99 25.53 -24.71
CA MET B 206 21.93 26.48 -24.99
C MET B 206 22.46 27.68 -25.76
N ILE B 207 23.62 28.21 -25.35
CA ILE B 207 24.19 29.42 -25.96
C ILE B 207 24.62 29.20 -27.42
N MET B 208 25.54 28.25 -27.63
CA MET B 208 26.05 27.97 -28.96
C MET B 208 25.07 27.26 -29.87
N GLY B 209 24.01 26.71 -29.29
CA GLY B 209 22.99 26.06 -30.10
C GLY B 209 21.97 27.07 -30.60
N GLY B 210 22.16 28.33 -30.24
CA GLY B 210 21.30 29.41 -30.68
C GLY B 210 20.00 29.57 -29.92
N VAL B 211 19.82 28.78 -28.86
CA VAL B 211 18.56 28.73 -28.15
C VAL B 211 18.11 30.10 -27.60
N PHE B 212 19.01 30.78 -26.88
CA PHE B 212 18.70 32.11 -26.38
C PHE B 212 18.42 33.08 -27.51
N GLU B 213 18.89 32.72 -28.70
CA GLU B 213 18.84 33.58 -29.87
C GLU B 213 17.50 33.46 -30.61
N LYS B 214 17.03 32.22 -30.80
CA LYS B 214 15.71 31.97 -31.37
C LYS B 214 14.61 32.26 -30.36
N PHE B 215 14.96 32.38 -29.09
CA PHE B 215 13.95 32.41 -28.04
C PHE B 215 14.22 33.47 -26.98
N PRO B 216 14.30 34.74 -27.40
CA PRO B 216 14.76 35.89 -26.61
C PRO B 216 13.91 36.19 -25.37
N LYS B 217 12.68 35.70 -25.32
CA LYS B 217 11.80 35.91 -24.16
C LYS B 217 11.98 34.83 -23.08
N LEU B 218 12.54 33.70 -23.49
CA LEU B 218 12.74 32.55 -22.60
C LEU B 218 13.61 32.84 -21.36
N LYS B 219 13.02 32.65 -20.17
CA LYS B 219 13.76 32.82 -18.91
C LYS B 219 14.32 31.49 -18.44
N VAL B 220 15.58 31.48 -17.99
CA VAL B 220 16.27 30.24 -17.64
C VAL B 220 17.20 30.42 -16.46
N CYS B 221 17.09 29.53 -15.47
CA CYS B 221 17.99 29.54 -14.33
C CYS B 221 18.73 28.22 -14.18
N PHE B 222 20.04 28.32 -14.02
CA PHE B 222 20.90 27.15 -13.85
C PHE B 222 21.27 26.91 -12.39
N ALA B 223 21.32 25.65 -11.98
CA ALA B 223 21.64 25.28 -10.60
C ALA B 223 23.12 25.51 -10.24
N HIS B 224 23.38 25.58 -8.93
CA HIS B 224 24.74 25.69 -8.40
C HIS B 224 25.57 26.74 -9.12
N GLY B 225 25.00 27.92 -9.27
CA GLY B 225 25.72 29.05 -9.85
C GLY B 225 26.30 28.80 -11.23
N GLY B 226 25.65 27.95 -12.01
CA GLY B 226 26.07 27.72 -13.37
C GLY B 226 27.29 26.81 -13.46
N GLY B 227 27.46 25.96 -12.46
CA GLY B 227 28.54 24.98 -12.41
C GLY B 227 29.93 25.59 -12.37
N ALA B 228 30.64 25.50 -13.50
CA ALA B 228 31.98 26.07 -13.57
C ALA B 228 31.92 27.33 -14.42
N PHE B 229 30.83 27.50 -15.18
CA PHE B 229 30.72 28.58 -16.16
C PHE B 229 31.23 29.98 -15.76
N PRO B 230 30.76 30.53 -14.62
CA PRO B 230 31.29 31.85 -14.25
C PRO B 230 32.81 31.94 -14.28
N PHE B 231 33.51 30.92 -13.80
CA PHE B 231 34.96 30.92 -13.79
C PHE B 231 35.57 30.71 -15.17
N THR B 232 35.03 29.74 -15.93
CA THR B 232 35.66 29.34 -17.19
C THR B 232 35.10 30.00 -18.45
N VAL B 233 34.25 31.01 -18.29
CA VAL B 233 33.71 31.70 -19.46
C VAL B 233 34.84 32.35 -20.29
N GLY B 234 35.88 32.78 -19.62
CA GLY B 234 37.06 33.24 -20.34
C GLY B 234 37.58 32.20 -21.34
N ARG B 235 37.85 30.99 -20.84
CA ARG B 235 38.33 29.91 -21.69
C ARG B 235 37.33 29.61 -22.80
N ILE B 236 36.04 29.60 -22.46
CA ILE B 236 35.00 29.25 -23.44
C ILE B 236 34.83 30.34 -24.51
N SER B 237 34.79 31.59 -24.07
CA SER B 237 34.68 32.72 -24.99
C SER B 237 35.88 32.84 -25.94
N HIS B 238 37.08 32.71 -25.39
CA HIS B 238 38.30 32.75 -26.18
C HIS B 238 38.39 31.63 -27.23
N GLY B 239 38.01 30.41 -26.84
CA GLY B 239 38.00 29.29 -27.77
C GLY B 239 37.02 29.47 -28.92
N PHE B 240 35.80 29.90 -28.58
CA PHE B 240 34.77 30.17 -29.59
C PHE B 240 35.26 31.15 -30.65
N SER B 241 35.94 32.21 -30.23
CA SER B 241 36.58 33.15 -31.15
C SER B 241 37.60 32.48 -32.10
N MET B 242 38.41 31.56 -31.59
CA MET B 242 39.50 30.98 -32.38
C MET B 242 39.05 29.92 -33.38
N ARG B 243 38.08 29.09 -32.99
CA ARG B 243 37.57 28.02 -33.84
C ARG B 243 36.07 28.14 -34.14
N PRO B 244 35.69 29.19 -34.88
CA PRO B 244 34.33 29.32 -35.41
C PRO B 244 33.81 28.07 -36.13
N ASP B 245 34.70 27.30 -36.73
CA ASP B 245 34.26 26.12 -37.46
C ASP B 245 33.76 25.09 -36.48
N LEU B 246 34.49 24.91 -35.38
CA LEU B 246 34.07 23.98 -34.35
C LEU B 246 32.89 24.50 -33.54
N CYS B 247 32.92 25.79 -33.19
CA CYS B 247 32.01 26.32 -32.15
C CYS B 247 30.77 27.11 -32.59
N ALA B 248 30.79 27.69 -33.78
CA ALA B 248 29.75 28.65 -34.16
C ALA B 248 28.95 28.32 -35.42
N GLN B 249 28.90 27.06 -35.83
CA GLN B 249 28.17 26.70 -37.04
C GLN B 249 26.65 26.82 -36.81
N ASP B 250 26.24 27.15 -35.58
CA ASP B 250 24.84 27.15 -35.18
C ASP B 250 24.39 28.51 -34.62
N ASN B 251 25.29 29.16 -33.92
CA ASN B 251 25.04 30.49 -33.40
C ASN B 251 26.36 31.27 -33.37
N PRO B 252 26.46 32.32 -34.17
CA PRO B 252 27.67 33.12 -34.36
C PRO B 252 27.88 34.21 -33.32
N MET B 253 27.23 34.13 -32.16
CA MET B 253 27.44 35.15 -31.16
C MET B 253 28.34 34.62 -30.05
N ASN B 254 29.36 35.39 -29.69
CA ASN B 254 30.30 34.95 -28.68
C ASN B 254 29.57 34.73 -27.38
N PRO B 255 29.83 33.60 -26.70
CA PRO B 255 29.14 33.33 -25.43
C PRO B 255 29.12 34.52 -24.47
N LYS B 256 30.17 35.35 -24.50
CA LYS B 256 30.29 36.48 -23.57
C LYS B 256 29.18 37.50 -23.71
N LYS B 257 28.71 37.74 -24.93
CA LYS B 257 27.59 38.66 -25.14
C LYS B 257 26.31 38.22 -24.38
N TYR B 258 26.27 36.95 -23.94
CA TYR B 258 25.07 36.39 -23.31
C TYR B 258 25.02 36.50 -21.79
N LEU B 259 26.15 36.87 -21.18
CA LEU B 259 26.15 37.18 -19.75
C LEU B 259 25.14 38.29 -19.51
N GLY B 260 24.22 38.03 -18.58
CA GLY B 260 23.13 38.95 -18.30
C GLY B 260 21.90 38.58 -19.12
N SER B 261 21.89 37.37 -19.67
CA SER B 261 20.74 36.88 -20.42
C SER B 261 20.08 35.65 -19.77
N PHE B 262 20.69 35.17 -18.70
CA PHE B 262 20.12 34.06 -17.95
C PHE B 262 20.44 34.18 -16.47
N TYR B 263 19.73 33.41 -15.66
CA TYR B 263 19.90 33.43 -14.22
C TYR B 263 20.75 32.24 -13.75
N THR B 264 21.26 32.30 -12.52
CA THR B 264 21.73 31.10 -11.80
C THR B 264 21.27 31.20 -10.35
N ASP B 265 21.27 30.08 -9.63
CA ASP B 265 21.10 30.13 -8.18
C ASP B 265 22.45 30.48 -7.53
N ALA B 266 22.46 30.85 -6.25
CA ALA B 266 23.67 31.39 -5.61
C ALA B 266 24.39 30.35 -4.76
N LEU B 267 24.11 29.08 -5.06
CA LEU B 267 24.59 27.97 -4.26
C LEU B 267 26.04 27.59 -4.62
N VAL B 268 26.98 28.41 -4.17
CA VAL B 268 28.39 28.17 -4.45
C VAL B 268 29.23 28.16 -3.18
N HIS B 269 28.56 28.36 -2.04
CA HIS B 269 29.12 28.12 -0.73
C HIS B 269 30.17 29.13 -0.22
N ASP B 270 31.05 29.59 -1.10
CA ASP B 270 32.05 30.57 -0.69
C ASP B 270 31.72 32.00 -1.09
N PRO B 271 32.11 32.95 -0.23
CA PRO B 271 31.94 34.38 -0.49
C PRO B 271 32.70 34.81 -1.72
N LEU B 272 33.87 34.26 -1.97
CA LEU B 272 34.64 34.64 -3.16
C LEU B 272 33.95 34.19 -4.45
N SER B 273 33.44 32.96 -4.45
CA SER B 273 32.68 32.46 -5.58
C SER B 273 31.36 33.21 -5.73
N LEU B 274 30.71 33.52 -4.62
CA LEU B 274 29.48 34.29 -4.69
C LEU B 274 29.79 35.63 -5.36
N LYS B 275 30.80 36.34 -4.83
CA LYS B 275 31.28 37.60 -5.42
C LYS B 275 31.56 37.52 -6.93
N LEU B 276 32.34 36.51 -7.35
CA LEU B 276 32.65 36.36 -8.78
C LEU B 276 31.41 36.12 -9.60
N LEU B 277 30.45 35.40 -9.03
CA LEU B 277 29.17 35.11 -9.69
C LEU B 277 28.33 36.37 -9.97
N THR B 278 28.19 37.25 -8.99
CA THR B 278 27.48 38.51 -9.26
C THR B 278 28.30 39.43 -10.18
N ASP B 279 29.62 39.49 -9.97
CA ASP B 279 30.48 40.20 -10.92
C ASP B 279 30.17 39.75 -12.33
N VAL B 280 30.23 38.43 -12.57
CA VAL B 280 30.12 37.86 -13.94
C VAL B 280 28.71 37.74 -14.50
N ILE B 281 27.80 37.17 -13.73
CA ILE B 281 26.43 36.96 -14.19
C ILE B 281 25.47 38.16 -13.97
N GLY B 282 25.79 39.03 -13.01
CA GLY B 282 24.98 40.22 -12.78
C GLY B 282 24.27 40.24 -11.43
N LYS B 283 23.94 41.43 -10.94
CA LYS B 283 23.21 41.53 -9.68
C LYS B 283 21.73 41.19 -9.83
N ASP B 284 21.24 41.27 -11.06
CA ASP B 284 19.83 41.01 -11.40
C ASP B 284 19.54 39.55 -11.74
N LYS B 285 20.58 38.73 -11.82
CA LYS B 285 20.45 37.41 -12.41
C LYS B 285 20.82 36.31 -11.41
N VAL B 286 20.96 36.69 -10.15
CA VAL B 286 21.44 35.73 -9.17
C VAL B 286 20.39 35.50 -8.09
N ILE B 287 19.98 34.25 -7.96
CA ILE B 287 18.80 33.89 -7.17
C ILE B 287 19.16 32.96 -6.02
N LEU B 288 18.63 33.25 -4.84
CA LEU B 288 18.93 32.46 -3.66
C LEU B 288 18.29 31.06 -3.72
N GLY B 289 19.12 30.03 -3.67
CA GLY B 289 18.65 28.65 -3.69
C GLY B 289 19.38 27.88 -2.61
N THR B 290 18.85 26.73 -2.21
CA THR B 290 19.33 26.06 -0.99
C THR B 290 19.70 24.58 -1.19
N ASP B 291 19.09 23.95 -2.19
CA ASP B 291 19.10 22.49 -2.31
C ASP B 291 18.54 21.79 -1.07
N TYR B 292 17.59 22.46 -0.42
CA TYR B 292 16.93 21.89 0.74
C TYR B 292 16.12 20.72 0.22
N PRO B 293 16.08 19.61 0.96
CA PRO B 293 16.59 19.44 2.33
C PRO B 293 17.92 18.72 2.41
N PHE B 294 18.69 18.77 1.33
CA PHE B 294 19.89 17.94 1.18
C PHE B 294 21.19 18.50 1.78
N PRO B 295 22.03 17.61 2.33
CA PRO B 295 23.28 17.98 3.02
C PRO B 295 24.26 18.80 2.15
N LEU B 296 24.25 18.59 0.85
CA LEU B 296 25.09 19.39 -0.04
C LEU B 296 24.60 20.83 -0.21
N GLY B 297 23.57 21.23 0.51
CA GLY B 297 23.03 22.56 0.33
C GLY B 297 23.50 23.56 1.37
N GLU B 298 22.94 24.76 1.32
CA GLU B 298 23.25 25.80 2.29
C GLU B 298 22.44 25.49 3.53
N LEU B 299 23.12 25.11 4.62
CA LEU B 299 22.46 24.77 5.88
C LEU B 299 21.71 25.96 6.48
N GLU B 300 22.26 27.16 6.33
CA GLU B 300 21.65 28.39 6.85
C GLU B 300 21.15 29.27 5.72
N PRO B 301 19.92 29.03 5.23
CA PRO B 301 19.41 29.75 4.06
C PRO B 301 19.67 31.26 4.10
N GLY B 302 20.51 31.72 3.17
CA GLY B 302 20.80 33.13 3.01
C GLY B 302 21.97 33.67 3.81
N LYS B 303 22.61 32.83 4.61
CA LYS B 303 23.68 33.30 5.49
C LYS B 303 24.90 33.81 4.71
N LEU B 304 25.16 33.20 3.55
CA LEU B 304 26.26 33.62 2.69
C LEU B 304 26.03 35.04 2.17
N ILE B 305 24.82 35.28 1.66
CA ILE B 305 24.50 36.57 1.06
C ILE B 305 24.52 37.68 2.11
N GLU B 306 23.87 37.42 3.25
CA GLU B 306 23.90 38.36 4.35
C GLU B 306 25.31 38.68 4.83
N SER B 307 26.24 37.72 4.70
CA SER B 307 27.61 37.90 5.22
C SER B 307 28.50 38.71 4.28
N MET B 308 28.03 38.95 3.06
CA MET B 308 28.83 39.65 2.07
C MET B 308 28.98 41.12 2.41
N GLU B 309 30.18 41.53 2.77
CA GLU B 309 30.40 42.94 3.04
C GLU B 309 30.51 43.71 1.71
N GLU B 310 30.77 43.00 0.60
CA GLU B 310 30.83 43.61 -0.74
C GLU B 310 29.47 44.07 -1.24
N PHE B 311 28.43 43.74 -0.48
CA PHE B 311 27.06 43.92 -0.93
C PHE B 311 26.33 44.99 -0.15
N ASP B 312 25.77 45.95 -0.86
CA ASP B 312 24.89 46.90 -0.22
C ASP B 312 23.51 46.26 0.02
N GLU B 313 22.66 46.91 0.79
CA GLU B 313 21.46 46.29 1.30
C GLU B 313 20.43 45.97 0.21
N GLU B 314 20.37 46.80 -0.82
CA GLU B 314 19.42 46.59 -1.89
C GLU B 314 19.83 45.35 -2.70
N THR B 315 21.15 45.20 -2.87
CA THR B 315 21.72 44.04 -3.56
C THR B 315 21.37 42.75 -2.84
N LYS B 316 21.48 42.74 -1.51
CA LYS B 316 21.13 41.55 -0.75
C LYS B 316 19.66 41.17 -0.96
N ASN B 317 18.77 42.16 -0.93
CA ASN B 317 17.34 41.90 -1.15
C ASN B 317 17.04 41.32 -2.52
N LYS B 318 17.73 41.79 -3.56
CA LYS B 318 17.62 41.18 -4.87
C LYS B 318 17.91 39.66 -4.84
N LEU B 319 19.12 39.32 -4.41
CA LEU B 319 19.52 37.92 -4.38
C LEU B 319 18.56 37.13 -3.52
N LYS B 320 18.09 37.74 -2.44
CA LYS B 320 17.22 37.05 -1.49
C LYS B 320 15.76 36.85 -1.93
N ALA B 321 15.22 37.80 -2.68
CA ALA B 321 13.81 37.76 -3.07
C ALA B 321 13.52 38.35 -4.46
N GLY B 322 13.99 39.56 -4.67
CA GLY B 322 13.73 40.29 -5.89
C GLY B 322 13.98 39.59 -7.22
N ASN B 323 15.17 39.05 -7.41
CA ASN B 323 15.51 38.38 -8.67
C ASN B 323 14.65 37.14 -8.90
N ALA B 324 14.36 36.41 -7.84
CA ALA B 324 13.51 35.22 -7.94
C ALA B 324 12.08 35.56 -8.36
N LEU B 325 11.51 36.64 -7.83
CA LEU B 325 10.15 37.04 -8.21
C LEU B 325 10.10 37.46 -9.69
N ALA B 326 11.14 38.13 -10.15
CA ALA B 326 11.18 38.57 -11.54
C ALA B 326 11.39 37.41 -12.53
N PHE B 327 12.28 36.48 -12.20
CA PHE B 327 12.46 35.26 -12.98
C PHE B 327 11.16 34.43 -13.06
N LEU B 328 10.41 34.38 -11.97
CA LEU B 328 9.17 33.63 -11.93
C LEU B 328 7.95 34.38 -12.49
N GLY B 329 8.02 35.71 -12.51
CA GLY B 329 6.91 36.50 -13.02
C GLY B 329 5.84 36.68 -11.96
N LEU B 330 6.28 36.63 -10.72
CA LEU B 330 5.39 36.74 -9.58
C LEU B 330 5.45 38.15 -9.02
N GLU B 331 4.45 38.48 -8.22
CA GLU B 331 4.33 39.81 -7.63
C GLU B 331 4.69 39.75 -6.15
N ARG B 332 5.31 40.82 -5.67
CA ARG B 332 5.67 40.97 -4.28
C ARG B 332 4.44 41.02 -3.36
N MET C 1 55.84 37.83 -19.83
CA MET C 1 56.75 38.94 -19.74
C MET C 1 58.08 38.44 -19.17
N LYS C 2 58.09 37.20 -18.70
CA LYS C 2 59.32 36.60 -18.16
C LYS C 2 59.29 35.12 -18.45
N ILE C 3 58.71 34.33 -17.55
CA ILE C 3 58.75 32.88 -17.70
C ILE C 3 57.38 32.28 -18.06
N ASP C 4 57.42 31.32 -18.97
CA ASP C 4 56.22 30.75 -19.54
C ASP C 4 56.29 29.30 -19.18
N ILE C 5 55.49 28.88 -18.20
CA ILE C 5 55.58 27.52 -17.69
C ILE C 5 54.85 26.48 -18.53
N HIS C 6 53.92 26.94 -19.37
CA HIS C 6 53.11 26.03 -20.17
C HIS C 6 53.28 26.31 -21.66
N SER C 7 54.22 25.62 -22.31
CA SER C 7 54.33 25.69 -23.76
C SER C 7 54.75 24.33 -24.29
N HIS C 8 54.24 23.99 -25.47
CA HIS C 8 54.50 22.69 -26.04
C HIS C 8 55.47 22.75 -27.24
N ILE C 9 56.16 21.65 -27.48
CA ILE C 9 57.08 21.53 -28.60
C ILE C 9 57.12 20.09 -29.07
N LEU C 10 57.33 19.90 -30.37
CA LEU C 10 57.40 18.58 -30.98
C LEU C 10 58.70 18.45 -31.73
N PRO C 11 59.36 17.27 -31.68
CA PRO C 11 60.56 17.07 -32.52
C PRO C 11 60.26 17.36 -33.99
N LYS C 12 61.20 17.92 -34.72
CA LYS C 12 60.95 18.25 -36.12
C LYS C 12 60.52 17.02 -36.94
N GLU C 13 61.10 15.88 -36.63
CA GLU C 13 60.70 14.62 -37.26
C GLU C 13 61.00 13.43 -36.35
N TRP C 14 60.17 12.41 -36.42
CA TRP C 14 60.43 11.16 -35.71
C TRP C 14 60.00 9.97 -36.57
N PRO C 15 60.53 8.78 -36.26
CA PRO C 15 60.28 7.56 -37.05
C PRO C 15 58.81 7.19 -37.08
N ASP C 16 58.40 6.41 -38.08
CA ASP C 16 57.04 5.89 -38.12
C ASP C 16 56.94 4.90 -36.97
N LEU C 17 55.95 5.10 -36.11
CA LEU C 17 55.91 4.34 -34.85
C LEU C 17 55.14 3.03 -34.94
N LYS C 18 54.10 2.97 -35.77
CA LYS C 18 53.47 1.68 -36.03
C LYS C 18 54.52 0.68 -36.50
N LYS C 19 55.46 1.15 -37.32
CA LYS C 19 56.51 0.29 -37.86
C LYS C 19 57.57 -0.07 -36.83
N ARG C 20 57.95 0.89 -35.98
CA ARG C 20 58.97 0.65 -34.96
C ARG C 20 58.47 -0.24 -33.85
N PHE C 21 57.16 -0.22 -33.61
CA PHE C 21 56.59 -0.91 -32.46
C PHE C 21 55.64 -2.07 -32.82
N GLY C 22 55.21 -2.15 -34.08
CA GLY C 22 54.37 -3.25 -34.54
C GLY C 22 52.85 -3.02 -34.53
N TYR C 23 52.40 -1.87 -34.07
CA TYR C 23 50.96 -1.62 -33.98
C TYR C 23 50.59 -0.13 -34.08
N GLY C 24 49.35 0.15 -34.47
CA GLY C 24 48.96 1.49 -34.83
C GLY C 24 48.34 2.32 -33.73
N GLY C 25 47.77 3.46 -34.10
CA GLY C 25 47.22 4.39 -33.14
C GLY C 25 48.11 5.59 -32.80
N TRP C 26 49.40 5.55 -33.16
CA TRP C 26 50.34 6.62 -32.80
C TRP C 26 50.12 7.88 -33.64
N VAL C 27 50.89 8.92 -33.33
CA VAL C 27 50.76 10.18 -34.07
C VAL C 27 52.04 10.55 -34.82
N GLN C 28 51.89 11.23 -35.95
CA GLN C 28 53.02 11.53 -36.82
C GLN C 28 52.86 12.94 -37.34
N LEU C 29 53.98 13.58 -37.65
CA LEU C 29 53.99 14.94 -38.15
C LEU C 29 54.37 14.99 -39.65
N GLN C 30 53.40 15.31 -40.51
CA GLN C 30 53.69 15.48 -41.93
C GLN C 30 53.93 16.95 -42.31
N HIS C 31 55.12 17.24 -42.84
CA HIS C 31 55.43 18.57 -43.36
C HIS C 31 54.90 18.68 -44.77
N HIS C 32 53.81 19.44 -44.92
CA HIS C 32 53.11 19.51 -46.20
C HIS C 32 53.31 20.83 -46.93
N SER C 33 53.81 21.84 -46.22
CA SER C 33 54.04 23.16 -46.82
C SER C 33 55.06 23.95 -46.03
N LYS C 34 55.38 25.15 -46.49
CA LYS C 34 56.39 25.99 -45.84
C LYS C 34 55.84 26.63 -44.56
N GLY C 35 56.44 26.27 -43.43
CA GLY C 35 55.93 26.70 -42.14
C GLY C 35 54.84 25.77 -41.63
N GLU C 36 54.00 25.29 -42.54
CA GLU C 36 52.91 24.38 -42.20
C GLU C 36 53.38 22.99 -41.74
N ALA C 37 52.42 22.08 -41.51
CA ALA C 37 52.70 20.75 -40.99
C ALA C 37 51.49 20.27 -40.22
N LYS C 38 51.02 19.07 -40.52
CA LYS C 38 49.80 18.57 -39.91
C LYS C 38 50.06 17.37 -39.01
N LEU C 39 49.41 17.36 -37.84
CA LEU C 39 49.51 16.22 -36.94
C LEU C 39 48.47 15.17 -37.32
N LEU C 40 48.91 13.93 -37.45
CA LEU C 40 48.06 12.83 -37.93
C LEU C 40 47.93 11.75 -36.87
N LYS C 41 46.74 11.14 -36.79
CA LYS C 41 46.46 10.02 -35.87
C LYS C 41 45.70 8.85 -36.49
N ASP C 42 46.40 8.04 -37.30
CA ASP C 42 45.77 7.06 -38.21
C ASP C 42 44.45 7.61 -38.82
N GLY C 43 44.59 8.25 -39.98
CA GLY C 43 43.47 8.76 -40.74
C GLY C 43 43.16 10.22 -40.47
N LYS C 44 42.90 10.54 -39.21
CA LYS C 44 42.41 11.85 -38.83
C LYS C 44 43.48 12.95 -38.79
N VAL C 45 43.09 14.15 -39.17
CA VAL C 45 43.92 15.34 -39.04
C VAL C 45 43.76 15.88 -37.64
N PHE C 46 44.65 15.49 -36.74
CA PHE C 46 44.48 15.91 -35.36
C PHE C 46 44.66 17.41 -35.15
N ARG C 47 45.61 18.02 -35.86
CA ARG C 47 45.90 19.43 -35.68
C ARG C 47 46.85 19.99 -36.72
N VAL C 48 46.54 21.19 -37.21
CA VAL C 48 47.45 21.89 -38.12
C VAL C 48 48.32 22.84 -37.31
N VAL C 49 49.64 22.72 -37.46
CA VAL C 49 50.58 23.52 -36.70
C VAL C 49 51.58 24.21 -37.63
N ARG C 50 52.24 25.25 -37.12
CA ARG C 50 53.24 25.95 -37.90
C ARG C 50 54.64 25.67 -37.39
N GLU C 51 55.59 26.39 -37.95
CA GLU C 51 56.99 26.10 -37.74
C GLU C 51 57.38 26.35 -36.29
N ASN C 52 56.72 27.32 -35.66
CA ASN C 52 57.04 27.64 -34.28
C ASN C 52 56.76 26.50 -33.33
N CYS C 53 56.14 25.44 -33.83
CA CYS C 53 55.90 24.24 -33.05
C CYS C 53 57.08 23.28 -32.93
N TRP C 54 58.18 23.55 -33.62
CA TRP C 54 59.32 22.61 -33.57
C TRP C 54 60.69 23.25 -33.75
N ASP C 55 60.72 24.45 -34.34
CA ASP C 55 61.96 25.17 -34.58
C ASP C 55 62.21 26.24 -33.51
N PRO C 56 63.22 26.01 -32.68
CA PRO C 56 63.59 26.88 -31.55
C PRO C 56 63.96 28.30 -31.98
N GLU C 57 64.55 28.46 -33.16
CA GLU C 57 64.96 29.79 -33.61
C GLU C 57 63.74 30.64 -33.93
N VAL C 58 62.72 29.98 -34.49
CA VAL C 58 61.43 30.61 -34.76
C VAL C 58 60.72 31.06 -33.49
N ARG C 59 60.86 30.29 -32.42
CA ARG C 59 60.18 30.60 -31.18
C ARG C 59 60.85 31.77 -30.48
N ILE C 60 62.17 31.81 -30.59
CA ILE C 60 62.95 32.88 -29.99
C ILE C 60 62.65 34.22 -30.64
N ARG C 61 62.45 34.24 -31.95
CA ARG C 61 61.99 35.45 -32.61
C ARG C 61 60.59 35.83 -32.08
N GLU C 62 59.77 34.84 -31.77
CA GLU C 62 58.47 35.15 -31.17
C GLU C 62 58.54 35.50 -29.69
N MET C 63 59.51 34.95 -28.97
CA MET C 63 59.72 35.34 -27.58
C MET C 63 60.24 36.77 -27.52
N ASP C 64 61.40 37.01 -28.12
CA ASP C 64 61.96 38.35 -28.16
C ASP C 64 60.90 39.41 -28.54
N GLN C 65 59.99 39.06 -29.44
CA GLN C 65 58.92 39.96 -29.88
C GLN C 65 57.93 40.27 -28.76
N LYS C 66 57.49 39.21 -28.06
CA LYS C 66 56.45 39.30 -27.04
C LYS C 66 57.00 39.64 -25.65
N GLY C 67 58.30 39.53 -25.50
CA GLY C 67 58.93 39.87 -24.23
C GLY C 67 59.04 38.71 -23.26
N VAL C 68 58.96 37.48 -23.77
CA VAL C 68 59.17 36.30 -22.94
C VAL C 68 60.65 35.95 -22.86
N THR C 69 61.15 35.83 -21.64
CA THR C 69 62.56 35.52 -21.44
C THR C 69 62.79 34.04 -21.59
N VAL C 70 61.95 33.24 -20.95
CA VAL C 70 62.06 31.80 -21.11
C VAL C 70 60.72 31.10 -21.27
N GLN C 71 60.81 29.90 -21.83
CA GLN C 71 59.67 29.08 -22.13
C GLN C 71 60.06 27.71 -21.63
N ALA C 72 59.37 27.24 -20.59
CA ALA C 72 59.54 25.85 -20.18
C ALA C 72 58.91 24.98 -21.25
N LEU C 73 59.65 23.98 -21.69
CA LEU C 73 59.24 23.15 -22.82
C LEU C 73 58.84 21.73 -22.40
N SER C 74 57.66 21.33 -22.87
CA SER C 74 57.13 19.99 -22.64
C SER C 74 56.56 19.51 -23.96
N THR C 75 56.40 18.20 -24.09
CA THR C 75 55.86 17.66 -25.32
C THR C 75 54.37 17.98 -25.45
N VAL C 76 53.78 17.67 -26.60
CA VAL C 76 52.34 17.85 -26.78
C VAL C 76 51.62 16.68 -26.08
N PRO C 77 50.61 16.96 -25.27
CA PRO C 77 50.04 15.93 -24.37
C PRO C 77 49.53 14.63 -25.02
N VAL C 78 49.06 14.69 -26.26
CA VAL C 78 48.66 13.48 -26.97
C VAL C 78 49.83 12.49 -27.20
N MET C 79 51.05 12.94 -26.95
CA MET C 79 52.25 12.13 -27.13
C MET C 79 52.54 11.27 -25.92
N PHE C 80 51.76 11.47 -24.86
CA PHE C 80 51.93 10.73 -23.62
C PHE C 80 52.00 9.23 -23.83
N SER C 81 51.05 8.69 -24.60
CA SER C 81 51.05 7.28 -24.96
C SER C 81 50.98 6.32 -23.76
N TYR C 82 50.28 6.71 -22.69
CA TYR C 82 50.14 5.82 -21.52
C TYR C 82 49.40 4.48 -21.81
N TRP C 83 48.81 4.35 -22.99
CA TRP C 83 47.96 3.21 -23.32
C TRP C 83 48.68 2.07 -24.04
N ALA C 84 50.00 2.18 -24.19
CA ALA C 84 50.77 1.26 -25.04
C ALA C 84 51.66 0.33 -24.23
N LYS C 85 52.40 -0.54 -24.92
CA LYS C 85 53.36 -1.38 -24.22
C LYS C 85 54.28 -0.44 -23.44
N PRO C 86 54.41 -0.67 -22.13
CA PRO C 86 55.26 0.20 -21.33
C PRO C 86 56.56 0.52 -22.06
N GLU C 87 57.34 -0.52 -22.38
CA GLU C 87 58.67 -0.34 -22.94
C GLU C 87 58.70 0.44 -24.26
N ASP C 88 57.59 0.44 -24.99
CA ASP C 88 57.49 1.30 -26.17
C ASP C 88 57.33 2.76 -25.75
N THR C 89 56.25 3.07 -25.04
CA THR C 89 56.08 4.39 -24.45
C THR C 89 57.41 4.91 -23.90
N LEU C 90 58.13 4.08 -23.16
CA LEU C 90 59.42 4.48 -22.62
C LEU C 90 60.33 4.91 -23.75
N ASN C 91 60.48 4.05 -24.74
CA ASN C 91 61.30 4.36 -25.91
C ASN C 91 60.90 5.67 -26.57
N LEU C 92 59.61 5.96 -26.58
CA LEU C 92 59.15 7.22 -27.14
C LEU C 92 59.55 8.39 -26.26
N CYS C 93 59.56 8.17 -24.95
CA CYS C 93 59.91 9.19 -23.98
C CYS C 93 61.37 9.58 -24.08
N GLN C 94 62.23 8.57 -24.21
CA GLN C 94 63.66 8.81 -24.31
C GLN C 94 63.89 9.71 -25.51
N LEU C 95 63.28 9.33 -26.63
CA LEU C 95 63.36 10.11 -27.86
C LEU C 95 62.90 11.56 -27.66
N LEU C 96 61.68 11.72 -27.14
CA LEU C 96 61.10 13.05 -26.91
C LEU C 96 61.87 13.89 -25.88
N ASN C 97 62.23 13.24 -24.77
CA ASN C 97 63.11 13.82 -23.76
C ASN C 97 64.50 14.20 -24.30
N ASN C 98 65.09 13.31 -25.11
CA ASN C 98 66.39 13.59 -25.75
C ASN C 98 66.31 14.75 -26.72
N ASP C 99 65.18 14.88 -27.42
CA ASP C 99 65.00 16.00 -28.33
C ASP C 99 64.91 17.33 -27.55
N LEU C 100 64.12 17.35 -26.48
CA LEU C 100 64.02 18.56 -25.63
C LEU C 100 65.35 18.93 -25.02
N ALA C 101 66.06 17.94 -24.47
CA ALA C 101 67.35 18.22 -23.87
C ALA C 101 68.21 18.99 -24.86
N SER C 102 68.19 18.57 -26.13
CA SER C 102 69.01 19.18 -27.20
C SER C 102 68.63 20.61 -27.55
N THR C 103 67.34 20.96 -27.43
CA THR C 103 66.96 22.34 -27.69
C THR C 103 67.39 23.21 -26.52
N VAL C 104 67.20 22.69 -25.31
CA VAL C 104 67.57 23.40 -24.09
C VAL C 104 69.07 23.72 -24.12
N VAL C 105 69.88 22.70 -24.36
CA VAL C 105 71.31 22.88 -24.47
C VAL C 105 71.72 23.91 -25.53
N SER C 106 70.91 24.05 -26.56
CA SER C 106 71.23 24.99 -27.63
C SER C 106 70.85 26.44 -27.31
N TYR C 107 69.90 26.63 -26.40
CA TYR C 107 69.61 27.97 -25.91
C TYR C 107 69.33 27.90 -24.41
N PRO C 108 70.37 27.65 -23.60
CA PRO C 108 70.21 27.32 -22.19
C PRO C 108 69.69 28.49 -21.32
N ARG C 109 69.53 29.67 -21.89
CA ARG C 109 69.04 30.77 -21.08
C ARG C 109 67.70 31.29 -21.62
N ARG C 110 67.04 30.45 -22.45
CA ARG C 110 65.71 30.73 -22.97
C ARG C 110 64.79 29.49 -22.83
N PHE C 111 65.37 28.36 -22.41
CA PHE C 111 64.63 27.13 -22.37
C PHE C 111 64.93 26.26 -21.16
N VAL C 112 63.90 25.71 -20.54
CA VAL C 112 64.08 24.59 -19.62
C VAL C 112 63.21 23.47 -20.16
N GLY C 113 63.44 22.24 -19.71
CA GLY C 113 62.68 21.13 -20.24
C GLY C 113 61.87 20.41 -19.16
N LEU C 114 60.59 20.12 -19.43
CA LEU C 114 59.81 19.26 -18.54
C LEU C 114 59.58 17.93 -19.24
N GLY C 115 60.16 16.86 -18.69
CA GLY C 115 60.12 15.55 -19.35
C GLY C 115 58.80 14.82 -19.32
N THR C 116 58.70 13.79 -20.13
CA THR C 116 57.51 12.94 -20.17
C THR C 116 57.90 11.53 -19.70
N LEU C 117 57.00 10.86 -18.97
CA LEU C 117 57.31 9.53 -18.46
C LEU C 117 56.37 8.42 -18.97
N PRO C 118 56.76 7.15 -18.77
CA PRO C 118 55.86 6.03 -19.07
C PRO C 118 55.04 5.71 -17.83
N MET C 119 53.98 6.49 -17.59
CA MET C 119 53.28 6.44 -16.31
C MET C 119 52.50 5.14 -16.06
N GLN C 120 52.18 4.41 -17.12
CA GLN C 120 51.54 3.11 -16.92
C GLN C 120 52.50 2.09 -16.31
N ALA C 121 53.77 2.47 -16.15
CA ALA C 121 54.76 1.61 -15.49
C ALA C 121 55.58 2.37 -14.45
N PRO C 122 55.06 2.48 -13.22
CA PRO C 122 55.65 3.34 -12.19
C PRO C 122 57.17 3.20 -12.00
N GLU C 123 57.72 2.01 -12.27
CA GLU C 123 59.15 1.78 -12.04
C GLU C 123 60.00 2.15 -13.26
N LEU C 124 59.51 1.81 -14.44
CA LEU C 124 60.09 2.36 -15.65
C LEU C 124 60.01 3.88 -15.66
N ALA C 125 58.97 4.42 -15.03
CA ALA C 125 58.77 5.87 -14.96
C ALA C 125 59.77 6.49 -13.99
N VAL C 126 60.05 5.79 -12.90
CA VAL C 126 60.99 6.29 -11.91
C VAL C 126 62.43 6.31 -12.47
N LYS C 127 62.80 5.25 -13.18
CA LYS C 127 64.11 5.20 -13.83
C LYS C 127 64.28 6.38 -14.78
N GLU C 128 63.36 6.51 -15.73
CA GLU C 128 63.44 7.58 -16.74
C GLU C 128 63.33 8.94 -16.07
N MET C 129 62.74 8.96 -14.87
CA MET C 129 62.73 10.19 -14.10
C MET C 129 64.17 10.60 -13.71
N GLU C 130 64.90 9.76 -12.97
CA GLU C 130 66.29 10.10 -12.65
C GLU C 130 67.06 10.50 -13.89
N ARG C 131 66.86 9.77 -14.97
CA ARG C 131 67.60 10.03 -16.20
C ARG C 131 67.32 11.45 -16.66
N CYS C 132 66.06 11.85 -16.58
CA CYS C 132 65.64 13.18 -16.96
C CYS C 132 66.30 14.22 -16.08
N VAL C 133 66.40 13.91 -14.80
CA VAL C 133 66.88 14.86 -13.80
C VAL C 133 68.41 14.84 -13.74
N LYS C 134 68.98 13.64 -13.70
CA LYS C 134 70.42 13.46 -13.52
C LYS C 134 71.26 13.76 -14.76
N GLU C 135 70.90 13.14 -15.88
CA GLU C 135 71.66 13.31 -17.11
C GLU C 135 71.19 14.49 -17.98
N LEU C 136 69.87 14.74 -18.06
CA LEU C 136 69.39 15.79 -18.96
C LEU C 136 69.13 17.13 -18.26
N GLY C 137 69.26 17.13 -16.95
CA GLY C 137 69.07 18.36 -16.18
C GLY C 137 67.71 19.04 -16.23
N PHE C 138 66.63 18.28 -16.43
CA PHE C 138 65.29 18.87 -16.31
C PHE C 138 64.96 19.30 -14.87
N PRO C 139 64.28 20.46 -14.68
CA PRO C 139 63.71 20.85 -13.38
C PRO C 139 62.41 20.13 -13.03
N GLY C 140 61.87 19.32 -13.92
CA GLY C 140 60.67 18.57 -13.59
C GLY C 140 60.12 17.81 -14.77
N VAL C 141 58.93 17.24 -14.61
CA VAL C 141 58.26 16.57 -15.71
C VAL C 141 56.80 16.98 -15.84
N GLN C 142 56.19 16.56 -16.94
CA GLN C 142 54.78 16.80 -17.21
C GLN C 142 54.08 15.46 -17.36
N ILE C 143 52.88 15.33 -16.79
CA ILE C 143 52.14 14.08 -16.78
C ILE C 143 50.68 14.40 -17.00
N GLY C 144 49.92 13.43 -17.50
CA GLY C 144 48.50 13.62 -17.70
C GLY C 144 47.70 13.74 -16.41
N THR C 145 46.46 14.21 -16.51
CA THR C 145 45.59 14.29 -15.35
C THR C 145 45.15 12.90 -14.88
N HIS C 146 45.43 11.88 -15.68
CA HIS C 146 45.17 10.53 -15.25
C HIS C 146 45.91 9.53 -16.14
N VAL C 147 45.99 8.29 -15.69
CA VAL C 147 46.76 7.26 -16.38
C VAL C 147 45.90 6.01 -16.63
N ASN C 148 45.36 5.89 -17.84
CA ASN C 148 44.29 4.93 -18.11
C ASN C 148 43.23 4.98 -17.00
N GLU C 149 42.99 3.85 -16.35
CA GLU C 149 41.97 3.81 -15.30
C GLU C 149 42.47 4.42 -13.98
N TRP C 150 43.79 4.64 -13.86
CA TRP C 150 44.38 5.28 -12.68
C TRP C 150 44.23 6.79 -12.71
N ASP C 151 43.55 7.33 -11.70
CA ASP C 151 43.58 8.76 -11.45
C ASP C 151 44.77 9.00 -10.54
N LEU C 152 45.10 10.26 -10.28
CA LEU C 152 46.36 10.58 -9.62
C LEU C 152 46.44 10.17 -8.14
N ASN C 153 45.36 9.60 -7.61
CA ASN C 153 45.34 9.11 -6.24
C ASN C 153 45.84 7.67 -6.12
N ALA C 154 45.83 6.95 -7.25
CA ALA C 154 46.28 5.55 -7.34
C ALA C 154 47.55 5.26 -6.54
N GLN C 155 47.50 4.23 -5.70
CA GLN C 155 48.64 3.92 -4.87
C GLN C 155 49.84 3.39 -5.67
N GLU C 156 49.56 2.88 -6.88
CA GLU C 156 50.61 2.38 -7.77
C GLU C 156 51.58 3.48 -8.25
N LEU C 157 51.10 4.71 -8.28
CA LEU C 157 51.89 5.82 -8.79
C LEU C 157 52.72 6.40 -7.68
N PHE C 158 52.57 5.86 -6.47
CA PHE C 158 53.22 6.47 -5.33
C PHE C 158 54.74 6.44 -5.42
N PRO C 159 55.30 5.36 -5.99
CA PRO C 159 56.74 5.30 -6.27
C PRO C 159 57.20 6.47 -7.12
N VAL C 160 56.30 7.00 -7.94
CA VAL C 160 56.64 8.14 -8.78
C VAL C 160 56.71 9.42 -7.95
N TYR C 161 55.80 9.55 -6.98
CA TYR C 161 55.80 10.72 -6.11
C TYR C 161 56.99 10.69 -5.18
N ALA C 162 57.24 9.53 -4.58
CA ALA C 162 58.39 9.39 -3.68
C ALA C 162 59.62 9.85 -4.46
N ALA C 163 59.95 9.13 -5.53
CA ALA C 163 61.07 9.49 -6.40
C ALA C 163 61.10 10.98 -6.71
N ALA C 164 59.98 11.51 -7.20
CA ALA C 164 59.90 12.92 -7.57
C ALA C 164 60.21 13.83 -6.40
N GLU C 165 59.91 13.38 -5.19
CA GLU C 165 60.21 14.16 -3.99
C GLU C 165 61.72 14.11 -3.68
N ARG C 166 62.34 12.94 -3.85
CA ARG C 166 63.76 12.75 -3.61
C ARG C 166 64.66 13.53 -4.58
N LEU C 167 64.33 13.45 -5.86
CA LEU C 167 65.09 14.16 -6.89
C LEU C 167 64.73 15.65 -6.97
N LYS C 168 63.76 16.09 -6.16
CA LYS C 168 63.28 17.48 -6.21
C LYS C 168 62.74 17.80 -7.58
N CYS C 169 62.04 16.82 -8.17
CA CYS C 169 61.45 16.95 -9.50
C CYS C 169 60.01 17.47 -9.41
N SER C 170 59.84 18.73 -9.80
CA SER C 170 58.54 19.38 -9.90
C SER C 170 57.63 18.64 -10.90
N LEU C 171 56.32 18.59 -10.62
CA LEU C 171 55.38 17.92 -11.53
C LEU C 171 54.39 18.91 -12.14
N PHE C 172 54.34 18.96 -13.46
CA PHE C 172 53.33 19.76 -14.14
C PHE C 172 52.23 18.85 -14.68
N VAL C 173 51.02 18.96 -14.12
CA VAL C 173 49.90 18.09 -14.48
C VAL C 173 49.06 18.70 -15.60
N HIS C 174 48.92 18.00 -16.72
CA HIS C 174 48.20 18.52 -17.87
C HIS C 174 46.99 17.63 -18.21
N PRO C 175 45.83 18.25 -18.47
CA PRO C 175 44.66 17.49 -18.90
C PRO C 175 44.87 16.92 -20.28
N TRP C 176 44.26 15.76 -20.51
CA TRP C 176 44.44 15.03 -21.76
C TRP C 176 43.60 13.78 -21.73
N ASP C 177 43.32 13.27 -22.92
CA ASP C 177 42.56 12.03 -23.02
C ASP C 177 41.17 12.20 -22.39
N MET C 178 40.52 13.32 -22.70
CA MET C 178 39.12 13.51 -22.31
C MET C 178 38.25 12.68 -23.24
N GLN C 179 36.99 12.56 -22.85
CA GLN C 179 35.95 12.00 -23.70
C GLN C 179 35.76 12.86 -24.94
N MET C 180 35.83 12.25 -26.12
CA MET C 180 35.86 12.97 -27.38
C MET C 180 34.61 12.76 -28.21
N ASP C 181 33.92 11.65 -27.91
CA ASP C 181 32.73 11.27 -28.66
C ASP C 181 31.48 11.57 -27.87
N GLY C 182 30.35 11.05 -28.36
CA GLY C 182 29.08 11.18 -27.69
C GLY C 182 28.62 12.63 -27.67
N ARG C 183 28.03 13.06 -26.56
CA ARG C 183 27.58 14.44 -26.44
C ARG C 183 28.73 15.42 -26.61
N MET C 184 29.96 14.94 -26.41
CA MET C 184 31.12 15.81 -26.43
C MET C 184 31.61 16.14 -27.84
N ALA C 185 31.17 15.37 -28.82
CA ALA C 185 31.63 15.55 -30.21
C ALA C 185 30.99 16.78 -30.84
N LYS C 186 31.18 17.93 -30.21
CA LYS C 186 30.58 19.17 -30.68
C LYS C 186 31.11 20.37 -29.89
N TYR C 187 31.02 21.54 -30.51
CA TYR C 187 31.32 22.82 -29.88
C TYR C 187 32.66 22.81 -29.16
N TRP C 188 33.56 21.93 -29.57
CA TRP C 188 34.92 21.86 -29.03
C TRP C 188 34.90 21.67 -27.51
N LEU C 189 33.86 20.95 -27.04
CA LEU C 189 33.61 20.71 -25.61
C LEU C 189 34.72 19.92 -24.89
N PRO C 190 35.38 18.99 -25.57
CA PRO C 190 36.45 18.32 -24.84
C PRO C 190 37.52 19.33 -24.42
N TRP C 191 37.76 20.35 -25.23
CA TRP C 191 38.76 21.34 -24.90
C TRP C 191 38.25 22.44 -23.98
N LEU C 192 37.05 22.96 -24.27
CA LEU C 192 36.51 24.06 -23.47
C LEU C 192 36.05 23.60 -22.09
N VAL C 193 35.46 22.40 -22.03
CA VAL C 193 34.84 21.92 -20.81
C VAL C 193 35.53 20.71 -20.20
N GLY C 194 35.86 19.72 -21.02
CA GLY C 194 36.49 18.50 -20.55
C GLY C 194 37.83 18.65 -19.85
N MET C 195 38.75 19.43 -20.43
CA MET C 195 40.07 19.63 -19.81
C MET C 195 39.94 20.24 -18.42
N PRO C 196 39.23 21.37 -18.32
CA PRO C 196 39.07 21.98 -16.99
C PRO C 196 38.48 20.97 -16.01
N ALA C 197 37.58 20.10 -16.48
CA ALA C 197 37.03 19.04 -15.61
C ALA C 197 38.09 18.01 -15.24
N GLU C 198 38.83 17.54 -16.25
CA GLU C 198 39.99 16.66 -16.04
C GLU C 198 40.93 17.15 -14.94
N THR C 199 41.22 18.45 -14.94
CA THR C 199 42.11 19.03 -13.93
C THR C 199 41.52 19.04 -12.50
N THR C 200 40.20 19.29 -12.42
CA THR C 200 39.50 19.41 -11.14
C THR C 200 39.42 18.04 -10.50
N ILE C 201 39.16 17.05 -11.34
CA ILE C 201 39.24 15.66 -10.93
C ILE C 201 40.66 15.30 -10.46
N ALA C 202 41.67 15.75 -11.20
CA ALA C 202 43.05 15.44 -10.82
C ALA C 202 43.43 16.11 -9.50
N ILE C 203 43.10 17.37 -9.34
CA ILE C 203 43.31 17.97 -8.03
C ILE C 203 42.57 17.23 -6.89
N CYS C 204 41.27 16.97 -7.06
CA CYS C 204 40.52 16.31 -6.00
C CYS C 204 41.16 14.98 -5.61
N SER C 205 41.66 14.25 -6.59
CA SER C 205 42.22 12.93 -6.33
C SER C 205 43.53 13.03 -5.57
N MET C 206 44.35 14.01 -5.94
CA MET C 206 45.59 14.20 -5.22
C MET C 206 45.36 14.64 -3.79
N ILE C 207 44.41 15.54 -3.58
CA ILE C 207 44.03 15.91 -2.22
C ILE C 207 43.40 14.76 -1.40
N MET C 208 42.40 14.07 -1.95
CA MET C 208 41.64 13.08 -1.17
C MET C 208 42.32 11.70 -1.14
N GLY C 209 43.27 11.50 -2.05
CA GLY C 209 44.09 10.30 -2.03
C GLY C 209 45.21 10.44 -1.01
N GLY C 210 45.44 11.67 -0.56
CA GLY C 210 46.43 11.92 0.45
C GLY C 210 47.82 12.13 -0.11
N VAL C 211 47.91 12.33 -1.43
CA VAL C 211 49.19 12.60 -2.08
C VAL C 211 49.97 13.78 -1.45
N PHE C 212 49.34 14.95 -1.34
CA PHE C 212 50.03 16.08 -0.70
C PHE C 212 50.36 15.84 0.77
N GLU C 213 49.62 14.93 1.40
CA GLU C 213 49.83 14.61 2.80
C GLU C 213 51.03 13.69 2.96
N LYS C 214 51.04 12.63 2.16
CA LYS C 214 52.14 11.68 2.13
C LYS C 214 53.43 12.33 1.64
N PHE C 215 53.33 13.12 0.56
CA PHE C 215 54.51 13.75 -0.03
C PHE C 215 54.46 15.26 0.07
N PRO C 216 54.72 15.77 1.28
CA PRO C 216 54.54 17.17 1.66
C PRO C 216 55.50 18.11 0.95
N LYS C 217 56.65 17.61 0.50
CA LYS C 217 57.61 18.44 -0.23
C LYS C 217 57.42 18.39 -1.76
N LEU C 218 56.65 17.41 -2.25
CA LEU C 218 56.29 17.36 -3.66
C LEU C 218 55.74 18.72 -4.14
N LYS C 219 56.21 19.19 -5.29
CA LYS C 219 55.79 20.49 -5.81
C LYS C 219 55.04 20.24 -7.08
N VAL C 220 53.79 20.65 -7.12
CA VAL C 220 52.90 20.34 -8.22
C VAL C 220 52.27 21.61 -8.80
N CYS C 221 52.13 21.64 -10.11
CA CYS C 221 51.40 22.73 -10.73
C CYS C 221 50.37 22.15 -11.67
N PHE C 222 49.14 22.63 -11.60
CA PHE C 222 48.07 22.17 -12.49
C PHE C 222 47.84 23.17 -13.63
N ALA C 223 47.46 22.68 -14.81
CA ALA C 223 47.20 23.55 -15.96
C ALA C 223 45.86 24.30 -15.86
N HIS C 224 45.71 25.31 -16.70
CA HIS C 224 44.49 26.14 -16.80
C HIS C 224 43.89 26.53 -15.47
N GLY C 225 44.67 27.25 -14.67
CA GLY C 225 44.23 27.75 -13.39
C GLY C 225 43.52 26.73 -12.52
N GLY C 226 43.76 25.46 -12.73
CA GLY C 226 43.14 24.43 -11.92
C GLY C 226 41.75 24.09 -12.40
N GLY C 227 41.43 24.49 -13.63
CA GLY C 227 40.21 24.08 -14.26
C GLY C 227 39.02 24.78 -13.64
N ALA C 228 38.17 24.04 -12.94
CA ALA C 228 36.99 24.62 -12.30
C ALA C 228 37.30 24.92 -10.85
N PHE C 229 38.26 24.18 -10.29
CA PHE C 229 38.56 24.21 -8.86
C PHE C 229 38.32 25.55 -8.17
N PRO C 230 39.19 26.52 -8.45
CA PRO C 230 39.14 27.83 -7.77
C PRO C 230 37.72 28.34 -7.51
N PHE C 231 36.77 27.97 -8.37
CA PHE C 231 35.40 28.46 -8.23
C PHE C 231 34.49 27.48 -7.51
N THR C 232 34.78 26.20 -7.66
CA THR C 232 33.97 25.14 -7.07
C THR C 232 34.53 24.53 -5.77
N VAL C 233 35.61 25.11 -5.21
CA VAL C 233 36.21 24.54 -4.00
C VAL C 233 35.30 24.72 -2.79
N GLY C 234 34.39 25.67 -2.88
CA GLY C 234 33.39 25.81 -1.83
C GLY C 234 32.60 24.51 -1.79
N ARG C 235 31.98 24.19 -2.92
CA ARG C 235 31.24 22.94 -3.08
C ARG C 235 32.07 21.72 -2.69
N ILE C 236 33.26 21.57 -3.26
CA ILE C 236 34.10 20.44 -2.88
C ILE C 236 34.33 20.34 -1.37
N SER C 237 34.61 21.46 -0.71
CA SER C 237 34.88 21.45 0.72
C SER C 237 33.64 21.10 1.58
N HIS C 238 32.61 21.92 1.48
CA HIS C 238 31.33 21.59 2.09
C HIS C 238 30.95 20.13 1.84
N GLY C 239 31.07 19.69 0.59
CA GLY C 239 30.69 18.33 0.23
C GLY C 239 31.41 17.31 1.07
N PHE C 240 32.71 17.54 1.26
CA PHE C 240 33.63 16.65 1.97
C PHE C 240 33.32 16.45 3.45
N SER C 241 32.95 17.52 4.15
CA SER C 241 32.51 17.38 5.55
C SER C 241 31.10 16.80 5.69
N MET C 242 30.32 16.81 4.62
CA MET C 242 28.94 16.29 4.67
C MET C 242 28.87 14.77 4.46
N ARG C 243 29.72 14.22 3.60
CA ARG C 243 29.76 12.76 3.43
C ARG C 243 31.19 12.28 3.55
N PRO C 244 31.80 12.46 4.73
CA PRO C 244 33.16 11.99 4.96
C PRO C 244 33.26 10.51 4.61
N ASP C 245 32.12 9.86 4.46
CA ASP C 245 32.12 8.43 4.18
C ASP C 245 32.29 8.14 2.68
N LEU C 246 32.08 9.15 1.84
CA LEU C 246 32.42 9.03 0.42
C LEU C 246 33.81 9.59 0.14
N CYS C 247 34.17 10.65 0.85
CA CYS C 247 35.33 11.48 0.51
C CYS C 247 36.57 11.24 1.38
N ALA C 248 36.37 10.74 2.60
CA ALA C 248 37.44 10.75 3.59
C ALA C 248 38.11 9.39 3.93
N GLN C 249 37.83 8.34 3.16
CA GLN C 249 38.40 7.02 3.47
C GLN C 249 39.91 6.89 3.19
N ASP C 250 40.49 7.88 2.53
CA ASP C 250 41.94 7.94 2.24
C ASP C 250 42.70 9.01 3.04
N ASN C 251 42.05 10.14 3.30
CA ASN C 251 42.66 11.30 3.95
C ASN C 251 41.59 12.21 4.61
N PRO C 252 41.59 12.30 5.93
CA PRO C 252 40.53 13.06 6.61
C PRO C 252 40.62 14.59 6.52
N MET C 253 41.79 15.14 6.23
CA MET C 253 41.90 16.58 6.19
C MET C 253 41.06 17.15 5.05
N ASN C 254 40.44 18.29 5.31
CA ASN C 254 39.53 18.91 4.35
C ASN C 254 40.34 19.52 3.22
N PRO C 255 39.86 19.38 1.97
CA PRO C 255 40.53 20.01 0.81
C PRO C 255 40.80 21.54 0.94
N LYS C 256 39.98 22.24 1.71
CA LYS C 256 40.18 23.64 2.04
C LYS C 256 41.60 23.90 2.61
N LYS C 257 42.21 22.86 3.17
CA LYS C 257 43.44 23.05 3.92
C LYS C 257 44.65 22.99 2.99
N TYR C 258 44.44 22.45 1.79
CA TYR C 258 45.51 22.26 0.82
C TYR C 258 45.64 23.43 -0.13
N LEU C 259 44.68 24.33 -0.08
CA LEU C 259 44.87 25.60 -0.76
C LEU C 259 46.26 26.12 -0.34
N GLY C 260 47.12 26.39 -1.31
CA GLY C 260 48.45 26.87 -0.99
C GLY C 260 49.50 25.76 -0.94
N SER C 261 49.06 24.52 -1.15
CA SER C 261 49.98 23.41 -1.14
C SER C 261 50.44 23.09 -2.54
N PHE C 262 49.87 23.79 -3.52
CA PHE C 262 50.18 23.51 -4.93
C PHE C 262 50.04 24.74 -5.81
N TYR C 263 50.54 24.64 -7.03
CA TYR C 263 50.61 25.78 -7.93
C TYR C 263 49.59 25.56 -9.03
N THR C 264 49.23 26.62 -9.72
CA THR C 264 48.51 26.51 -11.01
C THR C 264 49.07 27.54 -11.99
N ASP C 265 48.93 27.30 -13.29
CA ASP C 265 49.25 28.33 -14.28
C ASP C 265 48.13 29.37 -14.34
N ALA C 266 48.43 30.55 -14.88
CA ALA C 266 47.51 31.68 -14.81
C ALA C 266 46.66 31.77 -16.07
N LEU C 267 46.64 30.69 -16.82
CA LEU C 267 45.90 30.64 -18.07
C LEU C 267 44.36 30.58 -17.81
N VAL C 268 43.76 31.74 -17.55
CA VAL C 268 42.31 31.81 -17.38
C VAL C 268 41.60 32.87 -18.24
N HIS C 269 42.37 33.66 -18.98
CA HIS C 269 41.83 34.55 -20.03
C HIS C 269 41.10 35.82 -19.55
N ASP C 270 40.53 35.79 -18.35
CA ASP C 270 39.72 36.91 -17.86
C ASP C 270 40.24 37.43 -16.53
N PRO C 271 40.12 38.73 -16.27
CA PRO C 271 40.68 39.31 -15.02
C PRO C 271 39.94 38.95 -13.72
N LEU C 272 38.61 38.81 -13.77
CA LEU C 272 37.85 38.35 -12.60
C LEU C 272 38.32 36.96 -12.19
N SER C 273 38.41 36.08 -13.20
CA SER C 273 38.98 34.74 -13.04
C SER C 273 40.42 34.72 -12.48
N LEU C 274 41.31 35.56 -12.99
CA LEU C 274 42.69 35.61 -12.47
C LEU C 274 42.70 36.15 -11.04
N LYS C 275 41.95 37.21 -10.82
CA LYS C 275 41.82 37.73 -9.45
C LYS C 275 41.35 36.65 -8.47
N LEU C 276 40.32 35.90 -8.85
CA LEU C 276 39.77 34.88 -7.95
C LEU C 276 40.78 33.77 -7.75
N LEU C 277 41.41 33.37 -8.85
CA LEU C 277 42.46 32.36 -8.86
C LEU C 277 43.62 32.70 -7.92
N THR C 278 44.04 33.96 -7.87
CA THR C 278 45.11 34.33 -6.93
C THR C 278 44.60 34.48 -5.51
N ASP C 279 43.34 34.87 -5.36
CA ASP C 279 42.74 34.93 -4.03
C ASP C 279 42.63 33.54 -3.40
N VAL C 280 42.41 32.50 -4.23
CA VAL C 280 42.23 31.14 -3.71
C VAL C 280 43.57 30.37 -3.59
N ILE C 281 44.36 30.33 -4.65
CA ILE C 281 45.63 29.59 -4.61
C ILE C 281 46.77 30.36 -3.95
N GLY C 282 46.70 31.70 -4.05
CA GLY C 282 47.65 32.57 -3.41
C GLY C 282 48.50 33.32 -4.43
N LYS C 283 48.86 34.56 -4.11
CA LYS C 283 49.74 35.34 -4.97
C LYS C 283 51.06 34.58 -5.22
N ASP C 284 51.37 33.62 -4.35
CA ASP C 284 52.65 32.96 -4.28
C ASP C 284 52.71 31.73 -5.16
N LYS C 285 51.56 31.35 -5.68
CA LYS C 285 51.38 30.02 -6.23
C LYS C 285 50.80 30.03 -7.63
N VAL C 286 50.65 31.20 -8.22
CA VAL C 286 50.12 31.30 -9.59
C VAL C 286 51.26 31.63 -10.55
N ILE C 287 51.38 30.84 -11.62
CA ILE C 287 52.50 30.96 -12.58
C ILE C 287 52.09 31.25 -14.03
N LEU C 288 52.74 32.24 -14.65
CA LEU C 288 52.43 32.57 -16.04
C LEU C 288 52.54 31.35 -16.96
N GLY C 289 51.48 31.10 -17.71
CA GLY C 289 51.38 29.96 -18.60
C GLY C 289 50.61 30.39 -19.83
N THR C 290 51.00 29.85 -20.99
CA THR C 290 50.58 30.39 -22.28
C THR C 290 49.90 29.40 -23.27
N ASP C 291 50.19 28.10 -23.14
CA ASP C 291 49.79 27.07 -24.11
C ASP C 291 50.29 27.42 -25.52
N TYR C 292 51.40 28.13 -25.56
CA TYR C 292 52.15 28.34 -26.80
C TYR C 292 52.53 26.99 -27.38
N PRO C 293 52.37 26.84 -28.69
CA PRO C 293 51.92 27.90 -29.59
C PRO C 293 50.50 27.72 -30.11
N PHE C 294 49.59 27.18 -29.30
CA PHE C 294 48.23 26.88 -29.75
C PHE C 294 47.23 28.04 -29.69
N PRO C 295 46.20 27.98 -30.54
CA PRO C 295 45.25 29.08 -30.65
C PRO C 295 44.38 29.26 -29.42
N LEU C 296 44.19 28.20 -28.63
CA LEU C 296 43.38 28.31 -27.42
C LEU C 296 44.21 28.82 -26.23
N GLY C 297 45.41 29.32 -26.52
CA GLY C 297 46.28 29.90 -25.50
C GLY C 297 46.20 31.43 -25.41
N GLU C 298 46.97 32.02 -24.50
CA GLU C 298 47.01 33.47 -24.46
C GLU C 298 47.94 33.96 -25.57
N LEU C 299 47.37 34.76 -26.47
CA LEU C 299 48.06 35.27 -27.64
C LEU C 299 49.10 36.37 -27.35
N GLU C 300 48.90 37.12 -26.27
CA GLU C 300 49.86 38.16 -25.86
C GLU C 300 50.41 37.87 -24.48
N PRO C 301 51.49 37.07 -24.41
CA PRO C 301 52.15 36.59 -23.19
C PRO C 301 52.27 37.64 -22.09
N GLY C 302 51.58 37.38 -20.98
CA GLY C 302 51.66 38.23 -19.82
C GLY C 302 50.77 39.46 -19.84
N LYS C 303 49.93 39.61 -20.87
CA LYS C 303 49.17 40.84 -21.02
C LYS C 303 48.11 41.00 -19.93
N LEU C 304 47.28 39.98 -19.77
CA LEU C 304 46.24 39.98 -18.75
C LEU C 304 46.82 40.35 -17.38
N ILE C 305 47.93 39.72 -17.02
CA ILE C 305 48.60 39.98 -15.73
C ILE C 305 49.05 41.44 -15.60
N GLU C 306 49.33 42.09 -16.72
CA GLU C 306 49.82 43.48 -16.75
C GLU C 306 48.70 44.52 -16.71
N SER C 307 47.54 44.19 -17.30
CA SER C 307 46.38 45.07 -17.23
C SER C 307 45.69 45.05 -15.86
N MET C 308 46.12 44.12 -15.00
CA MET C 308 45.46 43.93 -13.70
C MET C 308 45.54 45.16 -12.84
N GLU C 309 44.58 46.05 -13.03
CA GLU C 309 44.30 47.17 -12.15
C GLU C 309 44.50 46.87 -10.65
N GLU C 310 44.12 45.68 -10.23
CA GLU C 310 44.01 45.32 -8.82
C GLU C 310 45.29 44.80 -8.20
N PHE C 311 46.30 44.53 -9.04
CA PHE C 311 47.58 44.02 -8.58
C PHE C 311 48.63 45.13 -8.49
N ASP C 312 49.47 45.06 -7.47
CA ASP C 312 50.61 45.96 -7.37
C ASP C 312 51.73 45.45 -8.31
N GLU C 313 52.97 45.70 -7.91
CA GLU C 313 54.14 45.37 -8.73
C GLU C 313 54.88 44.14 -8.25
N GLU C 314 55.11 44.03 -6.93
CA GLU C 314 55.67 42.81 -6.37
C GLU C 314 54.86 41.59 -6.82
N THR C 315 53.55 41.77 -6.95
CA THR C 315 52.62 40.70 -7.30
C THR C 315 52.71 40.32 -8.77
N LYS C 316 52.67 41.32 -9.63
CA LYS C 316 52.81 41.11 -11.06
C LYS C 316 54.13 40.41 -11.43
N ASN C 317 55.19 40.68 -10.69
CA ASN C 317 56.47 40.03 -10.97
C ASN C 317 56.50 38.59 -10.48
N LYS C 318 55.63 38.26 -9.54
CA LYS C 318 55.62 36.89 -9.04
C LYS C 318 54.93 36.00 -10.05
N LEU C 319 53.76 36.43 -10.53
CA LEU C 319 52.99 35.63 -11.47
C LEU C 319 53.75 35.51 -12.79
N LYS C 320 54.55 36.53 -13.13
CA LYS C 320 55.33 36.50 -14.37
C LYS C 320 56.63 35.70 -14.32
N ALA C 321 57.30 35.64 -13.18
CA ALA C 321 58.59 34.94 -13.16
C ALA C 321 58.97 34.34 -11.81
N GLY C 322 58.73 35.05 -10.72
CA GLY C 322 59.17 34.61 -9.41
C GLY C 322 58.57 33.29 -8.96
N ASN C 323 57.24 33.15 -9.04
CA ASN C 323 56.62 31.89 -8.65
C ASN C 323 57.08 30.71 -9.50
N ALA C 324 57.33 30.97 -10.78
CA ALA C 324 57.83 29.93 -11.69
C ALA C 324 59.20 29.45 -11.24
N LEU C 325 60.08 30.40 -10.91
CA LEU C 325 61.44 30.09 -10.49
C LEU C 325 61.45 29.38 -9.14
N ALA C 326 60.47 29.67 -8.32
CA ALA C 326 60.33 28.98 -7.05
C ALA C 326 59.91 27.54 -7.29
N PHE C 327 58.95 27.36 -8.21
CA PHE C 327 58.36 26.03 -8.48
C PHE C 327 59.37 25.06 -9.09
N LEU C 328 60.19 25.55 -10.02
CA LEU C 328 61.19 24.70 -10.67
C LEU C 328 62.51 24.72 -9.89
N GLY C 329 62.60 25.60 -8.91
CA GLY C 329 63.79 25.69 -8.10
C GLY C 329 65.01 26.18 -8.87
N LEU C 330 64.76 27.00 -9.89
CA LEU C 330 65.83 27.65 -10.63
C LEU C 330 66.06 29.05 -10.04
N GLU C 331 67.11 29.73 -10.51
CA GLU C 331 67.49 31.01 -9.94
C GLU C 331 67.61 32.14 -10.96
N ARG C 332 67.03 33.28 -10.62
CA ARG C 332 67.17 34.51 -11.41
C ARG C 332 68.63 34.77 -11.77
N MET D 1 -15.72 -17.60 14.44
CA MET D 1 -16.66 -17.41 15.53
C MET D 1 -18.02 -17.95 15.11
N LYS D 2 -18.08 -18.58 13.93
CA LYS D 2 -19.31 -19.24 13.48
C LYS D 2 -19.21 -20.75 13.73
N ILE D 3 -18.51 -21.48 12.85
CA ILE D 3 -18.45 -22.95 12.94
C ILE D 3 -17.07 -23.50 13.38
N ASP D 4 -17.11 -24.53 14.23
CA ASP D 4 -15.89 -25.14 14.76
C ASP D 4 -15.73 -26.62 14.32
N ILE D 5 -14.77 -26.90 13.45
CA ILE D 5 -14.65 -28.23 12.85
C ILE D 5 -13.88 -29.25 13.72
N HIS D 6 -13.07 -28.75 14.64
CA HIS D 6 -12.13 -29.58 15.42
C HIS D 6 -12.50 -29.48 16.89
N SER D 7 -13.37 -30.35 17.35
CA SER D 7 -13.71 -30.39 18.77
C SER D 7 -14.01 -31.81 19.22
N HIS D 8 -13.76 -32.06 20.49
CA HIS D 8 -13.79 -33.42 21.00
C HIS D 8 -14.75 -33.53 22.17
N ILE D 9 -15.52 -34.62 22.19
CA ILE D 9 -16.45 -34.84 23.27
C ILE D 9 -16.38 -36.29 23.72
N LEU D 10 -16.88 -36.55 24.92
CA LEU D 10 -16.90 -37.90 25.46
C LEU D 10 -18.25 -38.25 26.02
N PRO D 11 -18.57 -39.54 26.04
CA PRO D 11 -19.74 -39.94 26.82
C PRO D 11 -19.40 -39.77 28.29
N LYS D 12 -20.35 -39.26 29.07
CA LYS D 12 -20.14 -39.09 30.50
C LYS D 12 -19.54 -40.34 31.16
N GLU D 13 -19.96 -41.53 30.71
CA GLU D 13 -19.58 -42.81 31.33
C GLU D 13 -19.58 -43.92 30.28
N TRP D 14 -18.75 -44.93 30.49
CA TRP D 14 -18.81 -46.14 29.66
C TRP D 14 -18.40 -47.41 30.44
N PRO D 15 -18.84 -48.58 29.96
CA PRO D 15 -18.54 -49.83 30.65
C PRO D 15 -17.03 -50.06 30.77
N ASP D 16 -16.63 -50.85 31.76
CA ASP D 16 -15.24 -51.27 31.89
C ASP D 16 -14.83 -52.09 30.65
N LEU D 17 -13.95 -51.51 29.84
CA LEU D 17 -13.64 -52.07 28.52
C LEU D 17 -12.84 -53.37 28.57
N LYS D 18 -11.95 -53.48 29.55
CA LYS D 18 -11.24 -54.72 29.79
C LYS D 18 -12.22 -55.89 29.98
N LYS D 19 -13.00 -55.86 31.06
CA LYS D 19 -14.01 -56.87 31.34
C LYS D 19 -14.86 -57.22 30.13
N ARG D 20 -15.31 -56.21 29.41
CA ARG D 20 -16.18 -56.46 28.26
C ARG D 20 -15.51 -57.25 27.10
N PHE D 21 -14.24 -56.95 26.78
CA PHE D 21 -13.59 -57.57 25.60
C PHE D 21 -12.62 -58.67 25.96
N GLY D 22 -12.03 -58.58 27.14
CA GLY D 22 -11.17 -59.64 27.64
C GLY D 22 -9.68 -59.38 27.65
N TYR D 23 -9.27 -58.15 27.36
CA TYR D 23 -7.85 -57.75 27.45
C TYR D 23 -7.70 -56.27 27.78
N GLY D 24 -6.56 -55.90 28.38
CA GLY D 24 -6.33 -54.53 28.79
C GLY D 24 -5.93 -53.60 27.64
N GLY D 25 -5.49 -52.40 27.98
CA GLY D 25 -5.03 -51.44 26.97
C GLY D 25 -6.02 -50.33 26.69
N TRP D 26 -7.23 -50.44 27.19
CA TRP D 26 -8.26 -49.46 26.90
C TRP D 26 -8.17 -48.27 27.84
N VAL D 27 -9.10 -47.33 27.71
CA VAL D 27 -9.11 -46.19 28.63
C VAL D 27 -10.46 -46.06 29.32
N GLN D 28 -10.45 -45.46 30.51
CA GLN D 28 -11.67 -45.26 31.26
C GLN D 28 -11.76 -43.82 31.69
N LEU D 29 -12.98 -43.32 31.82
CA LEU D 29 -13.20 -42.01 32.40
C LEU D 29 -13.63 -42.22 33.85
N GLN D 30 -12.88 -41.66 34.80
CA GLN D 30 -13.24 -41.81 36.22
C GLN D 30 -13.41 -40.48 36.93
N HIS D 31 -14.67 -40.13 37.24
CA HIS D 31 -14.99 -38.87 37.87
C HIS D 31 -14.52 -38.88 39.32
N HIS D 32 -13.33 -38.31 39.53
CA HIS D 32 -12.66 -38.35 40.82
C HIS D 32 -13.09 -37.18 41.69
N SER D 33 -13.64 -36.15 41.06
CA SER D 33 -13.93 -34.88 41.71
C SER D 33 -14.91 -34.10 40.83
N LYS D 34 -15.94 -33.53 41.45
CA LYS D 34 -17.07 -33.00 40.70
C LYS D 34 -16.68 -31.99 39.63
N GLY D 35 -17.29 -32.11 38.46
CA GLY D 35 -17.02 -31.21 37.36
C GLY D 35 -15.69 -31.46 36.66
N GLU D 36 -14.86 -32.34 37.24
CA GLU D 36 -13.59 -32.73 36.64
C GLU D 36 -13.55 -34.25 36.50
N ALA D 37 -12.69 -34.74 35.60
CA ALA D 37 -12.54 -36.18 35.40
C ALA D 37 -11.17 -36.56 34.86
N LYS D 38 -10.71 -37.75 35.20
CA LYS D 38 -9.42 -38.28 34.75
C LYS D 38 -9.57 -39.41 33.74
N LEU D 39 -8.89 -39.31 32.60
CA LEU D 39 -8.80 -40.42 31.67
C LEU D 39 -7.74 -41.41 32.16
N LEU D 40 -7.98 -42.69 31.98
CA LEU D 40 -7.05 -43.68 32.49
C LEU D 40 -6.73 -44.67 31.40
N LYS D 41 -5.53 -44.58 30.84
CA LYS D 41 -5.10 -45.47 29.78
C LYS D 41 -4.28 -46.60 30.38
N ASP D 42 -4.90 -47.79 30.40
CA ASP D 42 -4.60 -48.89 31.35
C ASP D 42 -3.42 -48.52 32.26
N GLY D 43 -3.73 -47.85 33.39
CA GLY D 43 -2.77 -47.64 34.45
C GLY D 43 -2.52 -46.22 34.93
N LYS D 44 -2.29 -45.31 33.99
CA LYS D 44 -1.87 -43.95 34.36
C LYS D 44 -2.95 -42.93 34.01
N VAL D 45 -2.88 -41.77 34.66
CA VAL D 45 -3.71 -40.63 34.27
C VAL D 45 -3.22 -40.05 32.96
N PHE D 46 -3.87 -40.42 31.86
CA PHE D 46 -3.47 -39.93 30.56
C PHE D 46 -3.76 -38.44 30.49
N ARG D 47 -4.82 -38.00 31.16
CA ARG D 47 -5.21 -36.60 31.08
C ARG D 47 -6.37 -36.25 31.98
N VAL D 48 -6.43 -34.98 32.38
CA VAL D 48 -7.51 -34.48 33.20
C VAL D 48 -8.36 -33.51 32.38
N VAL D 49 -9.64 -33.81 32.24
CA VAL D 49 -10.57 -32.98 31.48
C VAL D 49 -11.64 -32.35 32.39
N ARG D 50 -12.40 -31.40 31.84
CA ARG D 50 -13.44 -30.72 32.59
C ARG D 50 -14.83 -31.09 32.08
N GLU D 51 -15.86 -30.61 32.78
CA GLU D 51 -17.26 -30.89 32.40
C GLU D 51 -17.57 -30.64 30.92
N ASN D 52 -16.95 -29.62 30.32
CA ASN D 52 -17.27 -29.26 28.95
C ASN D 52 -16.82 -30.31 27.96
N CYS D 53 -16.39 -31.46 28.47
CA CYS D 53 -15.85 -32.53 27.65
C CYS D 53 -16.85 -33.67 27.51
N TRP D 54 -17.95 -33.62 28.27
CA TRP D 54 -18.99 -34.63 28.15
C TRP D 54 -20.41 -34.06 28.17
N ASP D 55 -20.59 -32.94 28.87
CA ASP D 55 -21.90 -32.33 29.09
C ASP D 55 -22.22 -31.27 28.03
N PRO D 56 -23.13 -31.59 27.09
CA PRO D 56 -23.49 -30.68 25.99
C PRO D 56 -23.92 -29.29 26.49
N GLU D 57 -24.80 -29.28 27.48
CA GLU D 57 -25.33 -28.05 28.08
C GLU D 57 -24.19 -27.09 28.38
N VAL D 58 -23.18 -27.59 29.06
CA VAL D 58 -22.02 -26.78 29.43
C VAL D 58 -21.28 -26.33 28.19
N ARG D 59 -21.35 -27.12 27.11
CA ARG D 59 -20.73 -26.72 25.84
C ARG D 59 -21.52 -25.64 25.09
N ILE D 60 -22.85 -25.69 25.16
CA ILE D 60 -23.68 -24.61 24.63
C ILE D 60 -23.39 -23.27 25.34
N ARG D 61 -23.35 -23.27 26.66
CA ARG D 61 -23.02 -22.06 27.41
C ARG D 61 -21.70 -21.47 26.99
N GLU D 62 -20.64 -22.30 26.99
CA GLU D 62 -19.28 -21.84 26.63
C GLU D 62 -19.24 -21.45 25.17
N MET D 63 -19.96 -22.21 24.33
CA MET D 63 -20.21 -21.83 22.95
C MET D 63 -20.82 -20.42 22.80
N ASP D 64 -22.03 -20.21 23.31
CA ASP D 64 -22.66 -18.89 23.21
C ASP D 64 -21.68 -17.81 23.60
N GLN D 65 -21.05 -17.97 24.75
CA GLN D 65 -20.10 -16.97 25.26
C GLN D 65 -18.96 -16.64 24.30
N LYS D 66 -18.60 -17.58 23.43
CA LYS D 66 -17.51 -17.34 22.47
C LYS D 66 -18.01 -17.08 21.05
N GLY D 67 -19.32 -17.01 20.89
CA GLY D 67 -19.92 -16.63 19.62
C GLY D 67 -20.01 -17.75 18.61
N VAL D 68 -19.65 -18.97 19.02
CA VAL D 68 -19.64 -20.12 18.10
C VAL D 68 -21.01 -20.76 17.91
N THR D 69 -21.42 -20.91 16.66
CA THR D 69 -22.77 -21.36 16.30
C THR D 69 -22.96 -22.89 16.32
N VAL D 70 -22.14 -23.63 15.57
CA VAL D 70 -22.13 -25.09 15.67
C VAL D 70 -20.76 -25.70 15.99
N GLN D 71 -20.76 -26.71 16.86
CA GLN D 71 -19.56 -27.52 17.07
C GLN D 71 -19.73 -28.85 16.35
N ALA D 72 -18.79 -29.17 15.46
CA ALA D 72 -18.72 -30.52 14.90
C ALA D 72 -18.04 -31.45 15.91
N LEU D 73 -18.80 -32.40 16.43
CA LEU D 73 -18.32 -33.29 17.46
C LEU D 73 -17.60 -34.53 16.92
N SER D 74 -16.38 -34.78 17.40
CA SER D 74 -15.70 -36.07 17.18
C SER D 74 -15.17 -36.62 18.49
N THR D 75 -14.89 -37.91 18.53
CA THR D 75 -14.33 -38.51 19.73
C THR D 75 -12.87 -38.07 19.97
N VAL D 76 -12.38 -38.27 21.20
CA VAL D 76 -10.98 -38.06 21.55
C VAL D 76 -10.08 -39.11 20.87
N PRO D 77 -9.13 -38.66 20.01
CA PRO D 77 -8.32 -39.51 19.13
C PRO D 77 -7.77 -40.73 19.82
N VAL D 78 -7.43 -40.63 21.10
CA VAL D 78 -6.95 -41.80 21.83
C VAL D 78 -8.01 -42.89 21.91
N MET D 79 -9.17 -42.68 21.29
CA MET D 79 -10.27 -43.64 21.36
C MET D 79 -10.42 -44.46 20.07
N PHE D 80 -9.64 -44.06 19.06
CA PHE D 80 -9.66 -44.74 17.78
C PHE D 80 -9.62 -46.24 17.96
N SER D 81 -8.64 -46.66 18.76
CA SER D 81 -8.50 -48.06 19.17
C SER D 81 -8.23 -49.05 18.02
N TYR D 82 -7.45 -48.63 17.03
CA TYR D 82 -7.22 -49.46 15.84
C TYR D 82 -6.45 -50.76 16.14
N TRP D 83 -5.84 -50.81 17.32
CA TRP D 83 -4.94 -51.90 17.71
C TRP D 83 -5.68 -53.13 18.24
N ALA D 84 -6.82 -52.93 18.89
CA ALA D 84 -7.63 -54.06 19.42
C ALA D 84 -8.25 -54.96 18.34
N LYS D 85 -8.94 -56.01 18.76
CA LYS D 85 -9.58 -56.89 17.79
C LYS D 85 -10.63 -56.06 17.04
N PRO D 86 -10.79 -56.32 15.74
CA PRO D 86 -11.72 -55.53 14.92
C PRO D 86 -13.14 -55.49 15.50
N GLU D 87 -13.74 -56.65 15.72
CA GLU D 87 -15.12 -56.67 16.21
C GLU D 87 -15.22 -55.92 17.54
N ASP D 88 -14.18 -56.02 18.36
CA ASP D 88 -14.12 -55.27 19.60
C ASP D 88 -14.00 -53.77 19.37
N THR D 89 -13.16 -53.36 18.42
CA THR D 89 -13.02 -51.93 18.12
C THR D 89 -14.34 -51.46 17.52
N LEU D 90 -14.96 -52.31 16.71
CA LEU D 90 -16.18 -51.96 16.01
C LEU D 90 -17.34 -51.69 16.96
N ASN D 91 -17.41 -52.48 18.02
CA ASN D 91 -18.42 -52.33 19.08
C ASN D 91 -18.22 -51.01 19.86
N LEU D 92 -16.96 -50.62 20.06
CA LEU D 92 -16.67 -49.35 20.71
C LEU D 92 -17.08 -48.18 19.85
N CYS D 93 -16.76 -48.26 18.57
CA CYS D 93 -17.21 -47.25 17.63
C CYS D 93 -18.73 -47.01 17.73
N GLN D 94 -19.48 -48.10 17.81
CA GLN D 94 -20.93 -48.02 17.86
C GLN D 94 -21.43 -47.34 19.11
N LEU D 95 -20.77 -47.65 20.22
CA LEU D 95 -21.11 -47.08 21.49
C LEU D 95 -20.84 -45.59 21.47
N LEU D 96 -19.70 -45.21 20.89
CA LEU D 96 -19.26 -43.82 20.82
C LEU D 96 -20.07 -43.03 19.79
N ASN D 97 -20.32 -43.65 18.65
CA ASN D 97 -21.14 -43.03 17.62
C ASN D 97 -22.58 -42.92 18.09
N ASN D 98 -23.04 -43.91 18.87
CA ASN D 98 -24.37 -43.85 19.45
C ASN D 98 -24.54 -42.64 20.36
N ASP D 99 -23.57 -42.40 21.23
CA ASP D 99 -23.66 -41.27 22.13
C ASP D 99 -23.71 -39.96 21.35
N LEU D 100 -22.73 -39.79 20.45
CA LEU D 100 -22.61 -38.64 19.57
C LEU D 100 -23.94 -38.30 18.90
N ALA D 101 -24.60 -39.32 18.38
CA ALA D 101 -25.91 -39.14 17.75
C ALA D 101 -26.98 -38.57 18.70
N SER D 102 -27.01 -39.06 19.94
CA SER D 102 -27.99 -38.58 20.93
C SER D 102 -27.83 -37.09 21.12
N THR D 103 -26.57 -36.64 21.21
CA THR D 103 -26.26 -35.22 21.35
C THR D 103 -26.77 -34.38 20.16
N VAL D 104 -26.56 -34.83 18.94
CA VAL D 104 -27.09 -34.11 17.79
C VAL D 104 -28.62 -33.96 17.84
N VAL D 105 -29.30 -35.08 18.05
CA VAL D 105 -30.75 -35.06 18.28
C VAL D 105 -31.14 -33.89 19.17
N SER D 106 -30.63 -33.89 20.40
CA SER D 106 -31.00 -32.89 21.43
C SER D 106 -30.72 -31.43 21.04
N TYR D 107 -29.61 -31.17 20.37
CA TYR D 107 -29.32 -29.81 19.93
C TYR D 107 -28.85 -29.84 18.48
N PRO D 108 -29.75 -30.14 17.55
CA PRO D 108 -29.48 -30.35 16.13
C PRO D 108 -29.04 -29.09 15.41
N ARG D 109 -29.32 -27.95 16.00
CA ARG D 109 -28.90 -26.69 15.41
C ARG D 109 -27.61 -26.20 16.05
N ARG D 110 -27.16 -26.91 17.08
CA ARG D 110 -25.86 -26.60 17.70
C ARG D 110 -24.72 -27.60 17.39
N PHE D 111 -25.04 -28.84 16.99
CA PHE D 111 -24.00 -29.86 16.79
C PHE D 111 -24.21 -30.64 15.50
N VAL D 112 -23.11 -31.06 14.87
CA VAL D 112 -23.14 -32.12 13.86
C VAL D 112 -22.13 -33.20 14.28
N GLY D 113 -22.27 -34.42 13.77
CA GLY D 113 -21.46 -35.50 14.27
C GLY D 113 -20.41 -35.99 13.29
N LEU D 114 -19.22 -36.31 13.80
CA LEU D 114 -18.21 -37.04 13.03
C LEU D 114 -17.92 -38.35 13.75
N GLY D 115 -18.35 -39.47 13.17
CA GLY D 115 -18.19 -40.77 13.78
C GLY D 115 -16.82 -41.41 13.57
N THR D 116 -16.52 -42.41 14.39
CA THR D 116 -15.24 -43.11 14.38
C THR D 116 -15.41 -44.55 13.86
N LEU D 117 -14.42 -45.05 13.13
CA LEU D 117 -14.56 -46.35 12.47
C LEU D 117 -13.54 -47.35 13.00
N PRO D 118 -13.79 -48.65 12.76
CA PRO D 118 -12.84 -49.75 13.00
C PRO D 118 -11.86 -49.87 11.81
N MET D 119 -10.86 -49.00 11.80
CA MET D 119 -10.02 -48.83 10.62
C MET D 119 -9.14 -50.03 10.23
N GLN D 120 -8.79 -50.87 11.19
CA GLN D 120 -7.96 -52.02 10.87
C GLN D 120 -8.74 -53.10 10.12
N ALA D 121 -10.07 -52.96 10.08
CA ALA D 121 -10.89 -53.87 9.29
C ALA D 121 -11.73 -53.11 8.28
N PRO D 122 -11.18 -52.84 7.10
CA PRO D 122 -11.88 -52.06 6.08
C PRO D 122 -13.32 -52.50 5.86
N GLU D 123 -13.57 -53.82 5.84
CA GLU D 123 -14.92 -54.36 5.64
C GLU D 123 -15.91 -53.90 6.71
N LEU D 124 -15.49 -53.88 7.98
CA LEU D 124 -16.35 -53.38 9.06
C LEU D 124 -16.50 -51.87 8.98
N ALA D 125 -15.37 -51.19 8.86
CA ALA D 125 -15.35 -49.73 8.70
C ALA D 125 -16.45 -49.21 7.77
N VAL D 126 -16.61 -49.89 6.63
CA VAL D 126 -17.57 -49.48 5.60
C VAL D 126 -19.02 -49.73 6.00
N LYS D 127 -19.26 -50.82 6.73
CA LYS D 127 -20.60 -51.13 7.25
C LYS D 127 -20.99 -50.08 8.25
N GLU D 128 -20.01 -49.68 9.08
CA GLU D 128 -20.25 -48.70 10.13
C GLU D 128 -20.26 -47.25 9.61
N MET D 129 -19.47 -46.96 8.55
CA MET D 129 -19.53 -45.63 7.92
C MET D 129 -20.92 -45.47 7.34
N GLU D 130 -21.37 -46.53 6.69
CA GLU D 130 -22.71 -46.68 6.18
C GLU D 130 -23.77 -46.33 7.22
N ARG D 131 -23.70 -46.99 8.37
CA ARG D 131 -24.63 -46.76 9.46
C ARG D 131 -24.62 -45.28 9.88
N CYS D 132 -23.42 -44.70 10.00
CA CYS D 132 -23.27 -43.30 10.40
C CYS D 132 -23.92 -42.30 9.44
N VAL D 133 -23.99 -42.63 8.15
CA VAL D 133 -24.56 -41.70 7.19
C VAL D 133 -26.06 -41.91 6.98
N LYS D 134 -26.46 -43.16 6.71
CA LYS D 134 -27.85 -43.50 6.39
C LYS D 134 -28.71 -43.62 7.63
N GLU D 135 -28.11 -43.99 8.76
CA GLU D 135 -28.89 -44.17 9.99
C GLU D 135 -28.72 -42.99 10.94
N LEU D 136 -27.48 -42.62 11.25
CA LEU D 136 -27.25 -41.57 12.25
C LEU D 136 -27.22 -40.16 11.67
N GLY D 137 -27.18 -40.04 10.35
CA GLY D 137 -27.13 -38.73 9.71
C GLY D 137 -25.83 -37.93 9.79
N PHE D 138 -24.73 -38.56 10.24
CA PHE D 138 -23.43 -37.88 10.24
C PHE D 138 -23.00 -37.49 8.81
N PRO D 139 -22.41 -36.28 8.67
CA PRO D 139 -21.82 -35.81 7.40
C PRO D 139 -20.38 -36.27 7.15
N GLY D 140 -19.78 -37.02 8.09
CA GLY D 140 -18.52 -37.67 7.85
C GLY D 140 -17.92 -38.36 9.06
N VAL D 141 -16.65 -38.73 8.98
CA VAL D 141 -16.01 -39.42 10.09
C VAL D 141 -14.69 -38.78 10.49
N GLN D 142 -14.22 -39.05 11.70
CA GLN D 142 -12.85 -38.70 12.08
C GLN D 142 -12.01 -39.98 12.05
N ILE D 143 -10.90 -39.95 11.34
CA ILE D 143 -9.97 -41.10 11.30
C ILE D 143 -8.55 -40.69 11.64
N GLY D 144 -7.69 -41.67 11.93
CA GLY D 144 -6.33 -41.41 12.33
C GLY D 144 -5.40 -41.12 11.16
N THR D 145 -4.17 -40.68 11.46
CA THR D 145 -3.24 -40.30 10.44
C THR D 145 -2.65 -41.57 9.86
N HIS D 146 -2.75 -42.65 10.62
CA HIS D 146 -2.32 -43.97 10.17
C HIS D 146 -3.03 -45.03 10.98
N VAL D 147 -3.02 -46.27 10.48
CA VAL D 147 -3.75 -47.38 11.09
C VAL D 147 -2.82 -48.51 11.48
N ASN D 148 -2.18 -48.40 12.64
CA ASN D 148 -1.12 -49.33 13.01
C ASN D 148 0.07 -49.17 12.06
N GLU D 149 0.14 -50.00 11.03
CA GLU D 149 1.26 -49.94 10.11
C GLU D 149 0.82 -49.57 8.70
N TRP D 150 -0.47 -49.33 8.51
CA TRP D 150 -0.93 -48.78 7.25
C TRP D 150 -0.94 -47.27 7.36
N ASP D 151 -0.22 -46.59 6.47
CA ASP D 151 -0.41 -45.16 6.29
C ASP D 151 -1.56 -45.01 5.29
N LEU D 152 -1.98 -43.78 5.05
CA LEU D 152 -3.22 -43.57 4.30
C LEU D 152 -3.17 -43.92 2.79
N ASN D 153 -2.02 -44.41 2.34
CA ASN D 153 -1.90 -44.84 0.95
C ASN D 153 -2.26 -46.32 0.76
N ALA D 154 -2.28 -47.06 1.85
CA ALA D 154 -2.44 -48.52 1.81
C ALA D 154 -3.66 -48.93 1.00
N GLN D 155 -3.47 -49.78 -0.01
CA GLN D 155 -4.59 -50.19 -0.86
C GLN D 155 -5.69 -50.99 -0.14
N GLU D 156 -5.35 -51.61 0.98
CA GLU D 156 -6.33 -52.29 1.81
C GLU D 156 -7.49 -51.34 2.20
N LEU D 157 -7.15 -50.07 2.38
CA LEU D 157 -8.11 -49.04 2.80
C LEU D 157 -8.88 -48.40 1.64
N PHE D 158 -8.56 -48.77 0.41
CA PHE D 158 -9.30 -48.21 -0.73
C PHE D 158 -10.83 -48.47 -0.71
N PRO D 159 -11.27 -49.56 -0.05
CA PRO D 159 -12.72 -49.78 0.12
C PRO D 159 -13.39 -48.70 0.98
N VAL D 160 -12.72 -48.30 2.05
CA VAL D 160 -13.23 -47.24 2.92
C VAL D 160 -13.37 -45.91 2.16
N TYR D 161 -12.38 -45.60 1.31
CA TYR D 161 -12.37 -44.37 0.53
C TYR D 161 -13.47 -44.35 -0.52
N ALA D 162 -13.58 -45.47 -1.23
CA ALA D 162 -14.56 -45.61 -2.29
C ALA D 162 -15.97 -45.43 -1.75
N ALA D 163 -16.26 -46.05 -0.60
CA ALA D 163 -17.56 -45.92 0.04
C ALA D 163 -17.81 -44.52 0.62
N ALA D 164 -16.75 -43.83 1.04
CA ALA D 164 -16.87 -42.47 1.55
C ALA D 164 -17.22 -41.52 0.43
N GLU D 165 -16.69 -41.81 -0.75
CA GLU D 165 -16.97 -41.02 -1.94
C GLU D 165 -18.44 -41.23 -2.37
N ARG D 166 -18.92 -42.47 -2.31
CA ARG D 166 -20.31 -42.80 -2.63
C ARG D 166 -21.29 -42.14 -1.65
N LEU D 167 -21.09 -42.43 -0.38
CA LEU D 167 -21.97 -41.92 0.68
C LEU D 167 -21.81 -40.41 0.87
N LYS D 168 -20.98 -39.78 0.04
CA LYS D 168 -20.73 -38.35 0.15
C LYS D 168 -20.29 -38.01 1.58
N CYS D 169 -19.52 -38.91 2.17
CA CYS D 169 -19.02 -38.75 3.53
C CYS D 169 -17.66 -38.04 3.54
N SER D 170 -17.50 -37.03 4.38
CA SER D 170 -16.24 -36.31 4.50
C SER D 170 -15.33 -37.01 5.49
N LEU D 171 -14.02 -36.85 5.30
CA LEU D 171 -13.01 -37.42 6.19
C LEU D 171 -12.26 -36.31 6.92
N PHE D 172 -12.30 -36.33 8.24
CA PHE D 172 -11.44 -35.47 9.02
C PHE D 172 -10.26 -36.32 9.50
N VAL D 173 -9.08 -36.06 8.96
CA VAL D 173 -7.88 -36.80 9.38
C VAL D 173 -7.23 -36.08 10.56
N HIS D 174 -7.10 -36.78 11.69
CA HIS D 174 -6.54 -36.20 12.90
C HIS D 174 -5.34 -37.04 13.39
N PRO D 175 -4.18 -36.39 13.59
CA PRO D 175 -2.95 -37.12 13.96
C PRO D 175 -3.08 -37.87 15.29
N TRP D 176 -2.62 -39.12 15.34
CA TRP D 176 -2.63 -39.88 16.57
C TRP D 176 -1.54 -40.96 16.65
N ASP D 177 -1.34 -41.49 17.84
CA ASP D 177 -0.46 -42.63 17.99
C ASP D 177 0.96 -42.26 17.54
N MET D 178 1.42 -41.08 17.96
CA MET D 178 2.79 -40.61 17.70
C MET D 178 3.78 -41.35 18.57
N GLN D 179 5.07 -41.19 18.29
CA GLN D 179 6.08 -41.82 19.14
C GLN D 179 6.10 -41.14 20.50
N MET D 180 5.86 -41.92 21.55
CA MET D 180 5.72 -41.38 22.91
C MET D 180 6.97 -41.64 23.77
N ASP D 181 7.76 -42.63 23.36
CA ASP D 181 8.92 -43.07 24.13
C ASP D 181 10.26 -42.63 23.52
N GLY D 182 11.34 -42.89 24.26
CA GLY D 182 12.66 -42.56 23.79
C GLY D 182 12.89 -41.07 23.80
N ARG D 183 13.37 -40.56 22.67
CA ARG D 183 13.67 -39.14 22.53
C ARG D 183 12.41 -38.28 22.43
N MET D 184 11.25 -38.92 22.32
CA MET D 184 9.99 -38.19 22.23
C MET D 184 9.31 -38.05 23.60
N ALA D 185 9.93 -38.63 24.62
CA ALA D 185 9.38 -38.59 25.98
C ALA D 185 9.80 -37.34 26.77
N LYS D 186 9.75 -36.17 26.13
CA LYS D 186 10.21 -34.96 26.81
C LYS D 186 9.77 -33.71 26.08
N TYR D 187 9.59 -32.63 26.84
CA TYR D 187 9.24 -31.34 26.28
C TYR D 187 7.91 -31.41 25.53
N TRP D 188 7.12 -32.43 25.82
CA TRP D 188 5.80 -32.58 25.22
C TRP D 188 5.94 -32.76 23.69
N LEU D 189 7.08 -33.30 23.26
CA LEU D 189 7.40 -33.42 21.83
C LEU D 189 6.41 -34.27 21.05
N PRO D 190 5.83 -35.29 21.70
CA PRO D 190 4.85 -36.10 20.96
C PRO D 190 3.71 -35.24 20.41
N TRP D 191 3.33 -34.18 21.10
CA TRP D 191 2.25 -33.27 20.68
C TRP D 191 2.75 -32.07 19.88
N LEU D 192 3.86 -31.47 20.31
CA LEU D 192 4.34 -30.24 19.69
C LEU D 192 5.01 -30.48 18.34
N VAL D 193 5.77 -31.57 18.22
CA VAL D 193 6.40 -31.91 16.95
C VAL D 193 5.84 -33.19 16.29
N GLY D 194 5.49 -34.19 17.11
CA GLY D 194 5.09 -35.50 16.61
C GLY D 194 3.84 -35.42 15.77
N MET D 195 2.86 -34.65 16.25
CA MET D 195 1.54 -34.57 15.61
C MET D 195 1.55 -33.91 14.22
N PRO D 196 2.09 -32.68 14.13
CA PRO D 196 2.27 -32.04 12.82
C PRO D 196 3.02 -32.97 11.86
N ALA D 197 3.96 -33.76 12.37
CA ALA D 197 4.69 -34.70 11.51
C ALA D 197 3.82 -35.89 11.04
N GLU D 198 3.08 -36.48 11.97
CA GLU D 198 2.06 -37.48 11.61
C GLU D 198 1.10 -36.99 10.52
N THR D 199 0.67 -35.74 10.62
CA THR D 199 -0.23 -35.11 9.65
C THR D 199 0.45 -34.92 8.29
N THR D 200 1.71 -34.51 8.31
CA THR D 200 2.46 -34.26 7.08
C THR D 200 2.63 -35.55 6.29
N ILE D 201 2.80 -36.65 7.01
CA ILE D 201 2.96 -37.95 6.40
C ILE D 201 1.66 -38.48 5.80
N ALA D 202 0.54 -38.21 6.47
CA ALA D 202 -0.77 -38.58 5.96
C ALA D 202 -1.05 -37.91 4.61
N ILE D 203 -0.78 -36.62 4.53
CA ILE D 203 -0.97 -35.87 3.29
C ILE D 203 -0.10 -36.41 2.14
N CYS D 204 1.19 -36.63 2.40
CA CYS D 204 2.09 -37.19 1.39
C CYS D 204 1.64 -38.58 1.04
N SER D 205 1.37 -39.38 2.06
CA SER D 205 0.90 -40.74 1.86
C SER D 205 -0.40 -40.81 1.06
N MET D 206 -1.33 -39.88 1.27
CA MET D 206 -2.56 -39.87 0.49
C MET D 206 -2.32 -39.27 -0.89
N ILE D 207 -1.49 -38.24 -0.97
CA ILE D 207 -1.10 -37.74 -2.28
C ILE D 207 -0.37 -38.81 -3.10
N MET D 208 0.77 -39.29 -2.61
CA MET D 208 1.63 -40.15 -3.42
C MET D 208 1.11 -41.58 -3.54
N GLY D 209 0.14 -41.91 -2.70
CA GLY D 209 -0.50 -43.21 -2.77
C GLY D 209 -1.55 -43.20 -3.87
N GLY D 210 -1.79 -42.02 -4.43
CA GLY D 210 -2.72 -41.87 -5.52
C GLY D 210 -4.17 -41.76 -5.07
N VAL D 211 -4.40 -41.62 -3.77
CA VAL D 211 -5.76 -41.54 -3.25
C VAL D 211 -6.63 -40.41 -3.81
N PHE D 212 -6.20 -39.15 -3.69
CA PHE D 212 -7.01 -38.09 -4.28
C PHE D 212 -7.26 -38.28 -5.78
N GLU D 213 -6.30 -38.86 -6.51
CA GLU D 213 -6.46 -39.10 -7.93
C GLU D 213 -7.52 -40.18 -8.21
N LYS D 214 -7.41 -41.29 -7.48
CA LYS D 214 -8.29 -42.45 -7.59
C LYS D 214 -9.70 -42.14 -7.12
N PHE D 215 -9.83 -41.14 -6.23
CA PHE D 215 -11.11 -40.75 -5.66
C PHE D 215 -11.24 -39.23 -5.68
N PRO D 216 -11.44 -38.67 -6.88
CA PRO D 216 -11.39 -37.22 -7.10
C PRO D 216 -12.52 -36.47 -6.43
N LYS D 217 -13.49 -37.19 -5.88
CA LYS D 217 -14.58 -36.54 -5.17
C LYS D 217 -14.54 -36.73 -3.65
N LEU D 218 -13.53 -37.44 -3.17
CA LEU D 218 -13.34 -37.62 -1.74
C LEU D 218 -12.95 -36.29 -1.11
N LYS D 219 -13.78 -35.79 -0.18
CA LYS D 219 -13.51 -34.56 0.56
C LYS D 219 -12.71 -34.87 1.83
N VAL D 220 -11.59 -34.18 2.03
CA VAL D 220 -10.72 -34.49 3.16
C VAL D 220 -10.27 -33.26 3.92
N CYS D 221 -10.24 -33.36 5.25
CA CYS D 221 -9.67 -32.30 6.10
C CYS D 221 -8.57 -32.80 7.03
N PHE D 222 -7.45 -32.10 7.06
CA PHE D 222 -6.33 -32.46 7.93
C PHE D 222 -6.20 -31.48 9.08
N ALA D 223 -5.88 -31.97 10.27
CA ALA D 223 -5.76 -31.09 11.43
C ALA D 223 -4.55 -30.16 11.41
N HIS D 224 -4.60 -29.14 12.26
CA HIS D 224 -3.52 -28.19 12.48
C HIS D 224 -2.86 -27.66 11.23
N GLY D 225 -3.66 -27.05 10.35
CA GLY D 225 -3.11 -26.41 9.18
C GLY D 225 -2.27 -27.33 8.32
N GLY D 226 -2.47 -28.64 8.43
CA GLY D 226 -1.78 -29.60 7.60
C GLY D 226 -0.37 -29.94 8.07
N GLY D 227 -0.15 -29.86 9.38
CA GLY D 227 1.15 -30.15 9.94
C GLY D 227 2.22 -29.15 9.50
N ALA D 228 3.22 -29.64 8.78
CA ALA D 228 4.31 -28.81 8.24
C ALA D 228 4.15 -28.62 6.75
N PHE D 229 3.27 -29.41 6.15
CA PHE D 229 3.09 -29.46 4.70
C PHE D 229 3.05 -28.11 3.98
N PRO D 230 2.37 -27.13 4.57
CA PRO D 230 2.28 -25.84 3.87
C PRO D 230 3.66 -25.21 3.71
N PHE D 231 4.54 -25.47 4.67
CA PHE D 231 5.88 -24.93 4.66
C PHE D 231 6.79 -25.82 3.84
N THR D 232 6.54 -27.13 3.88
CA THR D 232 7.45 -28.08 3.28
C THR D 232 7.06 -28.58 1.87
N VAL D 233 5.93 -28.14 1.36
CA VAL D 233 5.48 -28.58 0.04
C VAL D 233 6.54 -28.43 -1.05
N GLY D 234 7.24 -27.31 -1.06
CA GLY D 234 8.19 -27.03 -2.12
C GLY D 234 9.26 -28.10 -2.13
N ARG D 235 9.73 -28.39 -0.92
CA ARG D 235 10.69 -29.45 -0.67
C ARG D 235 10.13 -30.79 -1.18
N ILE D 236 8.98 -31.17 -0.61
CA ILE D 236 8.21 -32.35 -1.01
C ILE D 236 7.98 -32.41 -2.52
N SER D 237 7.57 -31.29 -3.10
CA SER D 237 7.31 -31.23 -4.53
C SER D 237 8.59 -31.36 -5.34
N HIS D 238 9.65 -30.66 -4.89
CA HIS D 238 10.94 -30.75 -5.59
C HIS D 238 11.47 -32.15 -5.53
N GLY D 239 11.44 -32.74 -4.35
CA GLY D 239 11.88 -34.11 -4.16
C GLY D 239 11.15 -35.12 -5.04
N PHE D 240 9.91 -34.83 -5.40
CA PHE D 240 9.12 -35.78 -6.19
C PHE D 240 9.58 -35.73 -7.63
N SER D 241 9.91 -34.53 -8.09
CA SER D 241 10.43 -34.34 -9.44
C SER D 241 11.76 -35.05 -9.62
N MET D 242 12.57 -35.08 -8.56
CA MET D 242 13.93 -35.58 -8.71
C MET D 242 14.07 -37.10 -8.64
N ARG D 243 13.20 -37.77 -7.87
CA ARG D 243 13.27 -39.22 -7.78
C ARG D 243 11.91 -39.88 -7.99
N PRO D 244 11.48 -39.96 -9.26
CA PRO D 244 10.25 -40.66 -9.60
C PRO D 244 10.38 -42.14 -9.23
N ASP D 245 11.60 -42.64 -9.13
CA ASP D 245 11.80 -44.01 -8.69
C ASP D 245 11.34 -44.22 -7.24
N LEU D 246 11.56 -43.22 -6.39
CA LEU D 246 11.17 -43.33 -4.97
C LEU D 246 9.75 -42.86 -4.74
N CYS D 247 9.26 -41.97 -5.59
CA CYS D 247 8.04 -41.23 -5.30
C CYS D 247 6.87 -41.33 -6.29
N ALA D 248 7.10 -41.85 -7.49
CA ALA D 248 6.04 -41.78 -8.51
C ALA D 248 5.51 -43.13 -9.02
N GLN D 249 5.89 -44.23 -8.38
CA GLN D 249 5.31 -45.51 -8.78
C GLN D 249 3.77 -45.50 -8.76
N ASP D 250 3.17 -45.13 -7.64
CA ASP D 250 1.72 -45.28 -7.46
C ASP D 250 0.88 -44.17 -8.12
N ASN D 251 1.24 -42.93 -7.83
CA ASN D 251 0.66 -41.79 -8.52
C ASN D 251 1.80 -40.99 -9.19
N PRO D 252 1.67 -40.72 -10.49
CA PRO D 252 2.72 -39.99 -11.18
C PRO D 252 2.51 -38.46 -11.17
N MET D 253 1.63 -37.97 -10.30
CA MET D 253 1.27 -36.55 -10.28
C MET D 253 2.05 -35.82 -9.20
N ASN D 254 2.77 -34.77 -9.57
CA ASN D 254 3.49 -33.93 -8.62
C ASN D 254 2.56 -33.39 -7.54
N PRO D 255 2.97 -33.50 -6.26
CA PRO D 255 2.11 -33.06 -5.16
C PRO D 255 1.58 -31.65 -5.27
N LYS D 256 2.30 -30.76 -5.93
CA LYS D 256 1.83 -29.39 -6.01
C LYS D 256 0.48 -29.34 -6.75
N LYS D 257 0.26 -30.27 -7.66
CA LYS D 257 -0.96 -30.28 -8.46
C LYS D 257 -2.25 -30.57 -7.63
N TYR D 258 -2.07 -30.91 -6.35
CA TYR D 258 -3.18 -31.26 -5.46
C TYR D 258 -3.49 -30.17 -4.46
N LEU D 259 -2.59 -29.19 -4.38
CA LEU D 259 -2.88 -27.98 -3.60
C LEU D 259 -4.24 -27.47 -4.05
N GLY D 260 -5.17 -27.41 -3.12
CA GLY D 260 -6.51 -26.94 -3.43
C GLY D 260 -7.52 -28.07 -3.57
N SER D 261 -7.05 -29.32 -3.64
CA SER D 261 -7.95 -30.47 -3.74
C SER D 261 -8.39 -31.01 -2.38
N PHE D 262 -7.98 -30.32 -1.30
CA PHE D 262 -8.31 -30.76 0.05
C PHE D 262 -8.28 -29.63 1.08
N TYR D 263 -8.67 -29.96 2.32
CA TYR D 263 -8.88 -28.97 3.35
C TYR D 263 -7.89 -29.19 4.49
N THR D 264 -7.72 -28.16 5.31
CA THR D 264 -7.04 -28.27 6.59
C THR D 264 -7.81 -27.37 7.55
N ASP D 265 -7.62 -27.56 8.85
CA ASP D 265 -8.18 -26.63 9.81
C ASP D 265 -7.20 -25.48 10.07
N ALA D 266 -7.70 -24.37 10.57
CA ALA D 266 -6.90 -23.16 10.69
C ALA D 266 -6.08 -23.08 11.99
N LEU D 267 -6.07 -24.16 12.77
CA LEU D 267 -5.40 -24.20 14.07
C LEU D 267 -3.87 -24.09 13.98
N VAL D 268 -3.38 -22.90 13.62
CA VAL D 268 -1.94 -22.67 13.50
C VAL D 268 -1.41 -21.66 14.54
N HIS D 269 -2.32 -20.94 15.20
CA HIS D 269 -1.98 -20.11 16.36
C HIS D 269 -1.44 -18.70 16.07
N ASP D 270 -0.56 -18.57 15.09
CA ASP D 270 0.13 -17.32 14.84
C ASP D 270 -0.34 -16.73 13.52
N PRO D 271 -0.54 -15.41 13.50
CA PRO D 271 -1.02 -14.75 12.28
C PRO D 271 -0.23 -15.11 11.02
N LEU D 272 1.11 -15.19 11.09
CA LEU D 272 1.95 -15.46 9.90
C LEU D 272 1.71 -16.83 9.25
N SER D 273 1.55 -17.85 10.08
CA SER D 273 1.28 -19.21 9.59
C SER D 273 -0.10 -19.28 8.95
N LEU D 274 -1.02 -18.47 9.45
CA LEU D 274 -2.38 -18.49 8.90
C LEU D 274 -2.33 -17.93 7.49
N LYS D 275 -1.62 -16.82 7.34
CA LYS D 275 -1.51 -16.16 6.05
C LYS D 275 -0.90 -17.12 5.04
N LEU D 276 0.18 -17.78 5.45
CA LEU D 276 0.82 -18.76 4.59
C LEU D 276 -0.12 -19.92 4.29
N LEU D 277 -0.82 -20.39 5.31
CA LEU D 277 -1.79 -21.47 5.18
C LEU D 277 -2.83 -21.16 4.09
N THR D 278 -3.30 -19.91 4.03
CA THR D 278 -4.31 -19.56 3.05
C THR D 278 -3.72 -19.24 1.66
N ASP D 279 -2.44 -18.87 1.64
CA ASP D 279 -1.73 -18.70 0.36
C ASP D 279 -1.45 -20.04 -0.35
N VAL D 280 -1.26 -21.11 0.43
CA VAL D 280 -0.90 -22.40 -0.16
C VAL D 280 -2.09 -23.36 -0.35
N ILE D 281 -2.88 -23.58 0.70
CA ILE D 281 -4.10 -24.40 0.62
C ILE D 281 -5.25 -23.72 -0.17
N GLY D 282 -5.40 -22.41 0.01
CA GLY D 282 -6.44 -21.63 -0.64
C GLY D 282 -7.38 -21.03 0.39
N LYS D 283 -7.95 -19.85 0.11
CA LYS D 283 -8.93 -19.24 1.03
C LYS D 283 -10.22 -20.06 1.22
N ASP D 284 -10.51 -20.97 0.29
CA ASP D 284 -11.75 -21.73 0.30
C ASP D 284 -11.59 -23.08 0.98
N LYS D 285 -10.39 -23.33 1.50
CA LYS D 285 -10.00 -24.68 1.89
C LYS D 285 -9.52 -24.72 3.32
N VAL D 286 -9.60 -23.58 3.99
CA VAL D 286 -9.15 -23.47 5.36
C VAL D 286 -10.37 -23.30 6.26
N ILE D 287 -10.44 -24.12 7.30
CA ILE D 287 -11.63 -24.24 8.11
C ILE D 287 -11.29 -24.00 9.56
N LEU D 288 -12.04 -23.11 10.20
CA LEU D 288 -11.82 -22.82 11.61
C LEU D 288 -11.94 -24.10 12.43
N GLY D 289 -10.93 -24.34 13.25
CA GLY D 289 -10.86 -25.51 14.11
C GLY D 289 -10.37 -24.97 15.42
N THR D 290 -10.20 -25.81 16.43
CA THR D 290 -10.10 -25.25 17.78
C THR D 290 -9.54 -26.21 18.82
N ASP D 291 -9.74 -27.49 18.58
CA ASP D 291 -9.35 -28.51 19.53
C ASP D 291 -10.08 -28.32 20.87
N TYR D 292 -11.21 -27.66 20.82
CA TYR D 292 -12.05 -27.50 22.00
C TYR D 292 -12.24 -28.91 22.54
N PRO D 293 -12.18 -29.09 23.86
CA PRO D 293 -11.90 -28.12 24.93
C PRO D 293 -10.46 -28.20 25.45
N PHE D 294 -9.56 -28.71 24.62
CA PHE D 294 -8.18 -28.96 25.05
C PHE D 294 -7.31 -27.69 25.07
N PRO D 295 -6.41 -27.59 26.05
CA PRO D 295 -5.59 -26.38 26.26
C PRO D 295 -4.59 -26.10 25.14
N LEU D 296 -4.31 -27.07 24.28
CA LEU D 296 -3.41 -26.84 23.15
C LEU D 296 -4.15 -26.21 21.96
N GLY D 297 -5.39 -25.79 22.17
CA GLY D 297 -6.18 -25.23 21.09
C GLY D 297 -6.29 -23.73 21.19
N GLU D 298 -7.09 -23.12 20.32
CA GLU D 298 -7.32 -21.68 20.39
C GLU D 298 -8.24 -21.39 21.57
N LEU D 299 -7.79 -20.53 22.49
CA LEU D 299 -8.58 -20.14 23.63
C LEU D 299 -9.75 -19.24 23.21
N GLU D 300 -9.53 -18.44 22.18
CA GLU D 300 -10.58 -17.53 21.71
C GLU D 300 -11.04 -17.80 20.28
N PRO D 301 -11.99 -18.74 20.10
CA PRO D 301 -12.43 -19.20 18.78
C PRO D 301 -12.65 -18.07 17.78
N GLY D 302 -11.91 -18.10 16.68
CA GLY D 302 -12.10 -17.17 15.58
C GLY D 302 -11.23 -15.93 15.62
N LYS D 303 -10.71 -15.62 16.81
CA LYS D 303 -9.96 -14.39 17.06
C LYS D 303 -8.67 -14.22 16.23
N LEU D 304 -7.90 -15.28 16.03
CA LEU D 304 -6.72 -15.19 15.18
C LEU D 304 -7.11 -14.77 13.77
N ILE D 305 -8.35 -15.09 13.41
CA ILE D 305 -8.85 -14.78 12.08
C ILE D 305 -9.41 -13.35 12.04
N GLU D 306 -10.18 -12.99 13.06
CA GLU D 306 -10.73 -11.64 13.16
C GLU D 306 -9.59 -10.63 13.11
N SER D 307 -8.44 -11.06 13.63
CA SER D 307 -7.29 -10.18 13.84
C SER D 307 -6.42 -10.08 12.59
N MET D 308 -6.94 -10.53 11.47
CA MET D 308 -6.17 -10.52 10.24
C MET D 308 -6.60 -9.35 9.36
N GLU D 309 -5.80 -8.28 9.36
CA GLU D 309 -6.13 -7.10 8.57
C GLU D 309 -5.88 -7.34 7.10
N GLU D 310 -5.45 -8.55 6.77
CA GLU D 310 -5.15 -8.91 5.39
C GLU D 310 -6.38 -9.49 4.69
N PHE D 311 -7.33 -9.99 5.48
CA PHE D 311 -8.54 -10.64 4.98
C PHE D 311 -9.76 -9.72 4.89
N ASP D 312 -10.47 -9.75 3.77
CA ASP D 312 -11.76 -9.04 3.68
C ASP D 312 -12.91 -9.81 4.38
N GLU D 313 -14.07 -9.18 4.50
CA GLU D 313 -15.19 -9.76 5.24
C GLU D 313 -15.64 -11.07 4.61
N GLU D 314 -15.56 -11.12 3.28
CA GLU D 314 -15.93 -12.30 2.53
C GLU D 314 -14.98 -13.45 2.88
N THR D 315 -13.68 -13.17 2.84
CA THR D 315 -12.66 -14.14 3.23
C THR D 315 -12.79 -14.57 4.68
N LYS D 316 -12.90 -13.62 5.59
CA LYS D 316 -13.13 -13.95 7.00
C LYS D 316 -14.39 -14.81 7.19
N ASN D 317 -15.40 -14.62 6.34
CA ASN D 317 -16.65 -15.39 6.48
C ASN D 317 -16.58 -16.81 5.87
N LYS D 318 -15.69 -16.99 4.89
CA LYS D 318 -15.37 -18.32 4.38
C LYS D 318 -14.63 -19.15 5.44
N LEU D 319 -13.58 -18.58 6.01
CA LEU D 319 -12.79 -19.27 7.02
C LEU D 319 -13.60 -19.60 8.29
N LYS D 320 -14.54 -18.72 8.67
CA LYS D 320 -15.38 -18.98 9.84
C LYS D 320 -16.55 -19.94 9.59
N ALA D 321 -17.13 -19.93 8.40
CA ALA D 321 -18.34 -20.72 8.16
C ALA D 321 -18.44 -21.42 6.79
N GLY D 322 -18.30 -20.67 5.71
CA GLY D 322 -18.52 -21.20 4.38
C GLY D 322 -17.75 -22.47 4.02
N ASN D 323 -16.44 -22.49 4.28
CA ASN D 323 -15.59 -23.65 3.96
C ASN D 323 -15.97 -24.90 4.76
N ALA D 324 -16.39 -24.71 6.02
CA ALA D 324 -16.87 -25.80 6.84
C ALA D 324 -18.16 -26.40 6.26
N LEU D 325 -19.14 -25.53 6.02
CA LEU D 325 -20.39 -25.98 5.41
C LEU D 325 -20.07 -26.71 4.11
N ALA D 326 -19.31 -26.05 3.24
CA ALA D 326 -18.84 -26.66 2.00
C ALA D 326 -18.21 -28.06 2.20
N PHE D 327 -17.32 -28.18 3.18
CA PHE D 327 -16.65 -29.46 3.46
C PHE D 327 -17.61 -30.54 3.98
N LEU D 328 -18.53 -30.17 4.88
CA LEU D 328 -19.51 -31.14 5.37
C LEU D 328 -20.67 -31.30 4.41
N GLY D 329 -20.84 -30.34 3.52
CA GLY D 329 -21.91 -30.37 2.55
C GLY D 329 -23.28 -29.98 3.11
N LEU D 330 -23.28 -29.13 4.13
CA LEU D 330 -24.53 -28.67 4.71
C LEU D 330 -24.80 -27.26 4.25
N GLU D 331 -25.96 -26.74 4.69
CA GLU D 331 -26.46 -25.45 4.22
C GLU D 331 -26.86 -24.53 5.38
N ARG D 332 -26.76 -23.22 5.14
CA ARG D 332 -27.21 -22.23 6.11
C ARG D 332 -28.61 -22.58 6.58
N MET E 1 24.00 -16.62 -4.82
CA MET E 1 24.92 -16.24 -5.88
C MET E 1 26.20 -15.65 -5.29
N LYS E 2 26.42 -15.84 -3.98
CA LYS E 2 27.69 -15.42 -3.37
C LYS E 2 28.30 -16.49 -2.45
N ILE E 3 27.69 -16.73 -1.30
CA ILE E 3 28.26 -17.69 -0.35
C ILE E 3 27.27 -18.83 -0.12
N ASP E 4 27.69 -20.03 -0.53
CA ASP E 4 26.89 -21.24 -0.35
C ASP E 4 27.38 -22.01 0.88
N ILE E 5 26.61 -21.91 1.96
CA ILE E 5 27.01 -22.45 3.26
C ILE E 5 26.72 -23.95 3.42
N HIS E 6 25.80 -24.47 2.61
CA HIS E 6 25.40 -25.87 2.73
C HIS E 6 25.81 -26.67 1.51
N SER E 7 27.01 -27.26 1.56
CA SER E 7 27.47 -28.11 0.47
C SER E 7 28.29 -29.24 1.04
N HIS E 8 28.27 -30.39 0.37
CA HIS E 8 28.89 -31.58 0.93
C HIS E 8 29.97 -32.04 0.00
N ILE E 9 31.01 -32.66 0.56
CA ILE E 9 32.21 -33.08 -0.20
C ILE E 9 32.89 -34.33 0.41
N LEU E 10 33.39 -35.23 -0.41
CA LEU E 10 34.11 -36.39 0.10
C LEU E 10 35.56 -36.47 -0.42
N PRO E 11 36.39 -37.27 0.23
CA PRO E 11 37.71 -37.61 -0.33
C PRO E 11 37.49 -38.47 -1.57
N LYS E 12 38.31 -38.32 -2.61
CA LYS E 12 38.11 -39.15 -3.80
C LYS E 12 38.19 -40.63 -3.43
N GLU E 13 38.97 -40.92 -2.39
CA GLU E 13 39.21 -42.29 -1.95
C GLU E 13 39.53 -42.29 -0.47
N TRP E 14 39.33 -43.43 0.18
CA TRP E 14 39.76 -43.57 1.56
C TRP E 14 39.91 -45.05 1.92
N PRO E 15 40.66 -45.34 2.99
CA PRO E 15 41.00 -46.72 3.39
C PRO E 15 39.78 -47.57 3.68
N ASP E 16 39.91 -48.89 3.55
CA ASP E 16 38.80 -49.79 3.81
C ASP E 16 38.54 -49.91 5.31
N LEU E 17 37.39 -49.39 5.75
CA LEU E 17 37.13 -49.11 7.17
C LEU E 17 36.77 -50.33 8.03
N LYS E 18 36.29 -51.39 7.41
CA LYS E 18 35.99 -52.60 8.15
C LYS E 18 37.27 -53.39 8.44
N LYS E 19 38.25 -53.26 7.54
CA LYS E 19 39.57 -53.81 7.77
C LYS E 19 40.33 -52.94 8.74
N ARG E 20 40.19 -51.63 8.60
CA ARG E 20 40.89 -50.69 9.43
C ARG E 20 40.38 -50.76 10.86
N PHE E 21 39.07 -50.90 11.01
CA PHE E 21 38.47 -50.81 12.33
C PHE E 21 38.09 -52.15 12.95
N GLY E 22 37.77 -53.14 12.12
CA GLY E 22 37.39 -54.47 12.62
C GLY E 22 35.92 -54.86 12.47
N TYR E 23 35.04 -53.87 12.35
CA TYR E 23 33.61 -54.14 12.21
C TYR E 23 33.03 -53.33 11.06
N GLY E 24 31.90 -53.80 10.53
CA GLY E 24 31.26 -53.17 9.40
C GLY E 24 30.30 -52.04 9.73
N GLY E 25 29.47 -51.66 8.76
CA GLY E 25 28.53 -50.58 8.95
C GLY E 25 28.99 -49.22 8.49
N TRP E 26 30.24 -49.13 7.99
CA TRP E 26 30.77 -47.87 7.48
C TRP E 26 30.43 -47.76 6.00
N VAL E 27 30.76 -46.62 5.38
CA VAL E 27 30.57 -46.49 3.93
C VAL E 27 31.89 -46.35 3.17
N GLN E 28 31.89 -46.79 1.91
CA GLN E 28 33.09 -46.72 1.07
C GLN E 28 32.71 -46.14 -0.28
N LEU E 29 33.66 -45.54 -0.97
CA LEU E 29 33.38 -44.96 -2.29
C LEU E 29 33.99 -45.82 -3.39
N GLN E 30 33.15 -46.36 -4.26
CA GLN E 30 33.65 -47.19 -5.35
C GLN E 30 33.24 -46.68 -6.74
N HIS E 31 34.26 -46.33 -7.52
CA HIS E 31 34.07 -45.79 -8.86
C HIS E 31 33.87 -46.91 -9.86
N HIS E 32 32.84 -46.81 -10.67
CA HIS E 32 32.53 -47.89 -11.61
C HIS E 32 32.57 -47.40 -13.06
N SER E 33 32.49 -46.08 -13.22
CA SER E 33 32.41 -45.48 -14.54
C SER E 33 33.11 -44.13 -14.55
N LYS E 34 33.22 -43.55 -15.74
CA LYS E 34 33.84 -42.24 -15.88
C LYS E 34 32.91 -41.18 -15.35
N GLY E 35 33.37 -40.43 -14.35
CA GLY E 35 32.57 -39.40 -13.73
C GLY E 35 31.80 -39.90 -12.52
N GLU E 36 31.12 -41.03 -12.68
CA GLU E 36 30.17 -41.54 -11.67
C GLU E 36 30.77 -42.47 -10.60
N ALA E 37 30.31 -42.32 -9.36
CA ALA E 37 30.73 -43.16 -8.25
C ALA E 37 29.53 -43.60 -7.41
N LYS E 38 29.75 -44.53 -6.49
CA LYS E 38 28.66 -45.18 -5.75
C LYS E 38 28.98 -45.49 -4.28
N LEU E 39 28.28 -44.81 -3.36
CA LEU E 39 28.44 -45.02 -1.92
C LEU E 39 27.78 -46.30 -1.45
N LEU E 40 28.49 -47.12 -0.68
CA LEU E 40 27.92 -48.36 -0.18
C LEU E 40 28.03 -48.55 1.34
N LYS E 41 26.87 -48.66 2.01
CA LYS E 41 26.80 -48.93 3.45
C LYS E 41 26.48 -50.40 3.72
N ASP E 42 27.52 -51.16 4.08
CA ASP E 42 27.54 -52.63 3.97
C ASP E 42 26.35 -53.20 3.19
N GLY E 43 26.62 -53.58 1.94
CA GLY E 43 25.63 -54.19 1.07
C GLY E 43 25.09 -53.24 0.01
N LYS E 44 24.01 -52.56 0.34
CA LYS E 44 23.28 -51.74 -0.62
C LYS E 44 24.03 -50.45 -1.07
N VAL E 45 23.57 -49.87 -2.17
CA VAL E 45 24.12 -48.63 -2.69
C VAL E 45 23.40 -47.43 -2.08
N PHE E 46 23.97 -46.87 -1.03
CA PHE E 46 23.34 -45.71 -0.39
C PHE E 46 23.11 -44.56 -1.37
N ARG E 47 24.00 -44.42 -2.35
CA ARG E 47 23.90 -43.28 -3.26
C ARG E 47 24.83 -43.28 -4.49
N VAL E 48 24.31 -42.67 -5.56
CA VAL E 48 25.08 -42.49 -6.79
C VAL E 48 25.47 -41.02 -6.97
N VAL E 49 26.78 -40.76 -7.11
CA VAL E 49 27.27 -39.38 -7.19
C VAL E 49 28.27 -39.13 -8.34
N ARG E 50 28.38 -37.87 -8.74
CA ARG E 50 29.25 -37.49 -9.85
C ARG E 50 30.53 -36.83 -9.35
N GLU E 51 31.45 -36.62 -10.29
CA GLU E 51 32.74 -35.96 -10.04
C GLU E 51 32.68 -34.83 -9.02
N ASN E 52 31.74 -33.91 -9.21
CA ASN E 52 31.68 -32.70 -8.38
C ASN E 52 31.55 -32.96 -6.87
N CYS E 53 31.31 -34.21 -6.49
CA CYS E 53 31.18 -34.54 -5.09
C CYS E 53 32.52 -34.75 -4.42
N TRP E 54 33.58 -34.89 -5.21
CA TRP E 54 34.92 -35.10 -4.65
C TRP E 54 36.04 -34.23 -5.25
N ASP E 55 35.90 -33.89 -6.54
CA ASP E 55 36.94 -33.16 -7.28
C ASP E 55 36.72 -31.65 -7.29
N PRO E 56 37.60 -30.89 -6.61
CA PRO E 56 37.48 -29.43 -6.45
C PRO E 56 37.57 -28.70 -7.77
N GLU E 57 38.44 -29.17 -8.65
CA GLU E 57 38.57 -28.57 -9.97
C GLU E 57 37.16 -28.46 -10.52
N VAL E 58 36.48 -29.61 -10.56
CA VAL E 58 35.16 -29.73 -11.11
C VAL E 58 34.14 -28.86 -10.38
N ARG E 59 34.24 -28.80 -9.07
CA ARG E 59 33.35 -27.97 -8.27
C ARG E 59 33.56 -26.49 -8.59
N ILE E 60 34.83 -26.09 -8.60
CA ILE E 60 35.18 -24.70 -8.82
C ILE E 60 34.69 -24.17 -10.18
N ARG E 61 34.65 -25.02 -11.20
CA ARG E 61 34.09 -24.67 -12.50
C ARG E 61 32.58 -24.40 -12.44
N GLU E 62 31.81 -25.38 -11.93
CA GLU E 62 30.38 -25.21 -11.68
C GLU E 62 30.05 -23.99 -10.81
N MET E 63 30.89 -23.73 -9.82
CA MET E 63 30.79 -22.51 -9.02
C MET E 63 30.93 -21.25 -9.88
N ASP E 64 31.82 -21.30 -10.87
CA ASP E 64 32.03 -20.13 -11.74
C ASP E 64 30.86 -19.91 -12.71
N GLN E 65 30.20 -20.99 -13.09
CA GLN E 65 29.06 -20.91 -14.00
C GLN E 65 27.75 -20.56 -13.28
N LYS E 66 27.75 -20.67 -11.95
CA LYS E 66 26.57 -20.35 -11.16
C LYS E 66 26.87 -19.16 -10.27
N GLY E 67 28.03 -18.57 -10.48
CA GLY E 67 28.42 -17.37 -9.78
C GLY E 67 28.52 -17.49 -8.27
N VAL E 68 29.14 -18.58 -7.80
CA VAL E 68 29.29 -18.77 -6.36
C VAL E 68 30.71 -18.58 -5.88
N THR E 69 30.95 -17.45 -5.25
CA THR E 69 32.25 -17.09 -4.70
C THR E 69 32.89 -18.18 -3.81
N VAL E 70 32.19 -18.57 -2.74
CA VAL E 70 32.74 -19.56 -1.80
C VAL E 70 31.74 -20.61 -1.28
N GLN E 71 32.18 -21.86 -1.23
CA GLN E 71 31.43 -22.95 -0.64
C GLN E 71 32.01 -23.28 0.73
N ALA E 72 31.18 -23.28 1.77
CA ALA E 72 31.57 -23.93 3.03
C ALA E 72 31.47 -25.41 2.77
N LEU E 73 32.60 -26.13 2.91
CA LEU E 73 32.64 -27.55 2.61
C LEU E 73 32.51 -28.39 3.86
N SER E 74 31.56 -29.32 3.86
CA SER E 74 31.49 -30.29 4.95
C SER E 74 31.38 -31.72 4.43
N THR E 75 31.65 -32.70 5.30
CA THR E 75 31.50 -34.09 4.90
C THR E 75 30.01 -34.42 4.78
N VAL E 76 29.69 -35.47 4.03
CA VAL E 76 28.32 -35.95 3.91
C VAL E 76 27.92 -36.61 5.23
N PRO E 77 26.70 -36.29 5.74
CA PRO E 77 26.27 -36.63 7.10
C PRO E 77 26.35 -38.10 7.44
N VAL E 78 26.14 -38.98 6.47
CA VAL E 78 26.20 -40.41 6.71
C VAL E 78 27.61 -40.80 7.21
N MET E 79 28.51 -39.81 7.23
CA MET E 79 29.89 -40.06 7.64
C MET E 79 30.12 -39.78 9.13
N PHE E 80 29.15 -39.16 9.80
CA PHE E 80 29.31 -38.78 11.21
C PHE E 80 29.72 -39.98 12.06
N SER E 81 29.11 -41.13 11.80
CA SER E 81 29.53 -42.37 12.46
C SER E 81 29.49 -42.35 14.00
N TYR E 82 28.44 -41.76 14.58
CA TYR E 82 28.35 -41.57 16.04
C TYR E 82 28.12 -42.88 16.78
N TRP E 83 27.89 -43.94 16.04
CA TRP E 83 27.48 -45.24 16.56
C TRP E 83 28.66 -46.21 16.67
N ALA E 84 29.84 -45.75 16.24
CA ALA E 84 31.07 -46.56 16.24
C ALA E 84 31.88 -46.29 17.48
N LYS E 85 32.97 -47.04 17.66
CA LYS E 85 33.88 -46.79 18.76
C LYS E 85 34.30 -45.32 18.73
N PRO E 86 34.50 -44.72 19.90
CA PRO E 86 34.88 -43.31 19.99
C PRO E 86 36.30 -42.95 19.51
N GLU E 87 37.20 -43.92 19.31
CA GLU E 87 38.56 -43.65 18.82
C GLU E 87 38.52 -43.76 17.31
N ASP E 88 37.83 -44.81 16.87
CA ASP E 88 37.66 -45.08 15.46
C ASP E 88 36.87 -43.98 14.76
N THR E 89 36.03 -43.28 15.51
CA THR E 89 35.30 -42.13 15.00
C THR E 89 36.22 -40.92 14.94
N LEU E 90 36.93 -40.67 16.05
CA LEU E 90 38.00 -39.68 16.07
C LEU E 90 39.02 -39.94 14.94
N ASN E 91 39.35 -41.20 14.72
CA ASN E 91 40.27 -41.54 13.66
C ASN E 91 39.68 -41.27 12.29
N LEU E 92 38.36 -41.32 12.17
CA LEU E 92 37.72 -41.03 10.89
C LEU E 92 37.55 -39.53 10.67
N CYS E 93 37.27 -38.81 11.76
CA CYS E 93 37.13 -37.37 11.68
C CYS E 93 38.45 -36.76 11.27
N GLN E 94 39.53 -37.23 11.90
CA GLN E 94 40.84 -36.63 11.67
C GLN E 94 41.24 -36.78 10.20
N LEU E 95 41.02 -37.97 9.65
CA LEU E 95 41.17 -38.16 8.22
C LEU E 95 40.28 -37.17 7.44
N LEU E 96 38.97 -37.19 7.68
CA LEU E 96 38.03 -36.35 6.91
C LEU E 96 38.21 -34.82 7.07
N ASN E 97 38.67 -34.39 8.23
CA ASN E 97 39.00 -32.98 8.42
C ASN E 97 40.30 -32.56 7.73
N ASN E 98 41.27 -33.48 7.70
CA ASN E 98 42.53 -33.21 7.02
C ASN E 98 42.28 -33.02 5.54
N ASP E 99 41.48 -33.92 4.95
CA ASP E 99 41.17 -33.85 3.52
C ASP E 99 40.41 -32.58 3.16
N LEU E 100 39.60 -32.11 4.12
CA LEU E 100 38.84 -30.89 3.95
C LEU E 100 39.76 -29.70 3.87
N ALA E 101 40.64 -29.58 4.86
CA ALA E 101 41.56 -28.47 4.90
C ALA E 101 42.62 -28.52 3.78
N SER E 102 43.04 -29.72 3.38
CA SER E 102 43.88 -29.89 2.19
C SER E 102 43.26 -29.13 1.04
N THR E 103 41.97 -29.42 0.81
CA THR E 103 41.19 -28.77 -0.24
C THR E 103 41.09 -27.25 -0.08
N VAL E 104 40.90 -26.80 1.16
CA VAL E 104 40.74 -25.38 1.45
C VAL E 104 42.04 -24.59 1.22
N VAL E 105 43.15 -25.15 1.68
CA VAL E 105 44.46 -24.58 1.43
C VAL E 105 44.71 -24.49 -0.07
N SER E 106 44.38 -25.56 -0.79
CA SER E 106 44.48 -25.57 -2.24
C SER E 106 43.69 -24.45 -2.95
N TYR E 107 42.75 -23.81 -2.25
CA TYR E 107 41.96 -22.72 -2.84
C TYR E 107 41.29 -21.86 -1.77
N PRO E 108 42.10 -21.17 -0.95
CA PRO E 108 41.59 -20.47 0.24
C PRO E 108 40.57 -19.39 -0.10
N ARG E 109 40.50 -19.04 -1.36
CA ARG E 109 39.66 -17.95 -1.80
C ARG E 109 38.33 -18.48 -2.31
N ARG E 110 38.16 -19.80 -2.25
CA ARG E 110 36.93 -20.43 -2.69
C ARG E 110 36.20 -21.27 -1.62
N PHE E 111 36.91 -21.69 -0.57
CA PHE E 111 36.33 -22.58 0.43
C PHE E 111 36.71 -22.26 1.88
N VAL E 112 35.75 -22.39 2.80
CA VAL E 112 36.08 -22.60 4.21
C VAL E 112 35.62 -24.01 4.64
N GLY E 113 35.83 -24.35 5.90
CA GLY E 113 35.71 -25.74 6.31
C GLY E 113 35.02 -25.99 7.63
N LEU E 114 34.05 -26.89 7.62
CA LEU E 114 33.29 -27.25 8.81
C LEU E 114 33.59 -28.72 9.11
N GLY E 115 34.42 -28.95 10.13
CA GLY E 115 34.84 -30.31 10.46
C GLY E 115 33.77 -31.17 11.10
N THR E 116 33.90 -32.48 10.94
CA THR E 116 33.05 -33.44 11.64
C THR E 116 33.73 -33.84 12.95
N LEU E 117 32.95 -33.96 14.01
CA LEU E 117 33.48 -34.30 15.34
C LEU E 117 33.03 -35.69 15.78
N PRO E 118 33.68 -36.27 16.80
CA PRO E 118 33.23 -37.52 17.41
C PRO E 118 32.29 -37.29 18.62
N MET E 119 31.08 -36.82 18.33
CA MET E 119 30.16 -36.33 19.36
C MET E 119 29.71 -37.33 20.43
N GLN E 120 29.82 -38.63 20.15
CA GLN E 120 29.45 -39.65 21.13
C GLN E 120 30.45 -39.68 22.30
N ALA E 121 31.65 -39.18 22.05
CA ALA E 121 32.70 -39.13 23.08
C ALA E 121 33.08 -37.68 23.36
N PRO E 122 32.37 -37.01 24.29
CA PRO E 122 32.45 -35.55 24.44
C PRO E 122 33.86 -34.96 24.62
N GLU E 123 34.71 -35.59 25.43
CA GLU E 123 36.06 -35.08 25.67
C GLU E 123 36.90 -35.11 24.38
N LEU E 124 36.82 -36.19 23.63
CA LEU E 124 37.48 -36.26 22.33
C LEU E 124 36.98 -35.18 21.40
N ALA E 125 35.68 -34.94 21.42
CA ALA E 125 35.06 -33.93 20.56
C ALA E 125 35.65 -32.56 20.77
N VAL E 126 35.87 -32.20 22.03
CA VAL E 126 36.37 -30.87 22.35
C VAL E 126 37.79 -30.61 21.81
N LYS E 127 38.68 -31.59 21.94
CA LYS E 127 40.06 -31.42 21.48
C LYS E 127 40.19 -31.52 19.97
N GLU E 128 39.34 -32.31 19.31
CA GLU E 128 39.32 -32.31 17.85
C GLU E 128 38.73 -31.01 17.32
N MET E 129 37.87 -30.39 18.10
CA MET E 129 37.31 -29.07 17.76
C MET E 129 38.40 -28.01 17.87
N GLU E 130 39.10 -28.01 19.01
CA GLU E 130 40.24 -27.12 19.22
C GLU E 130 41.24 -27.25 18.08
N ARG E 131 41.37 -28.46 17.57
CA ARG E 131 42.29 -28.73 16.48
C ARG E 131 41.77 -28.22 15.14
N CYS E 132 40.49 -28.40 14.88
CA CYS E 132 39.87 -27.85 13.68
C CYS E 132 40.02 -26.32 13.61
N VAL E 133 39.89 -25.67 14.76
CA VAL E 133 39.91 -24.20 14.81
C VAL E 133 41.30 -23.58 14.86
N LYS E 134 42.13 -24.02 15.81
CA LYS E 134 43.49 -23.48 15.97
C LYS E 134 44.44 -23.92 14.85
N GLU E 135 44.44 -25.22 14.57
CA GLU E 135 45.33 -25.81 13.58
C GLU E 135 44.85 -25.65 12.14
N LEU E 136 43.76 -26.31 11.77
CA LEU E 136 43.24 -26.27 10.40
C LEU E 136 42.55 -24.93 10.05
N GLY E 137 42.28 -24.12 11.06
CA GLY E 137 41.68 -22.80 10.87
C GLY E 137 40.23 -22.81 10.44
N PHE E 138 39.49 -23.85 10.81
CA PHE E 138 38.05 -23.91 10.48
C PHE E 138 37.26 -22.89 11.28
N PRO E 139 36.26 -22.27 10.64
CA PRO E 139 35.38 -21.32 11.33
C PRO E 139 34.31 -22.02 12.16
N GLY E 140 34.07 -23.29 11.87
CA GLY E 140 33.05 -24.03 12.61
C GLY E 140 33.07 -25.51 12.30
N VAL E 141 32.07 -26.21 12.83
CA VAL E 141 31.91 -27.65 12.62
C VAL E 141 30.46 -27.99 12.35
N GLN E 142 30.23 -29.06 11.58
CA GLN E 142 28.89 -29.58 11.35
C GLN E 142 28.67 -30.84 12.17
N ILE E 143 27.53 -30.87 12.85
CA ILE E 143 27.21 -31.98 13.73
C ILE E 143 25.78 -32.40 13.45
N GLY E 144 25.43 -33.61 13.85
CA GLY E 144 24.10 -34.12 13.57
C GLY E 144 23.05 -33.49 14.47
N THR E 145 21.80 -33.85 14.24
CA THR E 145 20.68 -33.35 15.04
C THR E 145 20.51 -34.17 16.32
N HIS E 146 21.07 -35.37 16.34
CA HIS E 146 21.08 -36.17 17.56
C HIS E 146 22.29 -37.11 17.64
N VAL E 147 22.76 -37.34 18.85
CA VAL E 147 23.90 -38.21 19.08
C VAL E 147 23.44 -39.51 19.73
N ASN E 148 22.98 -40.44 18.89
CA ASN E 148 22.34 -41.67 19.37
C ASN E 148 21.02 -41.38 20.12
N GLU E 149 21.07 -41.31 21.46
CA GLU E 149 19.89 -40.97 22.25
C GLU E 149 20.01 -39.64 22.98
N TRP E 150 21.15 -38.95 22.84
CA TRP E 150 21.22 -37.59 23.34
C TRP E 150 20.68 -36.70 22.26
N ASP E 151 19.68 -35.90 22.61
CA ASP E 151 19.29 -34.80 21.76
C ASP E 151 20.14 -33.64 22.22
N LEU E 152 20.13 -32.56 21.45
CA LEU E 152 21.10 -31.47 21.65
C LEU E 152 21.00 -30.78 23.02
N ASN E 153 20.11 -31.27 23.88
CA ASN E 153 19.95 -30.71 25.21
C ASN E 153 20.72 -31.49 26.28
N ALA E 154 21.21 -32.67 25.90
CA ALA E 154 21.91 -33.53 26.84
C ALA E 154 23.06 -32.81 27.56
N GLN E 155 22.93 -32.71 28.87
CA GLN E 155 23.99 -32.13 29.70
C GLN E 155 25.35 -32.59 29.24
N GLU E 156 25.41 -33.80 28.69
CA GLU E 156 26.68 -34.42 28.35
C GLU E 156 27.37 -33.63 27.24
N LEU E 157 26.62 -32.76 26.58
CA LEU E 157 27.14 -32.03 25.43
C LEU E 157 27.60 -30.63 25.79
N PHE E 158 27.23 -30.16 26.98
CA PHE E 158 27.61 -28.81 27.40
C PHE E 158 29.13 -28.55 27.31
N PRO E 159 29.96 -29.58 27.58
CA PRO E 159 31.40 -29.38 27.39
C PRO E 159 31.70 -28.83 26.00
N VAL E 160 31.08 -29.44 24.98
CA VAL E 160 31.32 -29.08 23.59
C VAL E 160 30.83 -27.67 23.23
N TYR E 161 29.64 -27.30 23.70
CA TYR E 161 29.09 -25.96 23.42
C TYR E 161 29.95 -24.89 24.07
N ALA E 162 30.37 -25.14 25.30
CA ALA E 162 31.31 -24.24 25.97
C ALA E 162 32.51 -24.01 25.07
N ALA E 163 33.27 -25.06 24.81
CA ALA E 163 34.48 -24.95 23.99
C ALA E 163 34.22 -24.19 22.69
N ALA E 164 33.05 -24.38 22.10
CA ALA E 164 32.71 -23.67 20.87
C ALA E 164 32.54 -22.16 21.10
N GLU E 165 31.85 -21.80 22.17
CA GLU E 165 31.63 -20.39 22.48
C GLU E 165 32.97 -19.68 22.77
N ARG E 166 33.92 -20.44 23.31
CA ARG E 166 35.28 -19.92 23.51
C ARG E 166 36.08 -19.87 22.21
N LEU E 167 36.24 -21.02 21.58
CA LEU E 167 36.96 -21.10 20.32
C LEU E 167 36.35 -20.17 19.27
N LYS E 168 35.24 -19.53 19.64
CA LYS E 168 34.43 -18.76 18.69
C LYS E 168 34.16 -19.61 17.44
N CYS E 169 33.68 -20.81 17.70
CA CYS E 169 33.47 -21.84 16.69
C CYS E 169 31.97 -21.97 16.43
N SER E 170 31.60 -21.93 15.15
CA SER E 170 30.19 -21.99 14.77
C SER E 170 29.74 -23.43 14.61
N LEU E 171 28.45 -23.68 14.86
CA LEU E 171 27.86 -25.00 14.65
C LEU E 171 26.82 -24.93 13.56
N PHE E 172 26.93 -25.82 12.60
CA PHE E 172 25.89 -26.01 11.61
C PHE E 172 25.24 -27.38 11.85
N VAL E 173 23.96 -27.36 12.21
CA VAL E 173 23.22 -28.57 12.58
C VAL E 173 22.51 -29.17 11.34
N HIS E 174 22.88 -30.40 10.99
CA HIS E 174 22.37 -31.05 9.80
C HIS E 174 21.68 -32.33 10.24
N PRO E 175 20.38 -32.48 9.90
CA PRO E 175 19.59 -33.66 10.25
C PRO E 175 20.19 -34.92 9.64
N TRP E 176 20.03 -36.04 10.33
CA TRP E 176 20.57 -37.30 9.84
C TRP E 176 20.16 -38.45 10.73
N ASP E 177 20.20 -39.65 10.18
CA ASP E 177 19.86 -40.85 10.93
C ASP E 177 18.39 -40.75 11.41
N MET E 178 17.51 -40.46 10.46
CA MET E 178 16.07 -40.51 10.65
C MET E 178 15.63 -41.96 10.57
N GLN E 179 14.41 -42.26 11.02
CA GLN E 179 13.86 -43.58 10.82
C GLN E 179 13.91 -43.90 9.32
N MET E 180 14.24 -45.14 8.98
CA MET E 180 14.40 -45.51 7.58
C MET E 180 13.48 -46.67 7.26
N ASP E 181 13.14 -47.43 8.29
CA ASP E 181 12.34 -48.62 8.12
C ASP E 181 10.93 -48.40 8.65
N GLY E 182 10.16 -49.49 8.70
CA GLY E 182 8.77 -49.41 9.09
C GLY E 182 7.94 -48.64 8.10
N ARG E 183 7.06 -47.77 8.62
CA ARG E 183 6.24 -46.93 7.78
C ARG E 183 7.09 -45.99 6.92
N MET E 184 8.28 -45.63 7.43
CA MET E 184 9.11 -44.58 6.84
C MET E 184 9.89 -45.01 5.61
N ALA E 185 9.78 -46.27 5.22
CA ALA E 185 10.49 -46.72 4.04
C ALA E 185 9.57 -46.68 2.82
N LYS E 186 9.29 -45.49 2.33
CA LYS E 186 8.52 -45.30 1.11
C LYS E 186 8.49 -43.81 0.80
N TYR E 187 8.33 -43.48 -0.48
CA TYR E 187 8.12 -42.10 -0.92
C TYR E 187 9.26 -41.17 -0.48
N TRP E 188 10.42 -41.74 -0.17
CA TRP E 188 11.55 -40.94 0.26
C TRP E 188 11.12 -40.09 1.43
N LEU E 189 10.31 -40.66 2.31
CA LEU E 189 9.79 -39.95 3.47
C LEU E 189 10.86 -39.57 4.48
N PRO E 190 11.85 -40.45 4.67
CA PRO E 190 12.99 -40.16 5.54
C PRO E 190 13.63 -38.80 5.25
N TRP E 191 13.76 -38.45 3.96
CA TRP E 191 14.32 -37.16 3.53
C TRP E 191 13.30 -36.04 3.37
N LEU E 192 12.15 -36.37 2.79
CA LEU E 192 11.13 -35.38 2.50
C LEU E 192 10.45 -34.89 3.78
N VAL E 193 10.29 -35.79 4.77
CA VAL E 193 9.56 -35.46 5.99
C VAL E 193 10.39 -35.66 7.26
N GLY E 194 11.13 -36.76 7.34
CA GLY E 194 11.92 -37.02 8.51
C GLY E 194 13.04 -36.02 8.80
N MET E 195 13.73 -35.57 7.76
CA MET E 195 14.80 -34.59 7.95
C MET E 195 14.26 -33.29 8.57
N PRO E 196 13.19 -32.72 7.98
CA PRO E 196 12.63 -31.48 8.53
C PRO E 196 12.14 -31.65 9.95
N ALA E 197 11.79 -32.89 10.32
CA ALA E 197 11.27 -33.16 11.66
C ALA E 197 12.42 -33.32 12.66
N GLU E 198 13.50 -33.94 12.21
CA GLU E 198 14.78 -33.95 12.96
C GLU E 198 15.22 -32.53 13.34
N THR E 199 15.26 -31.61 12.36
CA THR E 199 15.73 -30.26 12.63
C THR E 199 14.81 -29.58 13.66
N THR E 200 13.51 -29.80 13.57
CA THR E 200 12.58 -29.20 14.53
C THR E 200 12.78 -29.79 15.92
N ILE E 201 12.94 -31.10 15.99
CA ILE E 201 13.25 -31.74 17.26
C ILE E 201 14.50 -31.15 17.94
N ALA E 202 15.50 -30.83 17.11
CA ALA E 202 16.76 -30.27 17.61
C ALA E 202 16.62 -28.82 18.01
N ILE E 203 15.90 -28.02 17.22
CA ILE E 203 15.72 -26.64 17.57
C ILE E 203 15.07 -26.62 18.95
N CYS E 204 13.99 -27.38 19.09
CA CYS E 204 13.23 -27.40 20.34
C CYS E 204 14.09 -27.81 21.52
N SER E 205 14.86 -28.88 21.35
CA SER E 205 15.66 -29.37 22.46
C SER E 205 16.70 -28.35 22.93
N MET E 206 17.24 -27.56 22.00
CA MET E 206 18.30 -26.60 22.35
C MET E 206 17.68 -25.41 23.06
N ILE E 207 16.51 -24.98 22.60
CA ILE E 207 15.77 -23.93 23.29
C ILE E 207 15.27 -24.38 24.66
N MET E 208 14.44 -25.41 24.70
CA MET E 208 13.85 -25.80 25.96
C MET E 208 14.91 -26.41 26.86
N GLY E 209 15.95 -26.94 26.25
CA GLY E 209 17.02 -27.58 27.00
C GLY E 209 17.93 -26.54 27.63
N GLY E 210 17.69 -25.29 27.30
CA GLY E 210 18.46 -24.18 27.82
C GLY E 210 19.84 -23.92 27.22
N VAL E 211 20.19 -24.60 26.14
CA VAL E 211 21.51 -24.43 25.56
C VAL E 211 21.80 -23.01 25.03
N PHE E 212 20.77 -22.33 24.51
CA PHE E 212 21.00 -20.96 24.03
C PHE E 212 21.09 -20.04 25.21
N GLU E 213 20.37 -20.40 26.27
CA GLU E 213 20.32 -19.59 27.48
C GLU E 213 21.61 -19.63 28.28
N LYS E 214 22.17 -20.82 28.47
CA LYS E 214 23.41 -20.99 29.21
C LYS E 214 24.64 -20.67 28.35
N PHE E 215 24.44 -20.47 27.05
CA PHE E 215 25.55 -20.21 26.13
C PHE E 215 25.20 -19.11 25.14
N PRO E 216 24.93 -17.91 25.65
CA PRO E 216 24.37 -16.80 24.87
C PRO E 216 25.19 -16.41 23.65
N LYS E 217 26.48 -16.72 23.62
CA LYS E 217 27.37 -16.27 22.52
C LYS E 217 27.62 -17.39 21.50
N LEU E 218 27.01 -18.54 21.73
CA LEU E 218 27.11 -19.68 20.82
C LEU E 218 26.36 -19.36 19.53
N LYS E 219 27.00 -19.55 18.39
CA LYS E 219 26.37 -19.26 17.10
C LYS E 219 26.00 -20.53 16.33
N VAL E 220 24.71 -20.75 16.10
CA VAL E 220 24.26 -22.01 15.53
C VAL E 220 23.34 -21.83 14.33
N CYS E 221 23.60 -22.57 13.26
CA CYS E 221 22.72 -22.55 12.10
C CYS E 221 22.12 -23.92 11.81
N PHE E 222 20.83 -23.97 11.53
CA PHE E 222 20.15 -25.23 11.24
C PHE E 222 19.84 -25.34 9.77
N ALA E 223 19.98 -26.55 9.22
CA ALA E 223 19.77 -26.80 7.82
C ALA E 223 18.29 -26.79 7.41
N HIS E 224 18.05 -26.47 6.14
CA HIS E 224 16.75 -26.63 5.50
C HIS E 224 15.67 -25.67 5.99
N GLY E 225 16.08 -24.54 6.53
CA GLY E 225 15.11 -23.53 6.93
C GLY E 225 14.64 -23.72 8.35
N GLY E 226 15.28 -24.61 9.08
CA GLY E 226 14.85 -24.92 10.44
C GLY E 226 13.74 -25.95 10.41
N GLY E 227 13.57 -26.62 9.27
CA GLY E 227 12.61 -27.68 9.12
C GLY E 227 11.18 -27.21 9.01
N ALA E 228 10.44 -27.36 10.11
CA ALA E 228 9.04 -26.92 10.15
C ALA E 228 8.85 -25.92 11.27
N PHE E 229 9.93 -25.62 11.99
CA PHE E 229 9.89 -24.72 13.14
C PHE E 229 9.29 -23.35 12.82
N PRO E 230 9.69 -22.74 11.69
CA PRO E 230 9.19 -21.39 11.39
C PRO E 230 7.67 -21.38 11.19
N PHE E 231 7.09 -22.54 10.96
CA PHE E 231 5.67 -22.65 10.72
C PHE E 231 4.92 -23.10 11.99
N THR E 232 5.50 -24.04 12.71
CA THR E 232 4.88 -24.62 13.88
C THR E 232 5.26 -23.89 15.18
N VAL E 233 5.99 -22.79 15.07
CA VAL E 233 6.48 -22.15 16.29
C VAL E 233 5.35 -21.54 17.11
N GLY E 234 4.35 -21.00 16.44
CA GLY E 234 3.14 -20.59 17.13
C GLY E 234 2.60 -21.70 17.98
N ARG E 235 2.49 -22.88 17.39
CA ARG E 235 2.05 -24.07 18.09
C ARG E 235 3.02 -24.52 19.19
N ILE E 236 4.31 -24.53 18.88
CA ILE E 236 5.35 -24.90 19.86
C ILE E 236 5.36 -23.91 21.03
N SER E 237 5.15 -22.63 20.73
CA SER E 237 5.16 -21.58 21.73
C SER E 237 3.90 -21.60 22.59
N HIS E 238 2.75 -21.81 21.97
CA HIS E 238 1.48 -21.89 22.70
C HIS E 238 1.48 -23.08 23.69
N GLY E 239 1.89 -24.23 23.19
CA GLY E 239 2.03 -25.41 24.01
C GLY E 239 2.89 -25.17 25.22
N PHE E 240 4.05 -24.54 25.03
CA PHE E 240 4.95 -24.22 26.14
C PHE E 240 4.33 -23.35 27.23
N SER E 241 3.52 -22.36 26.85
CA SER E 241 2.78 -21.55 27.84
C SER E 241 1.65 -22.31 28.52
N MET E 242 1.08 -23.30 27.83
CA MET E 242 -0.07 -24.05 28.36
C MET E 242 0.33 -25.16 29.33
N ARG E 243 1.45 -25.82 29.06
CA ARG E 243 1.93 -26.89 29.92
C ARG E 243 3.42 -26.73 30.26
N PRO E 244 3.72 -25.79 31.15
CA PRO E 244 5.11 -25.54 31.58
C PRO E 244 5.66 -26.65 32.47
N ASP E 245 4.84 -27.64 32.83
CA ASP E 245 5.30 -28.72 33.70
C ASP E 245 5.89 -29.87 32.88
N LEU E 246 5.61 -29.88 31.59
CA LEU E 246 6.24 -30.82 30.67
C LEU E 246 7.37 -30.14 29.91
N CYS E 247 7.38 -28.81 29.94
CA CYS E 247 8.28 -28.06 29.07
C CYS E 247 9.35 -27.18 29.76
N ALA E 248 8.94 -26.38 30.75
CA ALA E 248 9.82 -25.38 31.33
C ALA E 248 10.75 -25.91 32.43
N GLN E 249 10.70 -27.22 32.68
CA GLN E 249 11.49 -27.84 33.74
C GLN E 249 12.99 -27.54 33.70
N ASP E 250 13.51 -27.20 32.51
CA ASP E 250 14.93 -26.90 32.32
C ASP E 250 15.18 -25.47 31.84
N ASN E 251 14.11 -24.78 31.48
CA ASN E 251 14.23 -23.44 30.91
C ASN E 251 12.88 -22.75 30.82
N PRO E 252 12.63 -21.81 31.75
CA PRO E 252 11.32 -21.16 31.91
C PRO E 252 10.95 -20.16 30.80
N MET E 253 11.88 -19.80 29.93
CA MET E 253 11.60 -18.85 28.86
C MET E 253 10.92 -19.45 27.63
N ASN E 254 9.69 -18.99 27.37
CA ASN E 254 8.97 -19.40 26.17
C ASN E 254 9.87 -19.40 24.93
N PRO E 255 9.81 -20.49 24.13
CA PRO E 255 10.66 -20.60 22.94
C PRO E 255 10.56 -19.38 22.03
N LYS E 256 9.43 -18.68 22.08
CA LYS E 256 9.23 -17.49 21.26
C LYS E 256 10.35 -16.47 21.47
N LYS E 257 10.88 -16.39 22.69
CA LYS E 257 11.91 -15.39 23.03
C LYS E 257 13.29 -15.68 22.43
N TYR E 258 13.45 -16.83 21.77
CA TYR E 258 14.72 -17.18 21.14
C TYR E 258 14.65 -17.04 19.63
N LEU E 259 13.66 -16.30 19.14
CA LEU E 259 13.62 -15.99 17.72
C LEU E 259 14.66 -14.93 17.41
N GLY E 260 15.64 -15.27 16.58
CA GLY E 260 16.72 -14.36 16.27
C GLY E 260 17.96 -14.61 17.10
N SER E 261 17.96 -15.70 17.86
CA SER E 261 19.12 -16.08 18.67
C SER E 261 19.93 -17.05 17.85
N PHE E 262 19.38 -17.49 16.73
CA PHE E 262 20.04 -18.48 15.91
C PHE E 262 19.73 -18.32 14.43
N TYR E 263 20.62 -18.88 13.60
CA TYR E 263 20.46 -18.85 12.15
C TYR E 263 19.77 -20.11 11.61
N THR E 264 19.28 -19.99 10.38
CA THR E 264 18.90 -21.14 9.55
C THR E 264 19.38 -20.83 8.14
N ASP E 265 19.60 -21.86 7.32
CA ASP E 265 19.90 -21.62 5.92
C ASP E 265 18.57 -21.45 5.21
N ALA E 266 18.58 -21.06 3.95
CA ALA E 266 17.35 -20.68 3.27
C ALA E 266 16.86 -21.71 2.26
N LEU E 267 17.38 -22.93 2.35
CA LEU E 267 17.01 -24.01 1.43
C LEU E 267 15.55 -24.48 1.64
N VAL E 268 14.59 -23.70 1.15
CA VAL E 268 13.18 -24.07 1.25
C VAL E 268 12.45 -24.02 -0.10
N HIS E 269 13.22 -23.98 -1.19
CA HIS E 269 12.69 -24.19 -2.54
C HIS E 269 11.60 -23.22 -3.03
N ASP E 270 10.59 -22.94 -2.20
CA ASP E 270 9.47 -22.10 -2.63
C ASP E 270 9.61 -20.69 -2.10
N PRO E 271 9.21 -19.68 -2.89
CA PRO E 271 9.31 -18.27 -2.52
C PRO E 271 8.43 -17.89 -1.35
N LEU E 272 7.30 -18.59 -1.18
CA LEU E 272 6.38 -18.32 -0.06
C LEU E 272 6.98 -18.77 1.27
N SER E 273 7.65 -19.90 1.23
CA SER E 273 8.33 -20.43 2.41
C SER E 273 9.47 -19.50 2.83
N LEU E 274 10.22 -19.00 1.85
CA LEU E 274 11.34 -18.11 2.14
C LEU E 274 10.87 -16.80 2.77
N LYS E 275 9.77 -16.24 2.27
CA LYS E 275 9.22 -15.02 2.85
C LYS E 275 8.80 -15.23 4.31
N LEU E 276 8.20 -16.37 4.62
CA LEU E 276 7.83 -16.64 6.00
C LEU E 276 9.06 -16.84 6.87
N LEU E 277 10.02 -17.61 6.35
CA LEU E 277 11.27 -17.90 7.07
C LEU E 277 12.01 -16.65 7.56
N THR E 278 12.19 -15.68 6.67
CA THR E 278 12.84 -14.44 7.06
C THR E 278 12.00 -13.62 8.06
N ASP E 279 10.67 -13.65 7.91
CA ASP E 279 9.77 -12.92 8.83
C ASP E 279 9.80 -13.53 10.22
N VAL E 280 9.93 -14.85 10.29
CA VAL E 280 10.03 -15.52 11.58
C VAL E 280 11.46 -15.44 12.18
N ILE E 281 12.45 -15.96 11.45
CA ILE E 281 13.81 -16.12 11.96
C ILE E 281 14.63 -14.82 11.92
N GLY E 282 14.27 -13.92 11.01
CA GLY E 282 14.94 -12.63 10.88
C GLY E 282 15.74 -12.44 9.61
N LYS E 283 15.66 -11.24 9.02
CA LYS E 283 16.37 -10.95 7.78
C LYS E 283 17.89 -11.01 7.97
N ASP E 284 18.32 -10.90 9.22
CA ASP E 284 19.74 -10.97 9.56
C ASP E 284 20.24 -12.38 9.84
N LYS E 285 19.36 -13.36 9.80
CA LYS E 285 19.68 -14.68 10.31
C LYS E 285 19.54 -15.80 9.29
N VAL E 286 19.22 -15.46 8.04
CA VAL E 286 19.01 -16.47 7.00
C VAL E 286 20.16 -16.45 6.02
N ILE E 287 20.72 -17.64 5.76
CA ILE E 287 21.92 -17.82 4.95
C ILE E 287 21.73 -18.73 3.71
N LEU E 288 22.10 -18.25 2.52
CA LEU E 288 21.94 -19.05 1.31
C LEU E 288 22.58 -20.43 1.45
N GLY E 289 21.82 -21.48 1.12
CA GLY E 289 22.28 -22.85 1.27
C GLY E 289 21.81 -23.77 0.15
N THR E 290 22.55 -24.84 -0.11
CA THR E 290 22.36 -25.56 -1.36
C THR E 290 22.22 -27.08 -1.35
N ASP E 291 22.70 -27.75 -0.31
CA ASP E 291 22.88 -29.20 -0.40
C ASP E 291 23.62 -29.60 -1.70
N TYR E 292 24.51 -28.74 -2.19
CA TYR E 292 25.36 -29.11 -3.31
C TYR E 292 26.20 -30.27 -2.81
N PRO E 293 26.38 -31.31 -3.63
CA PRO E 293 25.89 -31.49 -5.00
C PRO E 293 24.71 -32.46 -5.12
N PHE E 294 23.81 -32.50 -4.14
CA PHE E 294 22.76 -33.52 -4.09
C PHE E 294 21.41 -33.07 -4.73
N PRO E 295 20.65 -34.01 -5.34
CA PRO E 295 19.48 -33.64 -6.13
C PRO E 295 18.48 -32.77 -5.40
N LEU E 296 18.32 -33.00 -4.09
CA LEU E 296 17.34 -32.28 -3.28
C LEU E 296 17.69 -30.80 -3.01
N GLY E 297 18.71 -30.29 -3.69
CA GLY E 297 19.19 -28.94 -3.41
C GLY E 297 18.54 -27.87 -4.25
N GLU E 298 19.02 -26.64 -4.13
CA GLU E 298 18.65 -25.59 -5.07
C GLU E 298 19.53 -25.76 -6.29
N LEU E 299 18.95 -26.23 -7.40
CA LEU E 299 19.70 -26.53 -8.60
C LEU E 299 20.34 -25.28 -9.24
N GLU E 300 19.76 -24.11 -8.96
CA GLU E 300 20.32 -22.82 -9.36
C GLU E 300 20.66 -21.95 -8.13
N PRO E 301 21.90 -22.08 -7.62
CA PRO E 301 22.26 -21.48 -6.33
C PRO E 301 21.99 -19.98 -6.27
N GLY E 302 21.14 -19.57 -5.33
CA GLY E 302 20.80 -18.17 -5.16
C GLY E 302 19.58 -17.70 -5.96
N LYS E 303 18.99 -18.59 -6.75
CA LYS E 303 17.91 -18.19 -7.65
C LYS E 303 16.57 -17.83 -6.99
N LEU E 304 16.28 -18.43 -5.84
CA LEU E 304 15.04 -18.12 -5.12
C LEU E 304 15.15 -16.77 -4.41
N ILE E 305 16.30 -16.52 -3.80
CA ILE E 305 16.58 -15.23 -3.16
C ILE E 305 16.60 -14.11 -4.18
N GLU E 306 17.21 -14.37 -5.33
CA GLU E 306 17.30 -13.39 -6.39
C GLU E 306 15.91 -13.04 -6.96
N SER E 307 14.99 -14.00 -6.95
CA SER E 307 13.65 -13.77 -7.53
C SER E 307 12.68 -13.09 -6.57
N MET E 308 13.06 -12.96 -5.30
CA MET E 308 12.17 -12.35 -4.32
C MET E 308 11.86 -10.88 -4.59
N GLU E 309 10.76 -10.65 -5.29
CA GLU E 309 10.23 -9.32 -5.57
C GLU E 309 10.16 -8.43 -4.31
N GLU E 310 9.92 -9.05 -3.16
CA GLU E 310 9.72 -8.33 -1.90
C GLU E 310 11.01 -7.85 -1.24
N PHE E 311 12.15 -8.43 -1.62
CA PHE E 311 13.44 -8.11 -1.00
C PHE E 311 14.14 -6.94 -1.67
N ASP E 312 14.64 -6.00 -0.88
CA ASP E 312 15.47 -4.96 -1.43
C ASP E 312 16.85 -5.57 -1.64
N GLU E 313 17.82 -4.79 -2.12
CA GLU E 313 19.17 -5.33 -2.34
C GLU E 313 19.93 -5.44 -1.01
N GLU E 314 19.65 -4.49 -0.12
CA GLU E 314 20.15 -4.52 1.24
C GLU E 314 19.96 -5.92 1.84
N THR E 315 18.77 -6.49 1.62
CA THR E 315 18.40 -7.79 2.20
C THR E 315 18.91 -8.99 1.38
N LYS E 316 18.84 -8.87 0.05
CA LYS E 316 19.32 -9.93 -0.84
C LYS E 316 20.82 -10.20 -0.68
N ASN E 317 21.55 -9.20 -0.23
CA ASN E 317 22.98 -9.37 0.00
C ASN E 317 23.26 -10.03 1.35
N LYS E 318 22.42 -9.75 2.34
CA LYS E 318 22.59 -10.39 3.63
C LYS E 318 22.36 -11.89 3.48
N LEU E 319 21.31 -12.26 2.75
CA LEU E 319 20.96 -13.67 2.52
C LEU E 319 22.06 -14.45 1.81
N LYS E 320 22.71 -13.84 0.83
CA LYS E 320 23.66 -14.56 -0.03
C LYS E 320 25.10 -14.56 0.49
N ALA E 321 25.42 -13.62 1.36
CA ALA E 321 26.78 -13.49 1.84
C ALA E 321 26.85 -12.90 3.25
N GLY E 322 26.33 -11.69 3.42
CA GLY E 322 26.35 -11.04 4.71
C GLY E 322 26.23 -11.99 5.90
N ASN E 323 25.05 -12.58 6.06
CA ASN E 323 24.78 -13.45 7.22
C ASN E 323 25.74 -14.65 7.36
N ALA E 324 26.09 -15.29 6.25
CA ALA E 324 27.14 -16.31 6.26
C ALA E 324 28.49 -15.79 6.80
N LEU E 325 28.88 -14.59 6.38
CA LEU E 325 30.12 -13.99 6.88
C LEU E 325 30.06 -13.73 8.38
N ALA E 326 28.93 -13.22 8.85
CA ALA E 326 28.78 -12.90 10.26
C ALA E 326 28.78 -14.18 11.10
N PHE E 327 28.09 -15.20 10.60
CA PHE E 327 27.99 -16.50 11.25
C PHE E 327 29.36 -17.20 11.38
N LEU E 328 30.12 -17.18 10.30
CA LEU E 328 31.45 -17.78 10.36
C LEU E 328 32.47 -16.88 11.07
N GLY E 329 32.12 -15.60 11.24
CA GLY E 329 33.08 -14.60 11.69
C GLY E 329 34.17 -14.37 10.65
N LEU E 330 33.76 -14.04 9.42
CA LEU E 330 34.71 -13.75 8.36
C LEU E 330 34.43 -12.39 7.74
N GLU E 331 35.43 -11.88 7.01
CA GLU E 331 35.33 -10.60 6.34
C GLU E 331 35.41 -10.79 4.84
N ARG E 332 34.72 -9.92 4.12
CA ARG E 332 34.64 -10.01 2.67
C ARG E 332 36.03 -9.90 2.07
N MET F 1 -68.79 11.00 -3.41
CA MET F 1 -69.73 10.54 -4.42
C MET F 1 -70.32 9.12 -4.15
N LYS F 2 -69.57 8.22 -3.49
CA LYS F 2 -70.19 6.96 -3.02
C LYS F 2 -69.71 6.50 -1.63
N ILE F 3 -68.71 5.64 -1.56
CA ILE F 3 -68.25 5.11 -0.27
C ILE F 3 -67.00 5.82 0.25
N ASP F 4 -67.01 6.17 1.53
CA ASP F 4 -65.85 6.83 2.14
C ASP F 4 -65.24 5.93 3.20
N ILE F 5 -64.03 5.46 2.94
CA ILE F 5 -63.42 4.43 3.75
C ILE F 5 -62.73 5.00 4.96
N HIS F 6 -62.61 6.33 5.00
CA HIS F 6 -61.77 6.98 6.00
C HIS F 6 -62.53 8.11 6.68
N SER F 7 -63.18 7.78 7.79
CA SER F 7 -63.91 8.76 8.58
C SER F 7 -63.77 8.39 10.04
N HIS F 8 -63.66 9.37 10.91
CA HIS F 8 -63.49 9.11 12.33
C HIS F 8 -64.70 9.64 13.09
N ILE F 9 -65.05 8.93 14.16
CA ILE F 9 -66.20 9.25 14.98
C ILE F 9 -65.92 8.97 16.46
N LEU F 10 -66.62 9.72 17.31
CA LEU F 10 -66.48 9.66 18.76
C LEU F 10 -67.85 9.58 19.40
N PRO F 11 -67.97 8.87 20.54
CA PRO F 11 -69.21 8.98 21.31
C PRO F 11 -69.42 10.44 21.72
N LYS F 12 -70.64 10.81 22.10
CA LYS F 12 -70.92 12.17 22.55
C LYS F 12 -70.27 12.43 23.90
N GLU F 13 -70.20 11.38 24.72
CA GLU F 13 -69.62 11.43 26.05
C GLU F 13 -69.12 10.05 26.41
N TRP F 14 -67.96 10.00 27.05
CA TRP F 14 -67.53 8.76 27.69
C TRP F 14 -67.07 9.06 29.10
N PRO F 15 -67.05 8.02 29.95
CA PRO F 15 -66.69 8.05 31.37
C PRO F 15 -65.35 8.74 31.64
N ASP F 16 -64.91 8.64 32.89
CA ASP F 16 -63.63 9.18 33.30
C ASP F 16 -62.62 8.06 33.40
N LEU F 17 -61.82 7.90 32.36
CA LEU F 17 -60.90 6.78 32.26
C LEU F 17 -59.80 6.86 33.33
N LYS F 18 -59.40 8.08 33.67
CA LYS F 18 -58.44 8.28 34.77
C LYS F 18 -59.00 7.74 36.09
N LYS F 19 -60.14 8.30 36.52
CA LYS F 19 -60.82 7.81 37.71
C LYS F 19 -61.66 6.58 37.38
N ARG F 20 -61.11 5.70 36.55
CA ARG F 20 -61.79 4.48 36.16
C ARG F 20 -60.76 3.37 35.95
N PHE F 21 -59.52 3.78 35.69
CA PHE F 21 -58.45 2.83 35.42
C PHE F 21 -57.31 2.94 36.43
N GLY F 22 -57.16 4.11 37.04
CA GLY F 22 -56.13 4.32 38.03
C GLY F 22 -55.09 5.37 37.65
N TYR F 23 -54.98 5.65 36.35
CA TYR F 23 -53.98 6.62 35.86
C TYR F 23 -54.55 7.69 34.94
N GLY F 24 -53.84 8.80 34.84
CA GLY F 24 -54.19 9.86 33.91
C GLY F 24 -53.56 9.61 32.55
N GLY F 25 -53.39 10.69 31.78
CA GLY F 25 -52.81 10.61 30.45
C GLY F 25 -53.81 10.20 29.37
N TRP F 26 -55.06 9.97 29.76
CA TRP F 26 -56.09 9.55 28.80
C TRP F 26 -56.70 10.74 28.09
N VAL F 27 -57.72 10.46 27.28
CA VAL F 27 -58.42 11.49 26.54
C VAL F 27 -59.92 11.52 26.90
N GLN F 28 -60.54 12.70 26.81
CA GLN F 28 -61.95 12.88 27.15
C GLN F 28 -62.48 14.12 26.43
N LEU F 29 -63.79 14.15 26.21
CA LEU F 29 -64.40 15.19 25.38
C LEU F 29 -65.19 16.24 26.18
N GLN F 30 -64.95 17.52 25.87
CA GLN F 30 -65.61 18.65 26.54
C GLN F 30 -66.33 19.60 25.58
N HIS F 31 -67.60 19.89 25.90
CA HIS F 31 -68.45 20.74 25.07
C HIS F 31 -68.51 22.19 25.59
N HIS F 32 -68.73 23.14 24.68
CA HIS F 32 -68.81 24.55 25.04
C HIS F 32 -69.27 25.43 23.87
N SER F 33 -70.34 25.03 23.20
CA SER F 33 -70.88 25.80 22.08
C SER F 33 -72.05 25.07 21.41
N LYS F 34 -72.94 24.52 22.23
CA LYS F 34 -74.10 23.75 21.77
C LYS F 34 -73.82 22.79 20.59
N GLY F 35 -72.61 22.84 20.06
CA GLY F 35 -72.21 21.99 18.95
C GLY F 35 -70.74 22.10 18.59
N GLU F 36 -69.91 22.37 19.61
CA GLU F 36 -68.45 22.36 19.48
C GLU F 36 -67.80 21.75 20.73
N ALA F 37 -66.70 21.05 20.54
CA ALA F 37 -66.05 20.38 21.66
C ALA F 37 -64.54 20.55 21.63
N LYS F 38 -63.87 19.95 22.61
CA LYS F 38 -62.42 20.00 22.71
C LYS F 38 -61.91 18.74 23.38
N LEU F 39 -60.89 18.14 22.78
CA LEU F 39 -60.33 16.88 23.29
C LEU F 39 -59.13 17.14 24.20
N LEU F 40 -59.15 16.52 25.37
CA LEU F 40 -58.14 16.78 26.39
C LEU F 40 -57.15 15.62 26.51
N LYS F 41 -55.86 15.94 26.46
CA LYS F 41 -54.84 14.94 26.79
C LYS F 41 -54.37 15.15 28.23
N ASP F 42 -55.28 14.88 29.16
CA ASP F 42 -55.03 15.09 30.60
C ASP F 42 -54.45 16.46 30.92
N GLY F 43 -55.25 17.50 30.72
CA GLY F 43 -54.84 18.86 31.02
C GLY F 43 -55.22 19.90 29.96
N LYS F 44 -54.51 19.88 28.84
CA LYS F 44 -54.71 20.82 27.75
C LYS F 44 -55.25 20.16 26.48
N VAL F 45 -55.82 20.98 25.60
CA VAL F 45 -56.56 20.49 24.43
C VAL F 45 -55.80 20.71 23.13
N PHE F 46 -55.77 19.66 22.30
CA PHE F 46 -54.96 19.63 21.09
C PHE F 46 -55.77 19.58 19.79
N ARG F 47 -57.07 19.33 19.91
CA ARG F 47 -57.96 19.40 18.75
C ARG F 47 -59.35 19.91 19.12
N VAL F 48 -59.80 20.91 18.37
CA VAL F 48 -61.13 21.48 18.53
C VAL F 48 -62.07 20.95 17.44
N VAL F 49 -63.14 20.27 17.84
CA VAL F 49 -63.94 19.49 16.91
C VAL F 49 -65.43 19.88 16.86
N ARG F 50 -65.95 20.11 15.66
CA ARG F 50 -67.35 20.48 15.48
C ARG F 50 -68.30 19.33 15.87
N GLU F 51 -69.58 19.52 15.61
CA GLU F 51 -70.61 18.57 15.99
C GLU F 51 -70.56 17.34 15.08
N ASN F 52 -70.19 17.56 13.81
CA ASN F 52 -70.19 16.46 12.84
C ASN F 52 -69.35 15.28 13.30
N CYS F 53 -68.54 15.49 14.32
CA CYS F 53 -67.63 14.47 14.81
C CYS F 53 -68.29 13.43 15.70
N TRP F 54 -69.48 13.71 16.25
CA TRP F 54 -70.10 12.76 17.17
C TRP F 54 -71.57 12.46 16.91
N ASP F 55 -72.22 13.37 16.18
CA ASP F 55 -73.65 13.25 15.91
C ASP F 55 -73.94 12.67 14.52
N PRO F 56 -74.51 11.46 14.49
CA PRO F 56 -74.76 10.74 13.23
C PRO F 56 -75.70 11.48 12.28
N GLU F 57 -76.71 12.13 12.83
CA GLU F 57 -77.70 12.84 12.02
C GLU F 57 -77.06 14.00 11.28
N VAL F 58 -76.16 14.70 11.97
CA VAL F 58 -75.41 15.77 11.37
C VAL F 58 -74.57 15.24 10.21
N ARG F 59 -74.05 14.04 10.37
CA ARG F 59 -73.19 13.45 9.34
C ARG F 59 -73.99 13.03 8.10
N ILE F 60 -75.19 12.49 8.30
CA ILE F 60 -76.03 12.09 7.17
C ILE F 60 -76.35 13.29 6.28
N ARG F 61 -76.79 14.38 6.90
CA ARG F 61 -77.10 15.58 6.13
C ARG F 61 -75.93 16.00 5.25
N GLU F 62 -74.74 16.13 5.85
CA GLU F 62 -73.54 16.48 5.09
C GLU F 62 -73.19 15.39 4.06
N MET F 63 -73.28 14.13 4.45
CA MET F 63 -73.12 13.04 3.49
C MET F 63 -74.04 13.26 2.29
N ASP F 64 -75.29 13.62 2.58
CA ASP F 64 -76.33 13.84 1.58
C ASP F 64 -76.06 15.02 0.65
N GLN F 65 -75.61 16.15 1.20
CA GLN F 65 -75.21 17.28 0.38
C GLN F 65 -74.09 16.86 -0.58
N LYS F 66 -73.16 16.05 -0.08
CA LYS F 66 -71.91 15.78 -0.79
C LYS F 66 -71.98 14.56 -1.70
N GLY F 67 -73.10 13.85 -1.68
CA GLY F 67 -73.27 12.71 -2.56
C GLY F 67 -72.69 11.46 -1.93
N VAL F 68 -72.24 11.59 -0.69
CA VAL F 68 -71.64 10.46 0.02
C VAL F 68 -72.69 9.45 0.41
N THR F 69 -72.53 8.22 -0.07
CA THR F 69 -73.49 7.16 0.16
C THR F 69 -73.29 6.40 1.47
N VAL F 70 -72.11 5.82 1.66
CA VAL F 70 -71.80 5.18 2.94
C VAL F 70 -70.45 5.61 3.51
N GLN F 71 -70.38 5.78 4.82
CA GLN F 71 -69.12 6.10 5.49
C GLN F 71 -68.68 4.89 6.31
N ALA F 72 -67.39 4.61 6.27
CA ALA F 72 -66.84 3.60 7.16
C ALA F 72 -66.35 4.34 8.40
N LEU F 73 -66.92 3.99 9.55
CA LEU F 73 -66.59 4.69 10.78
C LEU F 73 -65.49 3.99 11.59
N SER F 74 -64.56 4.80 12.07
CA SER F 74 -63.51 4.33 12.96
C SER F 74 -63.33 5.37 14.03
N THR F 75 -62.67 4.98 15.12
CA THR F 75 -62.40 5.89 16.23
C THR F 75 -61.21 6.78 15.92
N VAL F 76 -61.22 8.02 16.41
CA VAL F 76 -60.07 8.90 16.22
C VAL F 76 -58.83 8.19 16.74
N PRO F 77 -57.74 8.18 15.92
CA PRO F 77 -56.53 7.40 16.21
C PRO F 77 -56.01 7.58 17.62
N VAL F 78 -55.83 8.83 18.06
CA VAL F 78 -55.43 9.10 19.43
C VAL F 78 -56.21 8.30 20.50
N MET F 79 -57.25 7.59 20.09
CA MET F 79 -58.06 6.79 21.02
C MET F 79 -57.57 5.35 21.16
N PHE F 80 -56.56 4.99 20.35
CA PHE F 80 -56.01 3.63 20.34
C PHE F 80 -55.60 3.14 21.74
N SER F 81 -54.74 3.92 22.39
CA SER F 81 -54.37 3.65 23.78
C SER F 81 -53.59 2.34 23.93
N TYR F 82 -52.54 2.18 23.12
CA TYR F 82 -51.71 0.98 23.17
C TYR F 82 -50.75 1.03 24.36
N TRP F 83 -50.58 2.22 24.92
CA TRP F 83 -49.65 2.43 26.01
C TRP F 83 -50.20 2.05 27.39
N ALA F 84 -51.51 1.90 27.50
CA ALA F 84 -52.15 1.58 28.78
C ALA F 84 -52.01 0.10 29.13
N LYS F 85 -52.52 -0.28 30.30
CA LYS F 85 -52.54 -1.68 30.69
C LYS F 85 -53.50 -2.39 29.76
N PRO F 86 -53.13 -3.58 29.29
CA PRO F 86 -53.94 -4.32 28.32
C PRO F 86 -55.45 -4.16 28.57
N GLU F 87 -55.90 -4.59 29.74
CA GLU F 87 -57.32 -4.52 30.10
C GLU F 87 -57.88 -3.11 30.02
N ASP F 88 -57.22 -2.16 30.67
CA ASP F 88 -57.67 -0.78 30.63
C ASP F 88 -57.71 -0.21 29.20
N THR F 89 -57.29 -1.02 28.23
CA THR F 89 -57.42 -0.64 26.82
C THR F 89 -58.50 -1.47 26.12
N LEU F 90 -58.54 -2.78 26.39
CA LEU F 90 -59.61 -3.65 25.89
C LEU F 90 -60.98 -3.16 26.34
N ASN F 91 -61.05 -2.75 27.60
CA ASN F 91 -62.26 -2.16 28.15
C ASN F 91 -62.73 -1.02 27.26
N LEU F 92 -61.98 0.08 27.25
CA LEU F 92 -62.23 1.21 26.33
C LEU F 92 -62.53 0.83 24.87
N CYS F 93 -62.06 -0.32 24.41
CA CYS F 93 -62.29 -0.73 23.01
C CYS F 93 -63.71 -1.25 22.83
N GLN F 94 -64.18 -1.96 23.85
CA GLN F 94 -65.55 -2.43 23.89
C GLN F 94 -66.53 -1.27 23.97
N LEU F 95 -66.28 -0.35 24.88
CA LEU F 95 -67.04 0.90 24.95
C LEU F 95 -67.16 1.59 23.60
N LEU F 96 -66.07 1.67 22.85
CA LEU F 96 -66.06 2.36 21.56
C LEU F 96 -66.58 1.51 20.40
N ASN F 97 -66.34 0.21 20.45
CA ASN F 97 -66.90 -0.68 19.44
C ASN F 97 -68.44 -0.74 19.55
N ASN F 98 -68.94 -0.58 20.78
CA ASN F 98 -70.37 -0.61 21.04
C ASN F 98 -71.05 0.70 20.62
N ASP F 99 -70.47 1.81 21.02
CA ASP F 99 -70.95 3.09 20.52
C ASP F 99 -70.72 3.22 19.01
N LEU F 100 -70.17 2.17 18.41
CA LEU F 100 -70.02 2.11 16.95
C LEU F 100 -71.14 1.23 16.39
N ALA F 101 -71.30 0.04 16.94
CA ALA F 101 -72.47 -0.77 16.61
C ALA F 101 -73.71 0.13 16.68
N SER F 102 -73.99 0.64 17.87
CA SER F 102 -75.10 1.56 18.09
C SER F 102 -75.43 2.39 16.85
N THR F 103 -74.44 3.09 16.33
CA THR F 103 -74.64 4.03 15.24
C THR F 103 -74.98 3.40 13.89
N VAL F 104 -74.41 2.24 13.61
CA VAL F 104 -74.73 1.56 12.36
C VAL F 104 -76.16 1.02 12.40
N VAL F 105 -76.58 0.49 13.55
CA VAL F 105 -77.96 0.10 13.72
C VAL F 105 -78.92 1.25 13.38
N SER F 106 -78.56 2.47 13.76
CA SER F 106 -79.38 3.63 13.47
C SER F 106 -79.44 4.00 12.00
N TYR F 107 -78.46 3.57 11.21
CA TYR F 107 -78.47 3.85 9.78
C TYR F 107 -77.73 2.75 9.01
N PRO F 108 -78.31 1.55 8.99
CA PRO F 108 -77.69 0.33 8.47
C PRO F 108 -77.31 0.37 6.99
N ARG F 109 -77.78 1.38 6.25
CA ARG F 109 -77.31 1.50 4.87
C ARG F 109 -76.57 2.82 4.60
N ARG F 110 -76.01 3.40 5.65
CA ARG F 110 -75.18 4.59 5.51
C ARG F 110 -73.86 4.43 6.26
N PHE F 111 -73.77 3.40 7.09
CA PHE F 111 -72.63 3.22 7.98
C PHE F 111 -72.14 1.79 8.04
N VAL F 112 -70.83 1.65 8.22
CA VAL F 112 -70.23 0.39 8.61
C VAL F 112 -69.12 0.72 9.59
N GLY F 113 -68.91 -0.15 10.56
CA GLY F 113 -67.91 0.10 11.57
C GLY F 113 -66.59 -0.58 11.25
N LEU F 114 -65.49 0.11 11.56
CA LEU F 114 -64.18 -0.52 11.63
C LEU F 114 -63.78 -0.38 13.09
N GLY F 115 -63.81 -1.49 13.81
CA GLY F 115 -63.53 -1.50 15.24
C GLY F 115 -62.06 -1.28 15.62
N THR F 116 -61.83 -0.88 16.86
CA THR F 116 -60.49 -0.72 17.39
C THR F 116 -60.19 -1.90 18.31
N LEU F 117 -58.91 -2.14 18.62
CA LEU F 117 -58.52 -3.32 19.39
C LEU F 117 -57.35 -2.99 20.32
N PRO F 118 -57.17 -3.79 21.39
CA PRO F 118 -56.11 -3.60 22.39
C PRO F 118 -54.81 -4.22 21.90
N MET F 119 -54.20 -3.58 20.90
CA MET F 119 -53.13 -4.21 20.13
C MET F 119 -51.93 -4.69 20.95
N GLN F 120 -51.58 -3.97 22.00
CA GLN F 120 -50.44 -4.36 22.83
C GLN F 120 -50.70 -5.65 23.60
N ALA F 121 -51.73 -6.40 23.20
CA ALA F 121 -52.05 -7.67 23.84
C ALA F 121 -52.70 -8.66 22.88
N PRO F 122 -51.89 -9.21 21.96
CA PRO F 122 -52.32 -10.05 20.83
C PRO F 122 -53.55 -10.90 21.09
N GLU F 123 -53.64 -11.53 22.25
CA GLU F 123 -54.72 -12.48 22.51
C GLU F 123 -56.05 -11.82 22.89
N LEU F 124 -56.00 -10.82 23.76
CA LEU F 124 -57.16 -10.00 24.06
C LEU F 124 -57.71 -9.47 22.74
N ALA F 125 -56.83 -8.83 21.98
CA ALA F 125 -57.20 -8.20 20.72
C ALA F 125 -57.69 -9.22 19.70
N VAL F 126 -57.19 -10.45 19.79
CA VAL F 126 -57.71 -11.52 18.95
C VAL F 126 -59.19 -11.82 19.22
N LYS F 127 -59.59 -11.79 20.49
CA LYS F 127 -60.97 -12.06 20.88
C LYS F 127 -61.88 -10.89 20.53
N GLU F 128 -61.52 -9.69 20.96
CA GLU F 128 -62.26 -8.49 20.59
C GLU F 128 -62.41 -8.42 19.07
N MET F 129 -61.50 -9.07 18.36
CA MET F 129 -61.64 -9.23 16.92
C MET F 129 -62.84 -10.12 16.64
N GLU F 130 -62.86 -11.31 17.26
CA GLU F 130 -63.96 -12.25 17.13
C GLU F 130 -65.31 -11.58 17.34
N ARG F 131 -65.49 -10.95 18.50
CA ARG F 131 -66.69 -10.12 18.74
C ARG F 131 -67.10 -9.34 17.49
N CYS F 132 -66.43 -8.21 17.25
CA CYS F 132 -66.73 -7.31 16.14
C CYS F 132 -67.24 -7.96 14.85
N VAL F 133 -66.76 -9.15 14.54
CA VAL F 133 -67.14 -9.79 13.29
C VAL F 133 -68.43 -10.59 13.43
N LYS F 134 -68.51 -11.34 14.53
CA LYS F 134 -69.56 -12.32 14.76
C LYS F 134 -70.80 -11.72 15.42
N GLU F 135 -70.58 -10.83 16.39
CA GLU F 135 -71.68 -10.23 17.15
C GLU F 135 -72.09 -8.84 16.67
N LEU F 136 -71.10 -7.98 16.38
CA LEU F 136 -71.35 -6.59 15.97
C LEU F 136 -71.50 -6.38 14.44
N GLY F 137 -71.14 -7.37 13.64
CA GLY F 137 -71.23 -7.24 12.19
C GLY F 137 -70.16 -6.40 11.48
N PHE F 138 -69.19 -5.89 12.23
CA PHE F 138 -68.05 -5.18 11.62
C PHE F 138 -67.39 -6.01 10.53
N PRO F 139 -67.14 -5.38 9.36
CA PRO F 139 -66.40 -5.98 8.25
C PRO F 139 -64.86 -5.79 8.33
N GLY F 140 -64.38 -4.99 9.27
CA GLY F 140 -62.96 -4.79 9.48
C GLY F 140 -62.59 -4.13 10.82
N VAL F 141 -61.34 -3.71 10.92
CA VAL F 141 -60.84 -2.97 12.10
C VAL F 141 -59.74 -1.99 11.74
N GLN F 142 -59.75 -0.83 12.39
CA GLN F 142 -58.73 0.19 12.24
C GLN F 142 -57.62 -0.01 13.28
N ILE F 143 -56.37 0.04 12.85
CA ILE F 143 -55.24 -0.12 13.77
C ILE F 143 -54.11 0.81 13.37
N GLY F 144 -53.14 1.00 14.27
CA GLY F 144 -52.11 1.99 14.05
C GLY F 144 -50.92 1.47 13.26
N THR F 145 -50.16 2.38 12.67
CA THR F 145 -48.97 2.03 11.89
C THR F 145 -47.90 1.36 12.75
N HIS F 146 -48.08 1.42 14.07
CA HIS F 146 -47.21 0.69 14.99
C HIS F 146 -47.80 0.53 16.40
N VAL F 147 -47.17 -0.30 17.21
CA VAL F 147 -47.65 -0.58 18.56
C VAL F 147 -46.53 -0.53 19.60
N ASN F 148 -46.31 0.64 20.19
CA ASN F 148 -45.23 0.81 21.15
C ASN F 148 -43.85 0.79 20.48
N GLU F 149 -43.15 -0.34 20.59
CA GLU F 149 -42.01 -0.58 19.73
C GLU F 149 -42.48 -1.47 18.61
N TRP F 150 -43.33 -2.43 18.95
CA TRP F 150 -43.82 -3.38 17.97
C TRP F 150 -44.11 -2.67 16.66
N ASP F 151 -43.52 -3.17 15.59
CA ASP F 151 -43.87 -2.72 14.26
C ASP F 151 -44.66 -3.86 13.63
N LEU F 152 -45.51 -3.53 12.66
CA LEU F 152 -46.44 -4.50 12.08
C LEU F 152 -45.82 -5.83 11.57
N ASN F 153 -44.54 -6.05 11.88
CA ASN F 153 -43.83 -7.27 11.50
C ASN F 153 -43.56 -8.19 12.69
N ALA F 154 -43.63 -7.62 13.89
CA ALA F 154 -43.35 -8.37 15.11
C ALA F 154 -44.11 -9.69 15.08
N GLN F 155 -43.47 -10.76 15.54
CA GLN F 155 -44.17 -12.04 15.60
C GLN F 155 -45.22 -12.10 16.72
N GLU F 156 -45.14 -11.17 17.66
CA GLU F 156 -46.14 -11.12 18.71
C GLU F 156 -47.50 -10.89 18.05
N LEU F 157 -47.48 -10.20 16.91
CA LEU F 157 -48.72 -9.82 16.22
C LEU F 157 -49.29 -10.89 15.28
N PHE F 158 -48.50 -11.92 14.95
CA PHE F 158 -48.93 -12.90 13.95
C PHE F 158 -50.27 -13.62 14.26
N PRO F 159 -50.57 -13.81 15.56
CA PRO F 159 -51.87 -14.42 15.89
C PRO F 159 -53.04 -13.54 15.49
N VAL F 160 -52.88 -12.23 15.66
CA VAL F 160 -53.91 -11.28 15.26
C VAL F 160 -54.21 -11.39 13.77
N TYR F 161 -53.17 -11.50 12.94
CA TYR F 161 -53.33 -11.58 11.47
C TYR F 161 -53.99 -12.88 11.05
N ALA F 162 -53.52 -13.99 11.59
CA ALA F 162 -54.12 -15.29 11.30
C ALA F 162 -55.62 -15.22 11.58
N ALA F 163 -55.96 -14.73 12.78
CA ALA F 163 -57.35 -14.52 13.16
C ALA F 163 -58.12 -13.67 12.14
N ALA F 164 -57.53 -12.55 11.72
CA ALA F 164 -58.18 -11.68 10.75
C ALA F 164 -58.35 -12.38 9.42
N GLU F 165 -57.42 -13.28 9.12
CA GLU F 165 -57.46 -14.00 7.86
C GLU F 165 -58.57 -15.04 7.85
N ARG F 166 -58.89 -15.58 9.02
CA ARG F 166 -60.06 -16.45 9.19
C ARG F 166 -61.37 -15.66 9.17
N LEU F 167 -61.54 -14.81 10.18
CA LEU F 167 -62.77 -14.06 10.38
C LEU F 167 -63.10 -13.25 9.14
N LYS F 168 -62.20 -13.23 8.17
CA LYS F 168 -62.39 -12.46 6.94
C LYS F 168 -62.58 -10.97 7.26
N CYS F 169 -61.71 -10.47 8.13
CA CYS F 169 -61.77 -9.13 8.71
C CYS F 169 -60.66 -8.25 8.12
N SER F 170 -61.04 -7.26 7.31
CA SER F 170 -60.07 -6.32 6.73
C SER F 170 -59.34 -5.46 7.78
N LEU F 171 -58.10 -5.03 7.49
CA LEU F 171 -57.40 -4.07 8.36
C LEU F 171 -57.14 -2.75 7.66
N PHE F 172 -57.60 -1.65 8.25
CA PHE F 172 -57.27 -0.31 7.78
C PHE F 172 -56.16 0.16 8.70
N VAL F 173 -54.94 0.24 8.17
CA VAL F 173 -53.83 0.73 8.98
C VAL F 173 -53.74 2.25 8.89
N HIS F 174 -53.74 2.91 10.04
CA HIS F 174 -53.77 4.36 10.09
C HIS F 174 -52.59 4.92 10.87
N PRO F 175 -51.94 5.95 10.32
CA PRO F 175 -50.77 6.51 11.02
C PRO F 175 -51.17 7.04 12.39
N TRP F 176 -50.17 7.36 13.22
CA TRP F 176 -50.39 7.95 14.53
C TRP F 176 -49.15 7.80 15.42
N ASP F 177 -49.06 8.64 16.43
CA ASP F 177 -48.00 8.57 17.41
C ASP F 177 -46.68 9.03 16.79
N MET F 178 -46.79 9.90 15.78
CA MET F 178 -45.65 10.55 15.18
C MET F 178 -44.83 11.26 16.27
N GLN F 179 -43.64 11.75 15.93
CA GLN F 179 -42.85 12.56 16.88
C GLN F 179 -43.47 13.96 16.98
N MET F 180 -43.60 14.45 18.21
CA MET F 180 -44.18 15.76 18.44
C MET F 180 -43.11 16.77 18.80
N ASP F 181 -42.17 16.35 19.63
CA ASP F 181 -41.15 17.24 20.17
C ASP F 181 -39.97 17.45 19.22
N GLY F 182 -38.89 18.01 19.75
CA GLY F 182 -37.67 18.16 18.99
C GLY F 182 -37.83 19.03 17.76
N ARG F 183 -37.44 18.49 16.60
CA ARG F 183 -37.43 19.26 15.36
C ARG F 183 -38.77 19.30 14.62
N MET F 184 -39.73 18.48 15.07
CA MET F 184 -41.02 18.41 14.38
C MET F 184 -42.07 19.36 14.96
N ALA F 185 -41.71 20.09 16.00
CA ALA F 185 -42.68 20.94 16.69
C ALA F 185 -42.86 22.28 15.98
N LYS F 186 -43.03 22.24 14.66
CA LYS F 186 -43.11 23.44 13.85
C LYS F 186 -43.68 23.09 12.49
N TYR F 187 -44.40 24.03 11.88
CA TYR F 187 -44.96 23.82 10.55
C TYR F 187 -45.83 22.55 10.43
N TRP F 188 -46.39 22.08 11.54
CA TRP F 188 -47.32 20.95 11.52
C TRP F 188 -46.66 19.65 11.00
N LEU F 189 -45.37 19.72 10.70
CA LEU F 189 -44.60 18.60 10.15
C LEU F 189 -45.01 17.18 10.63
N PRO F 190 -45.42 17.03 11.89
CA PRO F 190 -45.86 15.72 12.38
C PRO F 190 -47.03 15.16 11.57
N TRP F 191 -47.89 16.03 11.06
CA TRP F 191 -49.00 15.61 10.23
C TRP F 191 -48.64 15.70 8.76
N LEU F 192 -47.91 16.73 8.39
CA LEU F 192 -47.56 16.90 7.00
C LEU F 192 -46.46 15.92 6.56
N VAL F 193 -45.68 15.41 7.52
CA VAL F 193 -44.52 14.58 7.17
C VAL F 193 -44.38 13.27 7.97
N GLY F 194 -44.45 13.36 9.29
CA GLY F 194 -44.29 12.20 10.13
C GLY F 194 -45.40 11.19 9.92
N MET F 195 -46.60 11.67 9.57
CA MET F 195 -47.71 10.76 9.25
C MET F 195 -47.47 9.99 7.97
N PRO F 196 -47.19 10.70 6.86
CA PRO F 196 -46.86 9.96 5.63
C PRO F 196 -45.64 9.05 5.80
N ALA F 197 -44.76 9.33 6.77
CA ALA F 197 -43.57 8.47 6.96
C ALA F 197 -43.90 7.22 7.76
N GLU F 198 -44.67 7.39 8.83
CA GLU F 198 -45.20 6.28 9.63
C GLU F 198 -45.97 5.20 8.83
N THR F 199 -46.62 5.60 7.75
CA THR F 199 -47.35 4.66 6.89
C THR F 199 -46.34 3.92 6.01
N THR F 200 -45.45 4.68 5.40
CA THR F 200 -44.38 4.10 4.60
C THR F 200 -43.66 3.06 5.44
N ILE F 201 -43.38 3.38 6.70
CA ILE F 201 -42.72 2.45 7.62
C ILE F 201 -43.52 1.16 7.86
N ALA F 202 -44.84 1.27 7.94
CA ALA F 202 -45.70 0.12 8.22
C ALA F 202 -45.86 -0.78 7.01
N ILE F 203 -45.92 -0.20 5.82
CA ILE F 203 -45.97 -0.96 4.58
C ILE F 203 -44.66 -1.73 4.38
N CYS F 204 -43.52 -1.08 4.64
CA CYS F 204 -42.24 -1.77 4.57
C CYS F 204 -42.22 -2.88 5.58
N SER F 205 -42.49 -2.53 6.83
CA SER F 205 -42.42 -3.53 7.88
C SER F 205 -43.19 -4.78 7.49
N MET F 206 -44.31 -4.58 6.78
CA MET F 206 -45.22 -5.68 6.48
C MET F 206 -44.72 -6.52 5.31
N ILE F 207 -44.12 -5.86 4.33
CA ILE F 207 -43.54 -6.55 3.19
C ILE F 207 -42.29 -7.34 3.62
N MET F 208 -41.33 -6.66 4.24
CA MET F 208 -40.14 -7.35 4.74
C MET F 208 -40.41 -8.12 6.05
N GLY F 209 -41.66 -8.14 6.48
CA GLY F 209 -42.04 -8.95 7.62
C GLY F 209 -42.46 -10.29 7.08
N GLY F 210 -42.88 -10.30 5.82
CA GLY F 210 -43.43 -11.51 5.22
C GLY F 210 -44.85 -11.74 5.66
N VAL F 211 -45.43 -10.71 6.28
CA VAL F 211 -46.80 -10.76 6.73
C VAL F 211 -47.72 -11.09 5.58
N PHE F 212 -47.60 -10.37 4.47
CA PHE F 212 -48.41 -10.65 3.29
C PHE F 212 -48.14 -12.01 2.70
N GLU F 213 -46.98 -12.57 3.02
CA GLU F 213 -46.53 -13.80 2.38
C GLU F 213 -46.99 -15.00 3.20
N LYS F 214 -47.00 -14.83 4.53
CA LYS F 214 -47.53 -15.85 5.42
C LYS F 214 -49.04 -15.79 5.50
N PHE F 215 -49.62 -14.69 4.99
CA PHE F 215 -51.06 -14.50 5.02
C PHE F 215 -51.56 -13.91 3.70
N PRO F 216 -51.49 -14.69 2.64
CA PRO F 216 -51.93 -14.31 1.29
C PRO F 216 -53.34 -13.72 1.24
N LYS F 217 -54.21 -14.06 2.20
CA LYS F 217 -55.62 -13.67 2.16
C LYS F 217 -56.01 -12.51 3.08
N LEU F 218 -55.01 -11.91 3.74
CA LEU F 218 -55.19 -10.72 4.56
C LEU F 218 -55.46 -9.47 3.70
N LYS F 219 -56.63 -8.85 3.89
CA LYS F 219 -56.95 -7.63 3.18
C LYS F 219 -56.57 -6.42 4.02
N VAL F 220 -55.50 -5.74 3.62
CA VAL F 220 -55.00 -4.59 4.35
C VAL F 220 -55.11 -3.36 3.49
N CYS F 221 -55.39 -2.24 4.13
CA CYS F 221 -55.45 -0.98 3.46
C CYS F 221 -54.77 0.08 4.30
N PHE F 222 -53.98 0.94 3.65
CA PHE F 222 -53.26 2.01 4.31
C PHE F 222 -53.88 3.40 4.08
N ALA F 223 -53.66 4.31 5.02
CA ALA F 223 -54.09 5.71 4.93
C ALA F 223 -53.29 6.55 3.93
N HIS F 224 -53.82 7.71 3.57
CA HIS F 224 -53.12 8.70 2.74
C HIS F 224 -52.23 8.10 1.65
N GLY F 225 -52.86 7.48 0.67
CA GLY F 225 -52.15 6.96 -0.50
C GLY F 225 -50.90 6.16 -0.22
N GLY F 226 -50.75 5.68 1.01
CA GLY F 226 -49.64 4.84 1.36
C GLY F 226 -48.43 5.67 1.76
N GLY F 227 -48.67 6.95 2.04
CA GLY F 227 -47.62 7.85 2.46
C GLY F 227 -46.69 8.23 1.33
N ALA F 228 -45.46 7.73 1.41
CA ALA F 228 -44.46 8.07 0.42
C ALA F 228 -44.30 6.89 -0.51
N PHE F 229 -44.78 5.74 -0.05
CA PHE F 229 -44.48 4.50 -0.72
C PHE F 229 -44.54 4.56 -2.25
N PRO F 230 -45.66 5.00 -2.82
CA PRO F 230 -45.80 5.02 -4.29
C PRO F 230 -44.65 5.73 -5.01
N PHE F 231 -44.07 6.71 -4.37
CA PHE F 231 -43.02 7.48 -5.01
C PHE F 231 -41.66 6.83 -4.77
N THR F 232 -41.47 6.33 -3.54
CA THR F 232 -40.19 5.82 -3.08
C THR F 232 -40.05 4.30 -3.16
N VAL F 233 -40.99 3.63 -3.80
CA VAL F 233 -40.98 2.17 -3.86
C VAL F 233 -39.76 1.68 -4.62
N GLY F 234 -39.38 2.42 -5.65
CA GLY F 234 -38.18 2.11 -6.37
C GLY F 234 -37.01 2.06 -5.41
N ARG F 235 -36.84 3.14 -4.65
CA ARG F 235 -35.68 3.24 -3.76
C ARG F 235 -35.63 2.04 -2.84
N ILE F 236 -36.75 1.76 -2.19
CA ILE F 236 -36.86 0.62 -1.30
C ILE F 236 -36.59 -0.70 -2.05
N SER F 237 -37.16 -0.83 -3.25
CA SER F 237 -36.96 -2.06 -4.01
C SER F 237 -35.50 -2.27 -4.34
N HIS F 238 -34.84 -1.19 -4.77
CA HIS F 238 -33.43 -1.28 -5.17
C HIS F 238 -32.55 -1.51 -3.94
N GLY F 239 -32.93 -0.90 -2.83
CA GLY F 239 -32.19 -1.08 -1.60
C GLY F 239 -32.23 -2.51 -1.13
N PHE F 240 -33.37 -3.15 -1.37
CA PHE F 240 -33.59 -4.53 -0.94
C PHE F 240 -32.81 -5.53 -1.81
N SER F 241 -32.66 -5.19 -3.09
CA SER F 241 -31.78 -5.94 -3.98
C SER F 241 -30.33 -5.86 -3.51
N MET F 242 -29.85 -4.65 -3.20
CA MET F 242 -28.45 -4.40 -2.89
C MET F 242 -27.99 -4.86 -1.49
N ARG F 243 -28.87 -4.81 -0.51
CA ARG F 243 -28.49 -5.21 0.84
C ARG F 243 -29.43 -6.27 1.41
N PRO F 244 -29.35 -7.50 0.88
CA PRO F 244 -30.20 -8.56 1.43
C PRO F 244 -29.75 -8.98 2.83
N ASP F 245 -28.55 -8.57 3.25
CA ASP F 245 -28.16 -8.80 4.65
C ASP F 245 -29.02 -7.97 5.64
N LEU F 246 -29.27 -6.70 5.32
CA LEU F 246 -30.10 -5.85 6.17
C LEU F 246 -31.60 -5.99 5.90
N CYS F 247 -31.97 -6.41 4.69
CA CYS F 247 -33.38 -6.29 4.27
C CYS F 247 -34.20 -7.58 4.11
N ALA F 248 -33.54 -8.69 3.79
CA ALA F 248 -34.26 -9.88 3.31
C ALA F 248 -34.16 -11.09 4.22
N GLN F 249 -33.74 -10.90 5.47
CA GLN F 249 -33.57 -12.02 6.38
C GLN F 249 -34.90 -12.60 6.88
N ASP F 250 -35.99 -11.86 6.69
CA ASP F 250 -37.30 -12.26 7.21
C ASP F 250 -38.30 -12.60 6.09
N ASN F 251 -38.06 -12.05 4.90
CA ASN F 251 -38.84 -12.41 3.71
C ASN F 251 -38.16 -11.97 2.43
N PRO F 252 -37.90 -12.90 1.52
CA PRO F 252 -36.90 -12.73 0.46
C PRO F 252 -37.41 -12.14 -0.86
N MET F 253 -38.71 -12.10 -1.07
CA MET F 253 -39.30 -11.51 -2.27
C MET F 253 -39.12 -10.00 -2.26
N ASN F 254 -38.59 -9.46 -3.35
CA ASN F 254 -38.44 -8.02 -3.49
C ASN F 254 -39.79 -7.35 -3.29
N PRO F 255 -39.82 -6.25 -2.51
CA PRO F 255 -41.04 -5.47 -2.26
C PRO F 255 -41.84 -5.11 -3.52
N LYS F 256 -41.17 -4.90 -4.65
CA LYS F 256 -41.85 -4.60 -5.91
C LYS F 256 -42.88 -5.66 -6.33
N LYS F 257 -42.72 -6.88 -5.82
CA LYS F 257 -43.61 -7.97 -6.18
C LYS F 257 -44.90 -7.98 -5.33
N TYR F 258 -45.04 -7.02 -4.42
CA TYR F 258 -46.31 -6.94 -3.67
C TYR F 258 -47.24 -5.83 -4.20
N LEU F 259 -46.72 -5.01 -5.10
CA LEU F 259 -47.54 -4.04 -5.82
C LEU F 259 -48.80 -4.74 -6.38
N GLY F 260 -49.92 -4.54 -5.69
CA GLY F 260 -51.12 -5.26 -6.03
C GLY F 260 -51.63 -6.09 -4.86
N SER F 261 -50.86 -6.18 -3.77
CA SER F 261 -51.27 -7.03 -2.64
C SER F 261 -52.07 -6.32 -1.52
N PHE F 262 -52.08 -4.99 -1.54
CA PHE F 262 -52.80 -4.24 -0.52
C PHE F 262 -53.49 -3.05 -1.14
N TYR F 263 -54.46 -2.48 -0.44
CA TYR F 263 -55.11 -1.27 -0.93
C TYR F 263 -54.50 -0.06 -0.23
N THR F 264 -54.79 1.13 -0.75
CA THR F 264 -54.62 2.37 -0.01
C THR F 264 -55.85 3.23 -0.25
N ASP F 265 -56.07 4.22 0.61
CA ASP F 265 -57.11 5.19 0.32
C ASP F 265 -56.61 6.14 -0.76
N ALA F 266 -57.43 7.10 -1.18
CA ALA F 266 -56.99 7.95 -2.28
C ALA F 266 -56.63 9.39 -1.86
N LEU F 267 -56.54 9.62 -0.55
CA LEU F 267 -56.32 10.95 0.01
C LEU F 267 -54.96 11.58 -0.32
N VAL F 268 -54.72 11.91 -1.58
CA VAL F 268 -53.43 12.49 -1.97
C VAL F 268 -53.55 13.91 -2.54
N HIS F 269 -54.77 14.44 -2.55
CA HIS F 269 -54.99 15.86 -2.83
C HIS F 269 -54.64 16.34 -4.25
N ASP F 270 -53.68 15.70 -4.91
CA ASP F 270 -53.29 16.17 -6.24
C ASP F 270 -53.57 15.13 -7.31
N PRO F 271 -54.00 15.58 -8.50
CA PRO F 271 -54.26 14.65 -9.61
C PRO F 271 -52.98 13.96 -10.09
N LEU F 272 -51.84 14.61 -9.95
CA LEU F 272 -50.60 13.95 -10.39
C LEU F 272 -50.27 12.86 -9.40
N SER F 273 -50.48 13.13 -8.12
CA SER F 273 -50.28 12.10 -7.10
C SER F 273 -51.28 10.95 -7.25
N LEU F 274 -52.56 11.26 -7.46
CA LEU F 274 -53.56 10.22 -7.66
C LEU F 274 -53.24 9.30 -8.85
N LYS F 275 -52.76 9.90 -9.94
CA LYS F 275 -52.48 9.14 -11.15
C LYS F 275 -51.27 8.21 -10.97
N LEU F 276 -50.24 8.66 -10.26
CA LEU F 276 -49.09 7.81 -9.98
C LEU F 276 -49.53 6.60 -9.17
N LEU F 277 -50.29 6.87 -8.11
CA LEU F 277 -50.85 5.87 -7.21
C LEU F 277 -51.60 4.74 -7.91
N THR F 278 -52.50 5.08 -8.81
CA THR F 278 -53.22 4.02 -9.50
C THR F 278 -52.28 3.25 -10.43
N ASP F 279 -51.20 3.91 -10.85
CA ASP F 279 -50.21 3.24 -11.71
C ASP F 279 -49.29 2.32 -10.93
N VAL F 280 -49.05 2.64 -9.66
CA VAL F 280 -48.20 1.79 -8.82
C VAL F 280 -48.98 0.77 -8.00
N ILE F 281 -50.05 1.22 -7.35
CA ILE F 281 -50.89 0.36 -6.52
C ILE F 281 -51.92 -0.39 -7.36
N GLY F 282 -52.52 0.30 -8.32
CA GLY F 282 -53.46 -0.30 -9.25
C GLY F 282 -54.88 0.24 -9.18
N LYS F 283 -55.57 0.29 -10.31
CA LYS F 283 -56.95 0.73 -10.32
C LYS F 283 -57.83 -0.11 -9.38
N ASP F 284 -57.60 -1.41 -9.32
CA ASP F 284 -58.42 -2.28 -8.47
C ASP F 284 -58.20 -2.00 -7.00
N LYS F 285 -57.15 -1.28 -6.66
CA LYS F 285 -56.66 -1.26 -5.29
C LYS F 285 -56.62 0.11 -4.63
N VAL F 286 -57.23 1.12 -5.24
CA VAL F 286 -57.29 2.45 -4.63
C VAL F 286 -58.71 2.79 -4.23
N ILE F 287 -58.92 3.10 -2.94
CA ILE F 287 -60.25 3.34 -2.34
C ILE F 287 -60.47 4.77 -1.85
N LEU F 288 -61.42 5.49 -2.45
CA LEU F 288 -61.78 6.82 -1.96
C LEU F 288 -61.93 6.87 -0.43
N GLY F 289 -61.43 7.95 0.15
CA GLY F 289 -61.40 8.13 1.60
C GLY F 289 -61.12 9.58 1.87
N THR F 290 -61.77 10.14 2.88
CA THR F 290 -61.89 11.60 3.00
C THR F 290 -61.23 12.19 4.24
N ASP F 291 -61.15 11.37 5.28
CA ASP F 291 -60.69 11.76 6.62
C ASP F 291 -61.70 12.66 7.35
N TYR F 292 -62.89 12.75 6.77
CA TYR F 292 -64.03 13.38 7.42
C TYR F 292 -64.02 13.11 8.93
N PRO F 293 -64.22 14.16 9.75
CA PRO F 293 -64.54 15.54 9.40
C PRO F 293 -63.37 16.48 9.64
N PHE F 294 -62.16 16.04 9.36
CA PHE F 294 -60.97 16.80 9.73
C PHE F 294 -60.54 17.73 8.61
N PRO F 295 -59.94 18.87 8.98
CA PRO F 295 -59.50 19.88 8.01
C PRO F 295 -58.45 19.40 6.98
N LEU F 296 -57.55 18.49 7.35
CA LEU F 296 -56.56 17.97 6.39
C LEU F 296 -57.15 16.98 5.36
N GLY F 297 -58.44 16.67 5.49
CA GLY F 297 -59.13 15.77 4.56
C GLY F 297 -59.55 16.43 3.26
N GLU F 298 -60.23 15.68 2.39
CA GLU F 298 -60.74 16.25 1.14
C GLU F 298 -62.07 16.95 1.44
N LEU F 299 -62.11 18.26 1.23
CA LEU F 299 -63.28 19.02 1.62
C LEU F 299 -64.49 18.61 0.77
N GLU F 300 -64.24 18.38 -0.52
CA GLU F 300 -65.29 17.95 -1.45
C GLU F 300 -65.16 16.48 -1.87
N PRO F 301 -65.63 15.56 -1.02
CA PRO F 301 -65.53 14.11 -1.26
C PRO F 301 -65.60 13.72 -2.74
N GLY F 302 -64.75 12.81 -3.17
CA GLY F 302 -64.80 12.29 -4.52
C GLY F 302 -64.37 13.23 -5.65
N LYS F 303 -64.16 14.49 -5.35
CA LYS F 303 -63.96 15.50 -6.38
C LYS F 303 -62.71 15.32 -7.26
N LEU F 304 -61.55 15.12 -6.63
CA LEU F 304 -60.32 14.94 -7.39
C LEU F 304 -60.53 13.78 -8.33
N ILE F 305 -61.11 12.72 -7.80
CA ILE F 305 -61.40 11.53 -8.58
C ILE F 305 -62.27 11.82 -9.80
N GLU F 306 -63.31 12.63 -9.64
CA GLU F 306 -64.24 12.88 -10.75
C GLU F 306 -63.65 13.81 -11.81
N SER F 307 -62.60 14.55 -11.43
CA SER F 307 -61.87 15.39 -12.38
C SER F 307 -60.87 14.58 -13.19
N MET F 308 -60.52 13.40 -12.69
CA MET F 308 -59.42 12.68 -13.30
C MET F 308 -59.73 12.43 -14.76
N GLU F 309 -59.31 13.36 -15.61
CA GLU F 309 -59.74 13.37 -17.00
C GLU F 309 -59.23 12.15 -17.74
N GLU F 310 -58.32 11.42 -17.10
CA GLU F 310 -57.67 10.26 -17.71
C GLU F 310 -58.21 8.93 -17.20
N PHE F 311 -59.36 8.99 -16.51
CA PHE F 311 -60.05 7.80 -16.04
C PHE F 311 -61.41 7.69 -16.72
N ASP F 312 -61.71 6.53 -17.29
CA ASP F 312 -63.06 6.30 -17.82
C ASP F 312 -64.06 6.22 -16.68
N GLU F 313 -65.31 6.60 -16.94
CA GLU F 313 -66.29 6.73 -15.85
C GLU F 313 -66.55 5.42 -15.12
N GLU F 314 -66.04 4.33 -15.68
CA GLU F 314 -66.08 3.04 -15.01
C GLU F 314 -64.95 2.91 -13.99
N THR F 315 -63.77 3.41 -14.38
CA THR F 315 -62.63 3.44 -13.47
C THR F 315 -62.91 4.36 -12.26
N LYS F 316 -63.57 5.50 -12.50
CA LYS F 316 -63.92 6.42 -11.41
C LYS F 316 -64.88 5.77 -10.43
N ASN F 317 -65.59 4.76 -10.89
CA ASN F 317 -66.54 4.05 -10.04
C ASN F 317 -65.85 3.07 -9.10
N LYS F 318 -64.85 2.36 -9.61
CA LYS F 318 -64.04 1.47 -8.78
C LYS F 318 -63.41 2.25 -7.64
N LEU F 319 -63.03 3.48 -7.90
CA LEU F 319 -62.37 4.29 -6.89
C LEU F 319 -63.36 4.84 -5.87
N LYS F 320 -64.58 5.18 -6.31
CA LYS F 320 -65.59 5.72 -5.41
C LYS F 320 -66.21 4.66 -4.50
N ALA F 321 -66.67 3.55 -5.09
CA ALA F 321 -67.39 2.52 -4.33
C ALA F 321 -66.92 1.09 -4.61
N GLY F 322 -66.65 0.80 -5.88
CA GLY F 322 -66.23 -0.53 -6.30
C GLY F 322 -65.17 -1.19 -5.43
N ASN F 323 -64.04 -0.52 -5.25
CA ASN F 323 -62.90 -1.08 -4.52
C ASN F 323 -63.16 -1.18 -3.02
N ALA F 324 -63.89 -0.22 -2.48
CA ALA F 324 -64.25 -0.24 -1.06
C ALA F 324 -65.07 -1.48 -0.70
N LEU F 325 -66.01 -1.86 -1.57
CA LEU F 325 -66.83 -3.07 -1.34
C LEU F 325 -65.98 -4.35 -1.36
N ALA F 326 -65.24 -4.54 -2.45
CA ALA F 326 -64.37 -5.71 -2.57
C ALA F 326 -63.48 -5.87 -1.34
N PHE F 327 -62.84 -4.79 -0.93
CA PHE F 327 -61.98 -4.78 0.25
C PHE F 327 -62.75 -5.17 1.54
N LEU F 328 -63.93 -4.61 1.76
CA LEU F 328 -64.70 -4.96 2.95
C LEU F 328 -65.53 -6.23 2.72
N GLY F 329 -65.49 -6.77 1.50
CA GLY F 329 -66.33 -7.89 1.15
C GLY F 329 -67.83 -7.61 1.32
N LEU F 330 -68.27 -6.44 0.85
CA LEU F 330 -69.66 -6.04 1.00
C LEU F 330 -70.41 -6.04 -0.32
N GLU F 331 -71.74 -6.00 -0.21
CA GLU F 331 -72.66 -6.18 -1.33
C GLU F 331 -73.22 -4.91 -1.95
N ARG F 332 -72.84 -4.69 -3.20
CA ARG F 332 -73.23 -3.51 -3.96
C ARG F 332 -74.76 -3.34 -3.99
ZN ZN G . -25.30 10.85 -1.46
N1 PDC H . -25.33 6.93 1.67
C2 PDC H . -25.85 7.00 0.42
C3 PDC H . -25.91 8.19 -0.31
C4 PDC H . -25.38 9.36 0.21
C5 PDC H . -24.83 9.28 1.49
C6 PDC H . -24.81 8.06 2.17
C7 PDC H . -26.49 5.75 -0.27
O1 PDC H . -25.86 4.67 -0.30
O2 PDC H . -27.64 5.94 -0.75
C8 PDC H . -24.23 8.01 3.54
O3 PDC H . -23.05 8.40 3.76
O4 PDC H . -25.02 7.55 4.40
ZN ZN I . 19.20 20.00 -6.21
N1 PDC J . 20.85 15.45 -5.67
C2 PDC J . 19.91 15.26 -6.60
C3 PDC J . 19.22 16.31 -7.16
C4 PDC J . 19.45 17.64 -6.81
C5 PDC J . 20.40 17.94 -5.85
C6 PDC J . 21.11 16.76 -5.26
C7 PDC J . 19.48 13.84 -7.11
O1 PDC J . 20.33 12.99 -7.46
O2 PDC J . 18.24 13.64 -7.12
C8 PDC J . 22.28 16.91 -4.13
O3 PDC J . 23.31 16.24 -4.27
O4 PDC J . 22.05 17.65 -3.14
ZN ZN K . 48.75 22.73 -22.90
N1 PDC L . 45.48 20.61 -26.84
C2 PDC L . 46.39 19.68 -26.39
C3 PDC L . 47.49 20.01 -25.65
C4 PDC L . 47.74 21.35 -25.31
C5 PDC L . 46.86 22.32 -25.73
C6 PDC L . 45.74 21.95 -26.50
C7 PDC L . 46.28 18.15 -26.66
O1 PDC L . 45.32 17.52 -26.13
O2 PDC L . 47.20 17.63 -27.36
C8 PDC L . 44.84 23.15 -26.91
O3 PDC L . 44.16 23.71 -26.01
O4 PDC L . 44.88 23.50 -28.13
ZN ZN M . -7.80 -32.62 18.30
N1 PDC N . -4.67 -33.72 21.45
C2 PDC N . -5.32 -34.87 21.83
C3 PDC N . -6.39 -35.36 21.14
C4 PDC N . -6.85 -34.68 20.02
C5 PDC N . -6.23 -33.50 19.59
C6 PDC N . -5.13 -33.04 20.33
C7 PDC N . -4.91 -35.72 23.09
O1 PDC N . -3.72 -35.64 23.51
O2 PDC N . -5.82 -36.42 23.62
C8 PDC N . -4.42 -31.72 19.84
O3 PDC N . -4.39 -31.50 18.60
O4 PDC N . -3.93 -30.95 20.74
ZN ZN O . 22.91 -31.41 3.52
N1 PDC P . 21.09 -36.59 1.73
C2 PDC P . 20.67 -35.50 0.96
C3 PDC P . 21.07 -34.20 1.29
C4 PDC P . 21.91 -33.99 2.40
C5 PDC P . 22.33 -35.08 3.17
C6 PDC P . 21.92 -36.34 2.82
C7 PDC P . 19.68 -35.65 -0.32
O1 PDC P . 18.46 -35.65 -0.08
O2 PDC P . 20.15 -35.74 -1.49
C8 PDC P . 22.43 -37.49 3.74
O3 PDC P . 23.65 -37.86 3.68
O4 PDC P . 21.56 -37.99 4.53
ZN ZN Q . -57.59 9.81 9.58
N1 PDC R . -55.51 13.34 12.45
C2 PDC R . -55.66 12.12 13.00
C3 PDC R . -55.93 10.98 12.25
C4 PDC R . -56.07 11.10 10.88
C5 PDC R . -55.93 12.31 10.30
C6 PDC R . -55.67 13.40 11.10
C7 PDC R . -55.49 11.90 14.48
O1 PDC R . -54.34 12.03 14.94
O2 PDC R . -56.51 11.59 15.13
C8 PDC R . -55.51 14.66 10.31
O3 PDC R . -56.23 15.68 10.54
O4 PDC R . -54.64 14.51 9.42
#